data_1VKB
# 
_entry.id   1VKB 
# 
_audit_conform.dict_name       mmcif_pdbx.dic 
_audit_conform.dict_version    5.398 
_audit_conform.dict_location   http://mmcif.pdb.org/dictionaries/ascii/mmcif_pdbx.dic 
# 
loop_
_database_2.database_id 
_database_2.database_code 
_database_2.pdbx_database_accession 
_database_2.pdbx_DOI 
PDB   1VKB         pdb_00001vkb 10.2210/pdb1vkb/pdb 
RCSB  RCSB001945   ?            ?                   
WWPDB D_1000001945 ?            ?                   
# 
loop_
_pdbx_audit_revision_history.ordinal 
_pdbx_audit_revision_history.data_content_type 
_pdbx_audit_revision_history.major_revision 
_pdbx_audit_revision_history.minor_revision 
_pdbx_audit_revision_history.revision_date 
1 'Structure model' 1 0 2004-05-18 
2 'Structure model' 1 1 2008-04-26 
3 'Structure model' 1 2 2011-07-13 
4 'Structure model' 1 3 2017-10-04 
5 'Structure model' 1 4 2023-01-25 
6 'Structure model' 1 5 2024-10-30 
# 
_pdbx_audit_revision_details.ordinal             1 
_pdbx_audit_revision_details.revision_ordinal    1 
_pdbx_audit_revision_details.data_content_type   'Structure model' 
_pdbx_audit_revision_details.provider            repository 
_pdbx_audit_revision_details.type                'Initial release' 
_pdbx_audit_revision_details.description         ? 
_pdbx_audit_revision_details.details             ? 
# 
loop_
_pdbx_audit_revision_group.ordinal 
_pdbx_audit_revision_group.revision_ordinal 
_pdbx_audit_revision_group.data_content_type 
_pdbx_audit_revision_group.group 
1 2 'Structure model' 'Version format compliance' 
2 3 'Structure model' Advisory                    
3 3 'Structure model' 'Version format compliance' 
4 4 'Structure model' 'Refinement description'    
5 5 'Structure model' 'Database references'       
6 5 'Structure model' 'Derived calculations'      
7 6 'Structure model' 'Data collection'           
8 6 'Structure model' 'Structure summary'         
# 
loop_
_pdbx_audit_revision_category.ordinal 
_pdbx_audit_revision_category.revision_ordinal 
_pdbx_audit_revision_category.data_content_type 
_pdbx_audit_revision_category.category 
1 4 'Structure model' software                  
2 5 'Structure model' database_2                
3 5 'Structure model' struct_ref_seq_dif        
4 5 'Structure model' struct_site               
5 6 'Structure model' chem_comp_atom            
6 6 'Structure model' chem_comp_bond            
7 6 'Structure model' pdbx_entry_details        
8 6 'Structure model' pdbx_modification_feature 
# 
loop_
_pdbx_audit_revision_item.ordinal 
_pdbx_audit_revision_item.revision_ordinal 
_pdbx_audit_revision_item.data_content_type 
_pdbx_audit_revision_item.item 
1 5 'Structure model' '_database_2.pdbx_DOI'                
2 5 'Structure model' '_database_2.pdbx_database_accession' 
3 5 'Structure model' '_struct_ref_seq_dif.details'         
4 5 'Structure model' '_struct_site.pdbx_auth_asym_id'      
5 5 'Structure model' '_struct_site.pdbx_auth_comp_id'      
6 5 'Structure model' '_struct_site.pdbx_auth_seq_id'       
# 
_pdbx_database_status.entry_id                        1VKB 
_pdbx_database_status.status_code                     REL 
_pdbx_database_status.deposit_site                    RCSB 
_pdbx_database_status.process_site                    RCSB 
_pdbx_database_status.recvd_initial_deposition_date   2004-05-07 
_pdbx_database_status.SG_entry                        Y 
_pdbx_database_status.status_code_sf                  REL 
_pdbx_database_status.status_code_cs                  ? 
_pdbx_database_status.pdb_format_compatible           Y 
_pdbx_database_status.status_code_mr                  ? 
_pdbx_database_status.methods_development_category    ? 
_pdbx_database_status.status_code_nmr_data            ? 
# 
_pdbx_database_related.db_name        TargetDB 
_pdbx_database_related.db_id          354528 
_pdbx_database_related.details        . 
_pdbx_database_related.content_type   unspecified 
# 
_audit_author.name           'Joint Center for Structural Genomics (JCSG)' 
_audit_author.pdbx_ordinal   1 
# 
_citation.id                        primary 
_citation.title                     
'Crystal structure of a conserved hypothetical protein (gi: 13879369) from Mouse at 1.90 A resolution reveals a new fold.' 
_citation.journal_abbrev            Proteins 
_citation.journal_volume            61 
_citation.page_first                1132 
_citation.page_last                 1136 
_citation.year                      2005 
_citation.journal_id_ASTM           PSFGEY 
_citation.country                   US 
_citation.journal_id_ISSN           0887-3585 
_citation.journal_id_CSD            0867 
_citation.book_publisher            ? 
_citation.pdbx_database_id_PubMed   16224779 
_citation.pdbx_database_id_DOI      10.1002/prot.20610 
# 
loop_
_citation_author.citation_id 
_citation_author.name 
_citation_author.ordinal 
_citation_author.identifier_ORCID 
primary 'Klock, H.E.'         1  ? 
primary 'Schwarzenbacher, R.' 2  ? 
primary 'Xu, Q.'              3  ? 
primary 'McMullan, D.'        4  ? 
primary 'Abdubek, P.'         5  ? 
primary 'Ambing, E.'          6  ? 
primary 'Axelrod, H.'         7  ? 
primary 'Biorac, T.'          8  ? 
primary 'Canaves, J.M.'       9  ? 
primary 'Chiu, H.J.'          10 ? 
primary 'Deacon, A.M.'        11 ? 
primary 'DiDonato, M.'        12 ? 
primary 'Elsliger, M.A.'      13 ? 
primary 'Godzik, A.'          14 ? 
primary 'Grittini, C.'        15 ? 
primary 'Grzechnik, S.K.'     16 ? 
primary 'Hale, J.'            17 ? 
primary 'Hampton, E.'         18 ? 
primary 'Han, G.W.'           19 ? 
primary 'Haugen, J.'          20 ? 
primary 'Hornsby, M.'         21 ? 
primary 'Jaroszewski, L.'     22 ? 
primary 'Koesema, E.'         23 ? 
primary 'Kreusch, A.'         24 ? 
primary 'Kuhn, P.'            25 ? 
primary 'Miller, M.D.'        26 ? 
primary 'Moy, K.'             27 ? 
primary 'Nigoghossian, E.'    28 ? 
primary 'Paulsen, J.'         29 ? 
primary 'Quijano, K.'         30 ? 
primary 'Reyes, R.'           31 ? 
primary 'Rife, C.'            32 ? 
primary 'Sims, E.'            33 ? 
primary 'Spraggon, G.'        34 ? 
primary 'Stevens, R.C.'       35 ? 
primary 'van den Bedem, H.'   36 ? 
primary 'Velasquez, J.'       37 ? 
primary 'Vincent, J.'         38 ? 
primary 'White, A.'           39 ? 
primary 'Wolf, G.'            40 ? 
primary 'Hodgson, K.O.'       41 ? 
primary 'Wooley, J.'          42 ? 
primary 'Lesley, S.A.'        43 ? 
primary 'Wilson, I.A.'        44 ? 
# 
loop_
_entity.id 
_entity.type 
_entity.src_method 
_entity.pdbx_description 
_entity.formula_weight 
_entity.pdbx_number_of_molecules 
_entity.pdbx_ec 
_entity.pdbx_mutation 
_entity.pdbx_fragment 
_entity.details 
1 polymer     man 'hypothetical protein' 18560.783 1   ? ? ? ? 
2 non-polymer syn 'FORMIC ACID'          46.025    3   ? ? ? ? 
3 water       nat water                  18.015    108 ? ? ? ? 
# 
_entity_poly.entity_id                      1 
_entity_poly.type                           'polypeptide(L)' 
_entity_poly.nstd_linkage                   no 
_entity_poly.nstd_monomer                   no 
_entity_poly.pdbx_seq_one_letter_code       
;MGSDKIHHHHHHMAHIFVYGTLKRGQPNHKVMLDHSHGLAAFRGRGCTVESFPLVIAGEHNIPWLLYLPGKGHCVTGEIY
EVDEQMLRFLDDFEDCPSMYQRTALQVQVLEWEGDGDPGDSVQCFVYTTATYAPEWLFLPYHESYDSEGPHGLRYNPREN
R
;
_entity_poly.pdbx_seq_one_letter_code_can   
;MGSDKIHHHHHHMAHIFVYGTLKRGQPNHKVMLDHSHGLAAFRGRGCTVESFPLVIAGEHNIPWLLYLPGKGHCVTGEIY
EVDEQMLRFLDDFEDCPSMYQRTALQVQVLEWEGDGDPGDSVQCFVYTTATYAPEWLFLPYHESYDSEGPHGLRYNPREN
R
;
_entity_poly.pdbx_strand_id                 A 
_entity_poly.pdbx_target_identifier         354528 
# 
loop_
_pdbx_entity_nonpoly.entity_id 
_pdbx_entity_nonpoly.name 
_pdbx_entity_nonpoly.comp_id 
2 'FORMIC ACID' FMT 
3 water         HOH 
# 
loop_
_entity_poly_seq.entity_id 
_entity_poly_seq.num 
_entity_poly_seq.mon_id 
_entity_poly_seq.hetero 
1 1   MET n 
1 2   GLY n 
1 3   SER n 
1 4   ASP n 
1 5   LYS n 
1 6   ILE n 
1 7   HIS n 
1 8   HIS n 
1 9   HIS n 
1 10  HIS n 
1 11  HIS n 
1 12  HIS n 
1 13  MET n 
1 14  ALA n 
1 15  HIS n 
1 16  ILE n 
1 17  PHE n 
1 18  VAL n 
1 19  TYR n 
1 20  GLY n 
1 21  THR n 
1 22  LEU n 
1 23  LYS n 
1 24  ARG n 
1 25  GLY n 
1 26  GLN n 
1 27  PRO n 
1 28  ASN n 
1 29  HIS n 
1 30  LYS n 
1 31  VAL n 
1 32  MET n 
1 33  LEU n 
1 34  ASP n 
1 35  HIS n 
1 36  SER n 
1 37  HIS n 
1 38  GLY n 
1 39  LEU n 
1 40  ALA n 
1 41  ALA n 
1 42  PHE n 
1 43  ARG n 
1 44  GLY n 
1 45  ARG n 
1 46  GLY n 
1 47  CYS n 
1 48  THR n 
1 49  VAL n 
1 50  GLU n 
1 51  SER n 
1 52  PHE n 
1 53  PRO n 
1 54  LEU n 
1 55  VAL n 
1 56  ILE n 
1 57  ALA n 
1 58  GLY n 
1 59  GLU n 
1 60  HIS n 
1 61  ASN n 
1 62  ILE n 
1 63  PRO n 
1 64  TRP n 
1 65  LEU n 
1 66  LEU n 
1 67  TYR n 
1 68  LEU n 
1 69  PRO n 
1 70  GLY n 
1 71  LYS n 
1 72  GLY n 
1 73  HIS n 
1 74  CYS n 
1 75  VAL n 
1 76  THR n 
1 77  GLY n 
1 78  GLU n 
1 79  ILE n 
1 80  TYR n 
1 81  GLU n 
1 82  VAL n 
1 83  ASP n 
1 84  GLU n 
1 85  GLN n 
1 86  MET n 
1 87  LEU n 
1 88  ARG n 
1 89  PHE n 
1 90  LEU n 
1 91  ASP n 
1 92  ASP n 
1 93  PHE n 
1 94  GLU n 
1 95  ASP n 
1 96  CYS n 
1 97  PRO n 
1 98  SER n 
1 99  MET n 
1 100 TYR n 
1 101 GLN n 
1 102 ARG n 
1 103 THR n 
1 104 ALA n 
1 105 LEU n 
1 106 GLN n 
1 107 VAL n 
1 108 GLN n 
1 109 VAL n 
1 110 LEU n 
1 111 GLU n 
1 112 TRP n 
1 113 GLU n 
1 114 GLY n 
1 115 ASP n 
1 116 GLY n 
1 117 ASP n 
1 118 PRO n 
1 119 GLY n 
1 120 ASP n 
1 121 SER n 
1 122 VAL n 
1 123 GLN n 
1 124 CYS n 
1 125 PHE n 
1 126 VAL n 
1 127 TYR n 
1 128 THR n 
1 129 THR n 
1 130 ALA n 
1 131 THR n 
1 132 TYR n 
1 133 ALA n 
1 134 PRO n 
1 135 GLU n 
1 136 TRP n 
1 137 LEU n 
1 138 PHE n 
1 139 LEU n 
1 140 PRO n 
1 141 TYR n 
1 142 HIS n 
1 143 GLU n 
1 144 SER n 
1 145 TYR n 
1 146 ASP n 
1 147 SER n 
1 148 GLU n 
1 149 GLY n 
1 150 PRO n 
1 151 HIS n 
1 152 GLY n 
1 153 LEU n 
1 154 ARG n 
1 155 TYR n 
1 156 ASN n 
1 157 PRO n 
1 158 ARG n 
1 159 GLU n 
1 160 ASN n 
1 161 ARG n 
# 
_entity_src_gen.entity_id                          1 
_entity_src_gen.pdbx_src_id                        1 
_entity_src_gen.pdbx_alt_source_flag               sample 
_entity_src_gen.pdbx_seq_type                      ? 
_entity_src_gen.pdbx_beg_seq_num                   ? 
_entity_src_gen.pdbx_end_seq_num                   ? 
_entity_src_gen.gene_src_common_name               'house mouse' 
_entity_src_gen.gene_src_genus                     Mus 
_entity_src_gen.pdbx_gene_src_gene                 ? 
_entity_src_gen.gene_src_species                   ? 
_entity_src_gen.gene_src_strain                    ? 
_entity_src_gen.gene_src_tissue                    ? 
_entity_src_gen.gene_src_tissue_fraction           ? 
_entity_src_gen.gene_src_details                   ? 
_entity_src_gen.pdbx_gene_src_fragment             ? 
_entity_src_gen.pdbx_gene_src_scientific_name      'Mus musculus' 
_entity_src_gen.pdbx_gene_src_ncbi_taxonomy_id     10090 
_entity_src_gen.pdbx_gene_src_variant              ? 
_entity_src_gen.pdbx_gene_src_cell_line            ? 
_entity_src_gen.pdbx_gene_src_atcc                 ? 
_entity_src_gen.pdbx_gene_src_organ                ? 
_entity_src_gen.pdbx_gene_src_organelle            ? 
_entity_src_gen.pdbx_gene_src_cell                 ? 
_entity_src_gen.pdbx_gene_src_cellular_location    ? 
_entity_src_gen.host_org_common_name               ? 
_entity_src_gen.pdbx_host_org_scientific_name      'Escherichia coli' 
_entity_src_gen.pdbx_host_org_ncbi_taxonomy_id     562 
_entity_src_gen.host_org_genus                     Escherichia 
_entity_src_gen.pdbx_host_org_gene                 ? 
_entity_src_gen.pdbx_host_org_organ                ? 
_entity_src_gen.host_org_species                   ? 
_entity_src_gen.pdbx_host_org_tissue               ? 
_entity_src_gen.pdbx_host_org_tissue_fraction      ? 
_entity_src_gen.pdbx_host_org_strain               ? 
_entity_src_gen.pdbx_host_org_variant              ? 
_entity_src_gen.pdbx_host_org_cell_line            ? 
_entity_src_gen.pdbx_host_org_atcc                 ? 
_entity_src_gen.pdbx_host_org_culture_collection   ? 
_entity_src_gen.pdbx_host_org_cell                 ? 
_entity_src_gen.pdbx_host_org_organelle            ? 
_entity_src_gen.pdbx_host_org_cellular_location    ? 
_entity_src_gen.pdbx_host_org_vector_type          Plasmid 
_entity_src_gen.pdbx_host_org_vector               ? 
_entity_src_gen.host_org_details                   ? 
_entity_src_gen.expression_system_id               ? 
_entity_src_gen.plasmid_name                       ? 
_entity_src_gen.plasmid_details                    ? 
_entity_src_gen.pdbx_description                   ? 
# 
loop_
_chem_comp.id 
_chem_comp.type 
_chem_comp.mon_nstd_flag 
_chem_comp.name 
_chem_comp.pdbx_synonyms 
_chem_comp.formula 
_chem_comp.formula_weight 
ALA 'L-peptide linking' y ALANINE         ? 'C3 H7 N O2'     89.093  
ARG 'L-peptide linking' y ARGININE        ? 'C6 H15 N4 O2 1' 175.209 
ASN 'L-peptide linking' y ASPARAGINE      ? 'C4 H8 N2 O3'    132.118 
ASP 'L-peptide linking' y 'ASPARTIC ACID' ? 'C4 H7 N O4'     133.103 
CYS 'L-peptide linking' y CYSTEINE        ? 'C3 H7 N O2 S'   121.158 
FMT non-polymer         . 'FORMIC ACID'   ? 'C H2 O2'        46.025  
GLN 'L-peptide linking' y GLUTAMINE       ? 'C5 H10 N2 O3'   146.144 
GLU 'L-peptide linking' y 'GLUTAMIC ACID' ? 'C5 H9 N O4'     147.129 
GLY 'peptide linking'   y GLYCINE         ? 'C2 H5 N O2'     75.067  
HIS 'L-peptide linking' y HISTIDINE       ? 'C6 H10 N3 O2 1' 156.162 
HOH non-polymer         . WATER           ? 'H2 O'           18.015  
ILE 'L-peptide linking' y ISOLEUCINE      ? 'C6 H13 N O2'    131.173 
LEU 'L-peptide linking' y LEUCINE         ? 'C6 H13 N O2'    131.173 
LYS 'L-peptide linking' y LYSINE          ? 'C6 H15 N2 O2 1' 147.195 
MET 'L-peptide linking' y METHIONINE      ? 'C5 H11 N O2 S'  149.211 
PHE 'L-peptide linking' y PHENYLALANINE   ? 'C9 H11 N O2'    165.189 
PRO 'L-peptide linking' y PROLINE         ? 'C5 H9 N O2'     115.130 
SER 'L-peptide linking' y SERINE          ? 'C3 H7 N O3'     105.093 
THR 'L-peptide linking' y THREONINE       ? 'C4 H9 N O3'     119.119 
TRP 'L-peptide linking' y TRYPTOPHAN      ? 'C11 H12 N2 O2'  204.225 
TYR 'L-peptide linking' y TYROSINE        ? 'C9 H11 N O3'    181.189 
VAL 'L-peptide linking' y VALINE          ? 'C5 H11 N O2'    117.146 
# 
loop_
_pdbx_poly_seq_scheme.asym_id 
_pdbx_poly_seq_scheme.entity_id 
_pdbx_poly_seq_scheme.seq_id 
_pdbx_poly_seq_scheme.mon_id 
_pdbx_poly_seq_scheme.ndb_seq_num 
_pdbx_poly_seq_scheme.pdb_seq_num 
_pdbx_poly_seq_scheme.auth_seq_num 
_pdbx_poly_seq_scheme.pdb_mon_id 
_pdbx_poly_seq_scheme.auth_mon_id 
_pdbx_poly_seq_scheme.pdb_strand_id 
_pdbx_poly_seq_scheme.pdb_ins_code 
_pdbx_poly_seq_scheme.hetero 
A 1 1   MET 1   -11 ?   ?   ?   A . n 
A 1 2   GLY 2   -10 ?   ?   ?   A . n 
A 1 3   SER 3   -9  ?   ?   ?   A . n 
A 1 4   ASP 4   -8  ?   ?   ?   A . n 
A 1 5   LYS 5   -7  ?   ?   ?   A . n 
A 1 6   ILE 6   -6  ?   ?   ?   A . n 
A 1 7   HIS 7   -5  ?   ?   ?   A . n 
A 1 8   HIS 8   -4  ?   ?   ?   A . n 
A 1 9   HIS 9   -3  ?   ?   ?   A . n 
A 1 10  HIS 10  -2  ?   ?   ?   A . n 
A 1 11  HIS 11  -1  -1  HIS HIS A . n 
A 1 12  HIS 12  0   0   HIS HIS A . n 
A 1 13  MET 13  1   1   MET MET A . n 
A 1 14  ALA 14  2   2   ALA ALA A . n 
A 1 15  HIS 15  3   3   HIS HIS A . n 
A 1 16  ILE 16  4   4   ILE ILE A . n 
A 1 17  PHE 17  5   5   PHE PHE A . n 
A 1 18  VAL 18  6   6   VAL VAL A . n 
A 1 19  TYR 19  7   7   TYR TYR A . n 
A 1 20  GLY 20  8   8   GLY GLY A . n 
A 1 21  THR 21  9   9   THR THR A . n 
A 1 22  LEU 22  10  10  LEU LEU A . n 
A 1 23  LYS 23  11  11  LYS LYS A . n 
A 1 24  ARG 24  12  12  ARG ARG A . n 
A 1 25  GLY 25  13  13  GLY GLY A . n 
A 1 26  GLN 26  14  14  GLN GLN A . n 
A 1 27  PRO 27  15  15  PRO PRO A . n 
A 1 28  ASN 28  16  16  ASN ASN A . n 
A 1 29  HIS 29  17  17  HIS HIS A . n 
A 1 30  LYS 30  18  18  LYS LYS A . n 
A 1 31  VAL 31  19  19  VAL VAL A . n 
A 1 32  MET 32  20  20  MET MET A . n 
A 1 33  LEU 33  21  21  LEU LEU A . n 
A 1 34  ASP 34  22  22  ASP ASP A . n 
A 1 35  HIS 35  23  23  HIS HIS A . n 
A 1 36  SER 36  24  24  SER SER A . n 
A 1 37  HIS 37  25  25  HIS HIS A . n 
A 1 38  GLY 38  26  26  GLY GLY A . n 
A 1 39  LEU 39  27  27  LEU LEU A . n 
A 1 40  ALA 40  28  28  ALA ALA A . n 
A 1 41  ALA 41  29  29  ALA ALA A . n 
A 1 42  PHE 42  30  30  PHE PHE A . n 
A 1 43  ARG 43  31  31  ARG ARG A . n 
A 1 44  GLY 44  32  32  GLY GLY A . n 
A 1 45  ARG 45  33  33  ARG ARG A . n 
A 1 46  GLY 46  34  34  GLY GLY A . n 
A 1 47  CYS 47  35  35  CYS CYS A . n 
A 1 48  THR 48  36  36  THR THR A . n 
A 1 49  VAL 49  37  37  VAL VAL A . n 
A 1 50  GLU 50  38  38  GLU GLU A . n 
A 1 51  SER 51  39  39  SER SER A . n 
A 1 52  PHE 52  40  40  PHE PHE A . n 
A 1 53  PRO 53  41  41  PRO PRO A . n 
A 1 54  LEU 54  42  42  LEU LEU A . n 
A 1 55  VAL 55  43  43  VAL VAL A . n 
A 1 56  ILE 56  44  44  ILE ILE A . n 
A 1 57  ALA 57  45  45  ALA ALA A . n 
A 1 58  GLY 58  46  46  GLY GLY A . n 
A 1 59  GLU 59  47  47  GLU GLU A . n 
A 1 60  HIS 60  48  48  HIS HIS A . n 
A 1 61  ASN 61  49  49  ASN ASN A . n 
A 1 62  ILE 62  50  50  ILE ILE A . n 
A 1 63  PRO 63  51  51  PRO PRO A . n 
A 1 64  TRP 64  52  52  TRP TRP A . n 
A 1 65  LEU 65  53  53  LEU LEU A . n 
A 1 66  LEU 66  54  54  LEU LEU A . n 
A 1 67  TYR 67  55  55  TYR TYR A . n 
A 1 68  LEU 68  56  56  LEU LEU A . n 
A 1 69  PRO 69  57  57  PRO PRO A . n 
A 1 70  GLY 70  58  58  GLY GLY A . n 
A 1 71  LYS 71  59  59  LYS LYS A . n 
A 1 72  GLY 72  60  60  GLY GLY A . n 
A 1 73  HIS 73  61  61  HIS HIS A . n 
A 1 74  CYS 74  62  62  CYS CYS A . n 
A 1 75  VAL 75  63  63  VAL VAL A . n 
A 1 76  THR 76  64  64  THR THR A . n 
A 1 77  GLY 77  65  65  GLY GLY A . n 
A 1 78  GLU 78  66  66  GLU GLU A . n 
A 1 79  ILE 79  67  67  ILE ILE A . n 
A 1 80  TYR 80  68  68  TYR TYR A . n 
A 1 81  GLU 81  69  69  GLU GLU A . n 
A 1 82  VAL 82  70  70  VAL VAL A . n 
A 1 83  ASP 83  71  71  ASP ASP A . n 
A 1 84  GLU 84  72  72  GLU GLU A . n 
A 1 85  GLN 85  73  73  GLN GLN A . n 
A 1 86  MET 86  74  74  MET MET A . n 
A 1 87  LEU 87  75  75  LEU LEU A . n 
A 1 88  ARG 88  76  76  ARG ARG A . n 
A 1 89  PHE 89  77  77  PHE PHE A . n 
A 1 90  LEU 90  78  78  LEU LEU A . n 
A 1 91  ASP 91  79  79  ASP ASP A . n 
A 1 92  ASP 92  80  80  ASP ASP A . n 
A 1 93  PHE 93  81  81  PHE PHE A . n 
A 1 94  GLU 94  82  82  GLU GLU A . n 
A 1 95  ASP 95  83  83  ASP ASP A . n 
A 1 96  CYS 96  84  84  CYS CYS A . n 
A 1 97  PRO 97  85  85  PRO PRO A . n 
A 1 98  SER 98  86  86  SER SER A . n 
A 1 99  MET 99  87  87  MET MET A . n 
A 1 100 TYR 100 88  88  TYR TYR A . n 
A 1 101 GLN 101 89  89  GLN GLN A . n 
A 1 102 ARG 102 90  90  ARG ARG A . n 
A 1 103 THR 103 91  91  THR THR A . n 
A 1 104 ALA 104 92  92  ALA ALA A . n 
A 1 105 LEU 105 93  93  LEU LEU A . n 
A 1 106 GLN 106 94  94  GLN GLN A . n 
A 1 107 VAL 107 95  95  VAL VAL A . n 
A 1 108 GLN 108 96  96  GLN GLN A . n 
A 1 109 VAL 109 97  97  VAL VAL A . n 
A 1 110 LEU 110 98  98  LEU LEU A . n 
A 1 111 GLU 111 99  99  GLU GLU A . n 
A 1 112 TRP 112 100 100 TRP TRP A . n 
A 1 113 GLU 113 101 101 GLU GLU A . n 
A 1 114 GLY 114 102 ?   ?   ?   A . n 
A 1 115 ASP 115 103 ?   ?   ?   A . n 
A 1 116 GLY 116 104 ?   ?   ?   A . n 
A 1 117 ASP 117 105 105 ASP ASP A . n 
A 1 118 PRO 118 106 106 PRO PRO A . n 
A 1 119 GLY 119 107 107 GLY GLY A . n 
A 1 120 ASP 120 108 108 ASP ASP A . n 
A 1 121 SER 121 109 109 SER SER A . n 
A 1 122 VAL 122 110 110 VAL VAL A . n 
A 1 123 GLN 123 111 111 GLN GLN A . n 
A 1 124 CYS 124 112 112 CYS CYS A . n 
A 1 125 PHE 125 113 113 PHE PHE A . n 
A 1 126 VAL 126 114 114 VAL VAL A . n 
A 1 127 TYR 127 115 115 TYR TYR A . n 
A 1 128 THR 128 116 116 THR THR A . n 
A 1 129 THR 129 117 117 THR THR A . n 
A 1 130 ALA 130 118 118 ALA ALA A . n 
A 1 131 THR 131 119 119 THR THR A . n 
A 1 132 TYR 132 120 120 TYR TYR A . n 
A 1 133 ALA 133 121 121 ALA ALA A . n 
A 1 134 PRO 134 122 122 PRO PRO A . n 
A 1 135 GLU 135 123 123 GLU GLU A . n 
A 1 136 TRP 136 124 124 TRP TRP A . n 
A 1 137 LEU 137 125 125 LEU LEU A . n 
A 1 138 PHE 138 126 126 PHE PHE A . n 
A 1 139 LEU 139 127 127 LEU LEU A . n 
A 1 140 PRO 140 128 128 PRO PRO A . n 
A 1 141 TYR 141 129 129 TYR TYR A . n 
A 1 142 HIS 142 130 130 HIS HIS A . n 
A 1 143 GLU 143 131 131 GLU GLU A . n 
A 1 144 SER 144 132 132 SER SER A . n 
A 1 145 TYR 145 133 133 TYR TYR A . n 
A 1 146 ASP 146 134 134 ASP ASP A . n 
A 1 147 SER 147 135 135 SER SER A . n 
A 1 148 GLU 148 136 136 GLU GLU A . n 
A 1 149 GLY 149 137 137 GLY GLY A . n 
A 1 150 PRO 150 138 138 PRO PRO A . n 
A 1 151 HIS 151 139 139 HIS HIS A . n 
A 1 152 GLY 152 140 140 GLY GLY A . n 
A 1 153 LEU 153 141 141 LEU LEU A . n 
A 1 154 ARG 154 142 142 ARG ARG A . n 
A 1 155 TYR 155 143 143 TYR TYR A . n 
A 1 156 ASN 156 144 144 ASN ASN A . n 
A 1 157 PRO 157 145 145 PRO PRO A . n 
A 1 158 ARG 158 146 146 ARG ARG A . n 
A 1 159 GLU 159 147 147 GLU GLU A . n 
A 1 160 ASN 160 148 148 ASN ASN A . n 
A 1 161 ARG 161 149 149 ARG ARG A . n 
# 
loop_
_pdbx_nonpoly_scheme.asym_id 
_pdbx_nonpoly_scheme.entity_id 
_pdbx_nonpoly_scheme.mon_id 
_pdbx_nonpoly_scheme.ndb_seq_num 
_pdbx_nonpoly_scheme.pdb_seq_num 
_pdbx_nonpoly_scheme.auth_seq_num 
_pdbx_nonpoly_scheme.pdb_mon_id 
_pdbx_nonpoly_scheme.auth_mon_id 
_pdbx_nonpoly_scheme.pdb_strand_id 
_pdbx_nonpoly_scheme.pdb_ins_code 
B 2 FMT 1   150 1   FMT FMT A . 
C 2 FMT 1   151 2   FMT FMT A . 
D 2 FMT 1   152 3   FMT FMT A . 
E 3 HOH 1   153 4   HOH HOH A . 
E 3 HOH 2   154 5   HOH HOH A . 
E 3 HOH 3   155 6   HOH HOH A . 
E 3 HOH 4   156 7   HOH HOH A . 
E 3 HOH 5   157 8   HOH HOH A . 
E 3 HOH 6   158 9   HOH HOH A . 
E 3 HOH 7   159 10  HOH HOH A . 
E 3 HOH 8   160 11  HOH HOH A . 
E 3 HOH 9   161 12  HOH HOH A . 
E 3 HOH 10  162 13  HOH HOH A . 
E 3 HOH 11  163 14  HOH HOH A . 
E 3 HOH 12  164 15  HOH HOH A . 
E 3 HOH 13  165 16  HOH HOH A . 
E 3 HOH 14  166 17  HOH HOH A . 
E 3 HOH 15  167 18  HOH HOH A . 
E 3 HOH 16  168 19  HOH HOH A . 
E 3 HOH 17  169 20  HOH HOH A . 
E 3 HOH 18  170 21  HOH HOH A . 
E 3 HOH 19  171 22  HOH HOH A . 
E 3 HOH 20  172 23  HOH HOH A . 
E 3 HOH 21  173 24  HOH HOH A . 
E 3 HOH 22  174 25  HOH HOH A . 
E 3 HOH 23  175 26  HOH HOH A . 
E 3 HOH 24  176 27  HOH HOH A . 
E 3 HOH 25  177 28  HOH HOH A . 
E 3 HOH 26  178 29  HOH HOH A . 
E 3 HOH 27  179 30  HOH HOH A . 
E 3 HOH 28  180 31  HOH HOH A . 
E 3 HOH 29  181 32  HOH HOH A . 
E 3 HOH 30  182 33  HOH HOH A . 
E 3 HOH 31  183 34  HOH HOH A . 
E 3 HOH 32  184 35  HOH HOH A . 
E 3 HOH 33  185 36  HOH HOH A . 
E 3 HOH 34  186 37  HOH HOH A . 
E 3 HOH 35  187 38  HOH HOH A . 
E 3 HOH 36  188 39  HOH HOH A . 
E 3 HOH 37  189 40  HOH HOH A . 
E 3 HOH 38  190 41  HOH HOH A . 
E 3 HOH 39  191 42  HOH HOH A . 
E 3 HOH 40  192 43  HOH HOH A . 
E 3 HOH 41  193 44  HOH HOH A . 
E 3 HOH 42  194 45  HOH HOH A . 
E 3 HOH 43  195 46  HOH HOH A . 
E 3 HOH 44  196 47  HOH HOH A . 
E 3 HOH 45  197 48  HOH HOH A . 
E 3 HOH 46  198 49  HOH HOH A . 
E 3 HOH 47  199 50  HOH HOH A . 
E 3 HOH 48  200 51  HOH HOH A . 
E 3 HOH 49  201 52  HOH HOH A . 
E 3 HOH 50  202 53  HOH HOH A . 
E 3 HOH 51  203 54  HOH HOH A . 
E 3 HOH 52  204 55  HOH HOH A . 
E 3 HOH 53  205 56  HOH HOH A . 
E 3 HOH 54  206 57  HOH HOH A . 
E 3 HOH 55  207 58  HOH HOH A . 
E 3 HOH 56  208 59  HOH HOH A . 
E 3 HOH 57  209 60  HOH HOH A . 
E 3 HOH 58  210 61  HOH HOH A . 
E 3 HOH 59  211 62  HOH HOH A . 
E 3 HOH 60  212 63  HOH HOH A . 
E 3 HOH 61  213 64  HOH HOH A . 
E 3 HOH 62  214 65  HOH HOH A . 
E 3 HOH 63  215 66  HOH HOH A . 
E 3 HOH 64  216 67  HOH HOH A . 
E 3 HOH 65  217 68  HOH HOH A . 
E 3 HOH 66  218 69  HOH HOH A . 
E 3 HOH 67  219 70  HOH HOH A . 
E 3 HOH 68  220 71  HOH HOH A . 
E 3 HOH 69  221 72  HOH HOH A . 
E 3 HOH 70  222 73  HOH HOH A . 
E 3 HOH 71  223 74  HOH HOH A . 
E 3 HOH 72  224 75  HOH HOH A . 
E 3 HOH 73  225 76  HOH HOH A . 
E 3 HOH 74  226 77  HOH HOH A . 
E 3 HOH 75  227 78  HOH HOH A . 
E 3 HOH 76  228 79  HOH HOH A . 
E 3 HOH 77  229 80  HOH HOH A . 
E 3 HOH 78  230 81  HOH HOH A . 
E 3 HOH 79  231 82  HOH HOH A . 
E 3 HOH 80  232 83  HOH HOH A . 
E 3 HOH 81  233 84  HOH HOH A . 
E 3 HOH 82  234 85  HOH HOH A . 
E 3 HOH 83  235 86  HOH HOH A . 
E 3 HOH 84  236 87  HOH HOH A . 
E 3 HOH 85  237 88  HOH HOH A . 
E 3 HOH 86  238 89  HOH HOH A . 
E 3 HOH 87  239 90  HOH HOH A . 
E 3 HOH 88  240 91  HOH HOH A . 
E 3 HOH 89  241 92  HOH HOH A . 
E 3 HOH 90  242 93  HOH HOH A . 
E 3 HOH 91  243 94  HOH HOH A . 
E 3 HOH 92  244 95  HOH HOH A . 
E 3 HOH 93  245 96  HOH HOH A . 
E 3 HOH 94  246 97  HOH HOH A . 
E 3 HOH 95  247 98  HOH HOH A . 
E 3 HOH 96  248 99  HOH HOH A . 
E 3 HOH 97  249 100 HOH HOH A . 
E 3 HOH 98  250 101 HOH HOH A . 
E 3 HOH 99  251 102 HOH HOH A . 
E 3 HOH 100 252 103 HOH HOH A . 
E 3 HOH 101 253 104 HOH HOH A . 
E 3 HOH 102 254 105 HOH HOH A . 
E 3 HOH 103 255 106 HOH HOH A . 
E 3 HOH 104 256 107 HOH HOH A . 
E 3 HOH 105 257 108 HOH HOH A . 
E 3 HOH 106 258 109 HOH HOH A . 
E 3 HOH 107 259 110 HOH HOH A . 
E 3 HOH 108 260 111 HOH HOH A . 
# 
loop_
_pdbx_unobs_or_zero_occ_atoms.id 
_pdbx_unobs_or_zero_occ_atoms.PDB_model_num 
_pdbx_unobs_or_zero_occ_atoms.polymer_flag 
_pdbx_unobs_or_zero_occ_atoms.occupancy_flag 
_pdbx_unobs_or_zero_occ_atoms.auth_asym_id 
_pdbx_unobs_or_zero_occ_atoms.auth_comp_id 
_pdbx_unobs_or_zero_occ_atoms.auth_seq_id 
_pdbx_unobs_or_zero_occ_atoms.PDB_ins_code 
_pdbx_unobs_or_zero_occ_atoms.auth_atom_id 
_pdbx_unobs_or_zero_occ_atoms.label_alt_id 
_pdbx_unobs_or_zero_occ_atoms.label_asym_id 
_pdbx_unobs_or_zero_occ_atoms.label_comp_id 
_pdbx_unobs_or_zero_occ_atoms.label_seq_id 
_pdbx_unobs_or_zero_occ_atoms.label_atom_id 
1  1 Y 1 A HIS -1  ? CG  ? A HIS 11  CG  
2  1 Y 1 A HIS -1  ? ND1 ? A HIS 11  ND1 
3  1 Y 1 A HIS -1  ? CD2 ? A HIS 11  CD2 
4  1 Y 1 A HIS -1  ? CE1 ? A HIS 11  CE1 
5  1 Y 1 A HIS -1  ? NE2 ? A HIS 11  NE2 
6  1 Y 1 A LEU 27  ? CD1 ? A LEU 39  CD1 
7  1 Y 1 A LEU 27  ? CD2 ? A LEU 39  CD2 
8  1 Y 1 A ASP 105 ? N   ? A ASP 117 N   
9  1 Y 1 A ASP 105 ? CA  ? A ASP 117 CA  
10 1 Y 1 A ASP 105 ? CB  ? A ASP 117 CB  
11 1 Y 1 A ASP 105 ? CG  ? A ASP 117 CG  
12 1 Y 1 A ASP 105 ? OD1 ? A ASP 117 OD1 
13 1 Y 1 A ASP 105 ? OD2 ? A ASP 117 OD2 
14 1 Y 1 A GLU 147 ? OE1 ? A GLU 159 OE1 
15 1 Y 1 A GLU 147 ? OE2 ? A GLU 159 OE2 
16 1 Y 1 A ARG 149 ? CG  ? A ARG 161 CG  
17 1 Y 1 A ARG 149 ? CD  ? A ARG 161 CD  
18 1 Y 1 A ARG 149 ? NE  ? A ARG 161 NE  
19 1 Y 1 A ARG 149 ? CZ  ? A ARG 161 CZ  
20 1 Y 1 A ARG 149 ? NH1 ? A ARG 161 NH1 
21 1 Y 1 A ARG 149 ? NH2 ? A ARG 161 NH2 
# 
loop_
_software.name 
_software.classification 
_software.version 
_software.citation_id 
_software.pdbx_ordinal 
DENZO     'data reduction' .        ? 1 
SCALEPACK 'data scaling'   .        ? 2 
SHELX     'model building' .        ? 3 
autoSHARP phasing          .        ? 4 
SOLOMON   phasing          .        ? 5 
REFMAC    refinement       5.2.0001 ? 6 
SHELX     phasing          .        ? 7 
# 
_cell.length_a           85.745 
_cell.length_b           85.745 
_cell.length_c           42.858 
_cell.angle_alpha        90.00 
_cell.angle_beta         90.00 
_cell.angle_gamma        120.00 
_cell.entry_id           1VKB 
_cell.pdbx_unique_axis   ? 
_cell.Z_PDB              6 
# 
_symmetry.space_group_name_H-M             'P 65' 
_symmetry.entry_id                         1VKB 
_symmetry.pdbx_full_space_group_name_H-M   ? 
_symmetry.Int_Tables_number                170 
_symmetry.cell_setting                     ? 
# 
_exptl.crystals_number   1 
_exptl.method            'X-RAY DIFFRACTION' 
_exptl.entry_id          1VKB 
# 
_exptl_crystal.id                    1 
_exptl_crystal.density_percent_sol   49.29 
_exptl_crystal.density_meas          ? 
_exptl_crystal.density_Matthews      2.44 
_exptl_crystal.description           ? 
# 
_exptl_crystal_grow.crystal_id      1 
_exptl_crystal_grow.method          'VAPOR DIFFUSION,SITTING DROP,NANODROP' 
_exptl_crystal_grow.pH              ? 
_exptl_crystal_grow.temp            293 
_exptl_crystal_grow.pdbx_details    '4.1 Acetate, 2.4 NaFormate, VAPOR DIFFUSION,SITTING DROP,NANODROP, temperature 293K' 
_exptl_crystal_grow.temp_details    ? 
_exptl_crystal_grow.pdbx_pH_range   . 
# 
_diffrn.id                     1 
_diffrn.ambient_temp           100 
_diffrn.ambient_temp_details   ? 
_diffrn.crystal_id             1 
# 
_diffrn_detector.diffrn_id              1 
_diffrn_detector.detector               CCD 
_diffrn_detector.type                   ADSC 
_diffrn_detector.details                ? 
_diffrn_detector.pdbx_collection_date   2003-11-07 
# 
_diffrn_radiation.diffrn_id                        1 
_diffrn_radiation.pdbx_monochromatic_or_laue_m_l   M 
_diffrn_radiation.monochromator                    'Double Crystal Si(111)' 
_diffrn_radiation.pdbx_diffrn_protocol             'SINGLE WAVELENGTH' 
_diffrn_radiation.wavelength_id                    1 
_diffrn_radiation.pdbx_scattering_type             x-ray 
# 
_diffrn_radiation_wavelength.id           1 
_diffrn_radiation_wavelength.wavelength   1.742575 
_diffrn_radiation_wavelength.wt           1.0 
# 
_diffrn_source.diffrn_id                   1 
_diffrn_source.source                      SYNCHROTRON 
_diffrn_source.pdbx_synchrotron_site       ALS 
_diffrn_source.pdbx_synchrotron_beamline   8.3.1 
_diffrn_source.type                        'ALS BEAMLINE 8.3.1' 
_diffrn_source.pdbx_wavelength             1.742575 
_diffrn_source.pdbx_wavelength_list        ? 
# 
_reflns.observed_criterion_sigma_F   ? 
_reflns.observed_criterion_sigma_I   ? 
_reflns.d_resolution_high            1.90 
_reflns.d_resolution_low             50.00 
_reflns.number_obs                   14364 
_reflns.percent_possible_obs         99.96 
_reflns.pdbx_Rmerge_I_obs            ? 
_reflns.pdbx_netI_over_sigmaI        86.21 
_reflns.B_iso_Wilson_estimate        26.50 
_reflns.pdbx_redundancy              60.45 
_reflns.pdbx_Rsym_value              0.048 
_reflns.entry_id                     1VKB 
_reflns.number_all                   ? 
_reflns.R_free_details               ? 
_reflns.limit_h_max                  ? 
_reflns.limit_h_min                  ? 
_reflns.limit_k_max                  ? 
_reflns.limit_k_min                  ? 
_reflns.limit_l_max                  ? 
_reflns.limit_l_min                  ? 
_reflns.observed_criterion_F_max     ? 
_reflns.observed_criterion_F_min     ? 
_reflns.pdbx_ordinal                 1 
_reflns.pdbx_diffrn_id               1 
# 
_reflns_shell.d_res_high             1.90 
_reflns_shell.d_res_low              1.97 
_reflns_shell.percent_possible_all   99.93 
_reflns_shell.pdbx_Rsym_value        0.122 
_reflns_shell.pdbx_redundancy        0.78 
_reflns_shell.number_unique_all      2772 
_reflns_shell.meanI_over_sigI_obs    27.43 
_reflns_shell.Rmerge_I_obs           ? 
_reflns_shell.percent_possible_obs   ? 
_reflns_shell.pdbx_ordinal           1 
_reflns_shell.pdbx_diffrn_id         1 
# 
_refine.ls_d_res_high                            1.90 
_refine.ls_d_res_low                             42.87 
_refine.pdbx_ls_sigma_F                          ? 
_refine.pdbx_ls_sigma_I                          ? 
_refine.ls_number_reflns_obs                     13625 
_refine.ls_number_reflns_R_free                  720 
_refine.ls_percent_reflns_R_free                 5.0 
_refine.ls_percent_reflns_obs                    99.99 
_refine.ls_R_factor_obs                          0.13609 
_refine.ls_R_factor_R_work                       0.13416 
_refine.ls_R_factor_R_free                       0.17058 
_refine.pdbx_R_Free_selection_details            RANDOM 
_refine.pdbx_stereochemistry_target_values       'MAXIMUM LIKELIHOOD WITH PHASES' 
_refine.pdbx_method_to_determine_struct          SAD 
_refine.pdbx_starting_model                      ? 
_refine.pdbx_ls_cross_valid_method               THROUGHOUT 
_refine.B_iso_mean                               18.317 
_refine.aniso_B[1][1]                            0.15 
_refine.aniso_B[2][2]                            0.15 
_refine.aniso_B[3][3]                            -0.22 
_refine.aniso_B[1][2]                            0.07 
_refine.aniso_B[1][3]                            0.00 
_refine.aniso_B[2][3]                            0.00 
_refine.details                                  
'1). HYDROGENS HAVE BEEN ADDED IN THE RIDING POSITIONS  2). SS BOND BETWEEN CYS 35 AND CYS 62 IS MODELLED AS HALF OCCUPANCY.' 
_refine.pdbx_overall_ESU_R                       0.104 
_refine.pdbx_overall_ESU_R_Free                  0.103 
_refine.overall_SU_ML                            0.059 
_refine.overall_SU_B                             3.733 
_refine.correlation_coeff_Fo_to_Fc               0.967 
_refine.correlation_coeff_Fo_to_Fc_free          0.953 
_refine.solvent_model_details                    'BABINET MODEL WITH MASK' 
_refine.pdbx_solvent_vdw_probe_radii             1.20 
_refine.pdbx_solvent_ion_probe_radii             0.80 
_refine.pdbx_solvent_shrinkage_radii             0.80 
_refine.entry_id                                 1VKB 
_refine.ls_R_factor_all                          ? 
_refine.ls_number_reflns_all                     ? 
_refine.ls_redundancy_reflns_obs                 ? 
_refine.pdbx_data_cutoff_high_absF               ? 
_refine.pdbx_data_cutoff_low_absF                ? 
_refine.ls_number_parameters                     ? 
_refine.ls_number_restraints                     ? 
_refine.ls_R_factor_R_free_error                 ? 
_refine.ls_R_factor_R_free_error_details         ? 
_refine.pdbx_isotropic_thermal_model             ? 
_refine.pdbx_stereochem_target_val_spec_case     ? 
_refine.solvent_model_param_bsol                 ? 
_refine.solvent_model_param_ksol                 ? 
_refine.occupancy_max                            ? 
_refine.occupancy_min                            ? 
_refine.pdbx_data_cutoff_high_rms_absF           ? 
_refine.B_iso_min                                ? 
_refine.B_iso_max                                ? 
_refine.overall_SU_R_Cruickshank_DPI             ? 
_refine.overall_SU_R_free                        ? 
_refine.pdbx_refine_id                           'X-RAY DIFFRACTION' 
_refine.pdbx_TLS_residual_ADP_flag               'LIKELY RESIDUAL' 
_refine.pdbx_diffrn_id                           1 
_refine.pdbx_overall_phase_error                 ? 
_refine.pdbx_overall_SU_R_free_Cruickshank_DPI   ? 
_refine.pdbx_overall_SU_R_Blow_DPI               ? 
_refine.pdbx_overall_SU_R_free_Blow_DPI          ? 
# 
_refine_hist.pdbx_refine_id                   'X-RAY DIFFRACTION' 
_refine_hist.cycle_id                         LAST 
_refine_hist.pdbx_number_atoms_protein        1188 
_refine_hist.pdbx_number_atoms_nucleic_acid   0 
_refine_hist.pdbx_number_atoms_ligand         9 
_refine_hist.number_atoms_solvent             108 
_refine_hist.number_atoms_total               1305 
_refine_hist.d_res_high                       1.90 
_refine_hist.d_res_low                        42.87 
# 
loop_
_refine_ls_restr.type 
_refine_ls_restr.number 
_refine_ls_restr.dev_ideal 
_refine_ls_restr.dev_ideal_target 
_refine_ls_restr.weight 
_refine_ls_restr.pdbx_refine_id 
_refine_ls_restr.pdbx_restraint_function 
r_bond_refined_d         1258 0.015  0.021  ? 'X-RAY DIFFRACTION' ? 
r_bond_other_d           1075 0.008  0.020  ? 'X-RAY DIFFRACTION' ? 
r_angle_refined_deg      1708 1.605  1.924  ? 'X-RAY DIFFRACTION' ? 
r_angle_other_deg        2507 0.941  3.000  ? 'X-RAY DIFFRACTION' ? 
r_dihedral_angle_1_deg   145  6.264  5.000  ? 'X-RAY DIFFRACTION' ? 
r_dihedral_angle_2_deg   64   30.633 23.438 ? 'X-RAY DIFFRACTION' ? 
r_dihedral_angle_3_deg   195  11.468 15.000 ? 'X-RAY DIFFRACTION' ? 
r_dihedral_angle_4_deg   7    13.450 15.000 ? 'X-RAY DIFFRACTION' ? 
r_chiral_restr           178  0.109  0.200  ? 'X-RAY DIFFRACTION' ? 
r_gen_planes_refined     1388 0.008  0.020  ? 'X-RAY DIFFRACTION' ? 
r_gen_planes_other       268  0.001  0.020  ? 'X-RAY DIFFRACTION' ? 
r_nbd_refined            207  0.199  0.200  ? 'X-RAY DIFFRACTION' ? 
r_nbd_other              1053 0.190  0.200  ? 'X-RAY DIFFRACTION' ? 
r_nbtor_other            680  0.084  0.200  ? 'X-RAY DIFFRACTION' ? 
r_xyhbond_nbd_refined    88   0.156  0.200  ? 'X-RAY DIFFRACTION' ? 
r_symmetry_vdw_refined   12   0.166  0.200  ? 'X-RAY DIFFRACTION' ? 
r_symmetry_vdw_other     46   0.237  0.200  ? 'X-RAY DIFFRACTION' ? 
r_symmetry_hbond_refined 12   0.259  0.200  ? 'X-RAY DIFFRACTION' ? 
r_mcbond_it              761  2.227  3.000  ? 'X-RAY DIFFRACTION' ? 
r_mcbond_other           301  0.634  3.000  ? 'X-RAY DIFFRACTION' ? 
r_mcangle_it             1207 3.168  5.000  ? 'X-RAY DIFFRACTION' ? 
r_scbond_it              567  4.950  8.000  ? 'X-RAY DIFFRACTION' ? 
r_scangle_it             501  6.652  11.000 ? 'X-RAY DIFFRACTION' ? 
# 
_refine_ls_shell.pdbx_total_number_of_bins_used   20 
_refine_ls_shell.d_res_high                       1.90 
_refine_ls_shell.d_res_low                        1.950 
_refine_ls_shell.percent_reflns_obs               ? 
_refine_ls_shell.number_reflns_R_work             1036 
_refine_ls_shell.R_factor_R_work                  0.105 
_refine_ls_shell.percent_reflns_R_free            3.99 
_refine_ls_shell.number_reflns_R_free             43 
_refine_ls_shell.R_factor_R_free                  0.188 
_refine_ls_shell.R_factor_R_free_error            ? 
_refine_ls_shell.redundancy_reflns_obs            ? 
_refine_ls_shell.number_reflns_all                ? 
_refine_ls_shell.number_reflns_obs                ? 
_refine_ls_shell.pdbx_refine_id                   'X-RAY DIFFRACTION' 
_refine_ls_shell.R_factor_all                     ? 
# 
_struct.entry_id                  1VKB 
_struct.title                     
'Crystal structure of an aig2-like protein (a2ld1, ggact, mgc7867) from mus musculus at 1.90 A resolution' 
_struct.pdbx_model_details        ? 
_struct.pdbx_CASP_flag            ? 
_struct.pdbx_model_type_details   ? 
# 
_struct_keywords.text            
;Gamma-glutamyl cyclotransferase-like fold, structural genomics, Joint Center for Structural Genomics, JCSG, Protein Structure Initiative, PSI, transferase
;
_struct_keywords.pdbx_keywords   TRANSFERASE 
_struct_keywords.entry_id        1VKB 
# 
loop_
_struct_asym.id 
_struct_asym.pdbx_blank_PDB_chainid_flag 
_struct_asym.pdbx_modified 
_struct_asym.entity_id 
_struct_asym.details 
A N N 1 ? 
B N N 2 ? 
C N N 2 ? 
D N N 2 ? 
E N N 3 ? 
# 
_struct_ref.id                         1 
_struct_ref.db_name                    UNP 
_struct_ref.db_code                    Q923B0_MOUSE 
_struct_ref.pdbx_db_accession          Q923B0 
_struct_ref.entity_id                  1 
_struct_ref.pdbx_seq_one_letter_code   
;MAHIFVYGTLKRGQPNHKVMLDHSHGLAAFRGRGCTVESFPLVIAGEHNIPWLLYLPGKGHCVTGEIYEVDEQMLRFLDD
FEDCPSMYQRTALQVQVLEWEGDGDPGDSVQCFVYTTATYAPEWLFLPYHESYDSEGPHGLRYNPRENR
;
_struct_ref.pdbx_align_begin           1 
_struct_ref.pdbx_db_isoform            ? 
# 
_struct_ref_seq.align_id                      1 
_struct_ref_seq.ref_id                        1 
_struct_ref_seq.pdbx_PDB_id_code              1VKB 
_struct_ref_seq.pdbx_strand_id                A 
_struct_ref_seq.seq_align_beg                 13 
_struct_ref_seq.pdbx_seq_align_beg_ins_code   ? 
_struct_ref_seq.seq_align_end                 161 
_struct_ref_seq.pdbx_seq_align_end_ins_code   ? 
_struct_ref_seq.pdbx_db_accession             Q923B0 
_struct_ref_seq.db_align_beg                  1 
_struct_ref_seq.pdbx_db_align_beg_ins_code    ? 
_struct_ref_seq.db_align_end                  149 
_struct_ref_seq.pdbx_db_align_end_ins_code    ? 
_struct_ref_seq.pdbx_auth_seq_align_beg       1 
_struct_ref_seq.pdbx_auth_seq_align_end       149 
# 
loop_
_struct_ref_seq_dif.align_id 
_struct_ref_seq_dif.pdbx_pdb_id_code 
_struct_ref_seq_dif.mon_id 
_struct_ref_seq_dif.pdbx_pdb_strand_id 
_struct_ref_seq_dif.seq_num 
_struct_ref_seq_dif.pdbx_pdb_ins_code 
_struct_ref_seq_dif.pdbx_seq_db_name 
_struct_ref_seq_dif.pdbx_seq_db_accession_code 
_struct_ref_seq_dif.db_mon_id 
_struct_ref_seq_dif.pdbx_seq_db_seq_num 
_struct_ref_seq_dif.details 
_struct_ref_seq_dif.pdbx_auth_seq_num 
_struct_ref_seq_dif.pdbx_ordinal 
1 1VKB MET A 1  ? UNP Q923B0 ? ? 'expression tag' -11 1  
1 1VKB GLY A 2  ? UNP Q923B0 ? ? 'expression tag' -10 2  
1 1VKB SER A 3  ? UNP Q923B0 ? ? 'expression tag' -9  3  
1 1VKB ASP A 4  ? UNP Q923B0 ? ? 'expression tag' -8  4  
1 1VKB LYS A 5  ? UNP Q923B0 ? ? 'expression tag' -7  5  
1 1VKB ILE A 6  ? UNP Q923B0 ? ? 'expression tag' -6  6  
1 1VKB HIS A 7  ? UNP Q923B0 ? ? 'expression tag' -5  7  
1 1VKB HIS A 8  ? UNP Q923B0 ? ? 'expression tag' -4  8  
1 1VKB HIS A 9  ? UNP Q923B0 ? ? 'expression tag' -3  9  
1 1VKB HIS A 10 ? UNP Q923B0 ? ? 'expression tag' -2  10 
1 1VKB HIS A 11 ? UNP Q923B0 ? ? 'expression tag' -1  11 
1 1VKB HIS A 12 ? UNP Q923B0 ? ? 'expression tag' 0   12 
# 
_pdbx_struct_assembly.id                   1 
_pdbx_struct_assembly.details              author_defined_assembly 
_pdbx_struct_assembly.method_details       ? 
_pdbx_struct_assembly.oligomeric_details   monomeric 
_pdbx_struct_assembly.oligomeric_count     1 
# 
_pdbx_struct_assembly_gen.assembly_id       1 
_pdbx_struct_assembly_gen.oper_expression   1 
_pdbx_struct_assembly_gen.asym_id_list      A,B,C,D,E 
# 
_pdbx_struct_oper_list.id                   1 
_pdbx_struct_oper_list.type                 'identity operation' 
_pdbx_struct_oper_list.name                 1_555 
_pdbx_struct_oper_list.symmetry_operation   x,y,z 
_pdbx_struct_oper_list.matrix[1][1]         1.0000000000 
_pdbx_struct_oper_list.matrix[1][2]         0.0000000000 
_pdbx_struct_oper_list.matrix[1][3]         0.0000000000 
_pdbx_struct_oper_list.vector[1]            0.0000000000 
_pdbx_struct_oper_list.matrix[2][1]         0.0000000000 
_pdbx_struct_oper_list.matrix[2][2]         1.0000000000 
_pdbx_struct_oper_list.matrix[2][3]         0.0000000000 
_pdbx_struct_oper_list.vector[2]            0.0000000000 
_pdbx_struct_oper_list.matrix[3][1]         0.0000000000 
_pdbx_struct_oper_list.matrix[3][2]         0.0000000000 
_pdbx_struct_oper_list.matrix[3][3]         1.0000000000 
_pdbx_struct_oper_list.vector[3]            0.0000000000 
# 
_struct_biol.id   1 
# 
loop_
_struct_conf.conf_type_id 
_struct_conf.id 
_struct_conf.pdbx_PDB_helix_id 
_struct_conf.beg_label_comp_id 
_struct_conf.beg_label_asym_id 
_struct_conf.beg_label_seq_id 
_struct_conf.pdbx_beg_PDB_ins_code 
_struct_conf.end_label_comp_id 
_struct_conf.end_label_asym_id 
_struct_conf.end_label_seq_id 
_struct_conf.pdbx_end_PDB_ins_code 
_struct_conf.beg_auth_comp_id 
_struct_conf.beg_auth_asym_id 
_struct_conf.beg_auth_seq_id 
_struct_conf.end_auth_comp_id 
_struct_conf.end_auth_asym_id 
_struct_conf.end_auth_seq_id 
_struct_conf.pdbx_PDB_helix_class 
_struct_conf.details 
_struct_conf.pdbx_PDB_helix_length 
HELX_P HELX_P1 1 HIS A 29  ? ASP A 34  ? HIS A 17  ASP A 22  1 ? 6  
HELX_P HELX_P2 2 HIS A 35  ? GLY A 38  ? HIS A 23  GLY A 26  5 ? 4  
HELX_P HELX_P3 3 ASP A 83  ? GLU A 94  ? ASP A 71  GLU A 82  1 ? 12 
HELX_P HELX_P4 4 ALA A 133 ? LEU A 139 ? ALA A 121 LEU A 127 5 ? 7  
# 
_struct_conf_type.id          HELX_P 
_struct_conf_type.criteria    ? 
_struct_conf_type.reference   ? 
# 
_struct_conn.id                            disulf1 
_struct_conn.conn_type_id                  disulf 
_struct_conn.pdbx_leaving_atom_flag        ? 
_struct_conn.pdbx_PDB_id                   ? 
_struct_conn.ptnr1_label_asym_id           A 
_struct_conn.ptnr1_label_comp_id           CYS 
_struct_conn.ptnr1_label_seq_id            47 
_struct_conn.ptnr1_label_atom_id           SG 
_struct_conn.pdbx_ptnr1_label_alt_id       A 
_struct_conn.pdbx_ptnr1_PDB_ins_code       ? 
_struct_conn.pdbx_ptnr1_standard_comp_id   ? 
_struct_conn.ptnr1_symmetry                1_555 
_struct_conn.ptnr2_label_asym_id           A 
_struct_conn.ptnr2_label_comp_id           CYS 
_struct_conn.ptnr2_label_seq_id            74 
_struct_conn.ptnr2_label_atom_id           SG 
_struct_conn.pdbx_ptnr2_label_alt_id       A 
_struct_conn.pdbx_ptnr2_PDB_ins_code       ? 
_struct_conn.ptnr1_auth_asym_id            A 
_struct_conn.ptnr1_auth_comp_id            CYS 
_struct_conn.ptnr1_auth_seq_id             35 
_struct_conn.ptnr2_auth_asym_id            A 
_struct_conn.ptnr2_auth_comp_id            CYS 
_struct_conn.ptnr2_auth_seq_id             62 
_struct_conn.ptnr2_symmetry                1_555 
_struct_conn.pdbx_ptnr3_label_atom_id      ? 
_struct_conn.pdbx_ptnr3_label_seq_id       ? 
_struct_conn.pdbx_ptnr3_label_comp_id      ? 
_struct_conn.pdbx_ptnr3_label_asym_id      ? 
_struct_conn.pdbx_ptnr3_label_alt_id       ? 
_struct_conn.pdbx_ptnr3_PDB_ins_code       ? 
_struct_conn.details                       ? 
_struct_conn.pdbx_dist_value               2.063 
_struct_conn.pdbx_value_order              ? 
_struct_conn.pdbx_role                     ? 
# 
_struct_conn_type.id          disulf 
_struct_conn_type.criteria    ? 
_struct_conn_type.reference   ? 
# 
_pdbx_modification_feature.ordinal                            1 
_pdbx_modification_feature.label_comp_id                      CYS 
_pdbx_modification_feature.label_asym_id                      A 
_pdbx_modification_feature.label_seq_id                       47 
_pdbx_modification_feature.label_alt_id                       A 
_pdbx_modification_feature.modified_residue_label_comp_id     CYS 
_pdbx_modification_feature.modified_residue_label_asym_id     A 
_pdbx_modification_feature.modified_residue_label_seq_id      74 
_pdbx_modification_feature.modified_residue_label_alt_id      A 
_pdbx_modification_feature.auth_comp_id                       CYS 
_pdbx_modification_feature.auth_asym_id                       A 
_pdbx_modification_feature.auth_seq_id                        35 
_pdbx_modification_feature.PDB_ins_code                       ? 
_pdbx_modification_feature.symmetry                           1_555 
_pdbx_modification_feature.modified_residue_auth_comp_id      CYS 
_pdbx_modification_feature.modified_residue_auth_asym_id      A 
_pdbx_modification_feature.modified_residue_auth_seq_id       62 
_pdbx_modification_feature.modified_residue_PDB_ins_code      ? 
_pdbx_modification_feature.modified_residue_symmetry          1_555 
_pdbx_modification_feature.comp_id_linking_atom               SG 
_pdbx_modification_feature.modified_residue_id_linking_atom   SG 
_pdbx_modification_feature.modified_residue_id                . 
_pdbx_modification_feature.ref_pcm_id                         . 
_pdbx_modification_feature.ref_comp_id                        . 
_pdbx_modification_feature.type                               None 
_pdbx_modification_feature.category                           'Disulfide bridge' 
# 
_struct_mon_prot_cis.pdbx_id                1 
_struct_mon_prot_cis.label_comp_id          CYS 
_struct_mon_prot_cis.label_seq_id           96 
_struct_mon_prot_cis.label_asym_id          A 
_struct_mon_prot_cis.label_alt_id           . 
_struct_mon_prot_cis.pdbx_PDB_ins_code      ? 
_struct_mon_prot_cis.auth_comp_id           CYS 
_struct_mon_prot_cis.auth_seq_id            84 
_struct_mon_prot_cis.auth_asym_id           A 
_struct_mon_prot_cis.pdbx_label_comp_id_2   PRO 
_struct_mon_prot_cis.pdbx_label_seq_id_2    97 
_struct_mon_prot_cis.pdbx_label_asym_id_2   A 
_struct_mon_prot_cis.pdbx_PDB_ins_code_2    ? 
_struct_mon_prot_cis.pdbx_auth_comp_id_2    PRO 
_struct_mon_prot_cis.pdbx_auth_seq_id_2     85 
_struct_mon_prot_cis.pdbx_auth_asym_id_2    A 
_struct_mon_prot_cis.pdbx_PDB_model_num     1 
_struct_mon_prot_cis.pdbx_omega_angle       1.75 
# 
_struct_sheet.id               A 
_struct_sheet.type             ? 
_struct_sheet.number_strands   8 
_struct_sheet.details          ? 
# 
loop_
_struct_sheet_order.sheet_id 
_struct_sheet_order.range_id_1 
_struct_sheet_order.range_id_2 
_struct_sheet_order.offset 
_struct_sheet_order.sense 
A 1 2 ? anti-parallel 
A 2 3 ? parallel      
A 3 4 ? anti-parallel 
A 4 5 ? anti-parallel 
A 5 6 ? anti-parallel 
A 6 7 ? anti-parallel 
A 7 8 ? parallel      
# 
loop_
_struct_sheet_range.sheet_id 
_struct_sheet_range.id 
_struct_sheet_range.beg_label_comp_id 
_struct_sheet_range.beg_label_asym_id 
_struct_sheet_range.beg_label_seq_id 
_struct_sheet_range.pdbx_beg_PDB_ins_code 
_struct_sheet_range.end_label_comp_id 
_struct_sheet_range.end_label_asym_id 
_struct_sheet_range.end_label_seq_id 
_struct_sheet_range.pdbx_end_PDB_ins_code 
_struct_sheet_range.beg_auth_comp_id 
_struct_sheet_range.beg_auth_asym_id 
_struct_sheet_range.beg_auth_seq_id 
_struct_sheet_range.end_auth_comp_id 
_struct_sheet_range.end_auth_asym_id 
_struct_sheet_range.end_auth_seq_id 
A 1 LEU A 54  ? ALA A 57  ? LEU A 42  ALA A 45  
A 2 ILE A 62  ? LEU A 66  ? ILE A 50  LEU A 54  
A 3 SER A 121 ? THR A 129 ? SER A 109 THR A 117 
A 4 GLN A 101 ? TRP A 112 ? GLN A 89  TRP A 100 
A 5 ALA A 40  ? THR A 48  ? ALA A 28  THR A 36  
A 6 THR A 76  ? VAL A 82  ? THR A 64  VAL A 70  
A 7 ALA A 14  ? VAL A 18  ? ALA A 2   VAL A 6   
A 8 SER A 121 ? THR A 129 ? SER A 109 THR A 117 
# 
loop_
_pdbx_struct_sheet_hbond.sheet_id 
_pdbx_struct_sheet_hbond.range_id_1 
_pdbx_struct_sheet_hbond.range_id_2 
_pdbx_struct_sheet_hbond.range_1_label_atom_id 
_pdbx_struct_sheet_hbond.range_1_label_comp_id 
_pdbx_struct_sheet_hbond.range_1_label_asym_id 
_pdbx_struct_sheet_hbond.range_1_label_seq_id 
_pdbx_struct_sheet_hbond.range_1_PDB_ins_code 
_pdbx_struct_sheet_hbond.range_1_auth_atom_id 
_pdbx_struct_sheet_hbond.range_1_auth_comp_id 
_pdbx_struct_sheet_hbond.range_1_auth_asym_id 
_pdbx_struct_sheet_hbond.range_1_auth_seq_id 
_pdbx_struct_sheet_hbond.range_2_label_atom_id 
_pdbx_struct_sheet_hbond.range_2_label_comp_id 
_pdbx_struct_sheet_hbond.range_2_label_asym_id 
_pdbx_struct_sheet_hbond.range_2_label_seq_id 
_pdbx_struct_sheet_hbond.range_2_PDB_ins_code 
_pdbx_struct_sheet_hbond.range_2_auth_atom_id 
_pdbx_struct_sheet_hbond.range_2_auth_comp_id 
_pdbx_struct_sheet_hbond.range_2_auth_asym_id 
_pdbx_struct_sheet_hbond.range_2_auth_seq_id 
A 1 2 N VAL A 55  ? N VAL A 43  O TRP A 64  ? O TRP A 52  
A 2 3 N LEU A 65  ? N LEU A 53  O THR A 129 ? O THR A 117 
A 3 4 O VAL A 126 ? O VAL A 114 N THR A 103 ? N THR A 91  
A 4 5 O GLN A 108 ? O GLN A 96  N CYS A 47  ? N CYS A 35  
A 5 6 N ARG A 43  ? N ARG A 31  O ILE A 79  ? O ILE A 67  
A 6 7 O VAL A 82  ? O VAL A 70  N ALA A 14  ? N ALA A 2   
A 7 8 N PHE A 17  ? N PHE A 5   O PHE A 125 ? O PHE A 113 
# 
loop_
_struct_site.id 
_struct_site.pdbx_evidence_code 
_struct_site.pdbx_auth_asym_id 
_struct_site.pdbx_auth_comp_id 
_struct_site.pdbx_auth_seq_id 
_struct_site.pdbx_auth_ins_code 
_struct_site.pdbx_num_residues 
_struct_site.details 
AC1 Software A FMT 150 ? 5 'BINDING SITE FOR RESIDUE FMT A 150' 
AC2 Software A FMT 151 ? 7 'BINDING SITE FOR RESIDUE FMT A 151' 
AC3 Software A FMT 152 ? 4 'BINDING SITE FOR RESIDUE FMT A 152' 
# 
loop_
_struct_site_gen.id 
_struct_site_gen.site_id 
_struct_site_gen.pdbx_num_res 
_struct_site_gen.label_comp_id 
_struct_site_gen.label_asym_id 
_struct_site_gen.label_seq_id 
_struct_site_gen.pdbx_auth_ins_code 
_struct_site_gen.auth_comp_id 
_struct_site_gen.auth_asym_id 
_struct_site_gen.auth_seq_id 
_struct_site_gen.label_atom_id 
_struct_site_gen.label_alt_id 
_struct_site_gen.symmetry 
_struct_site_gen.details 
1  AC1 5 ASN A 28  ? ASN A 16  . ? 1_555 ? 
2  AC1 5 GLU A 94  ? GLU A 82  . ? 1_555 ? 
3  AC1 5 TYR A 155 ? TYR A 143 . ? 1_555 ? 
4  AC1 5 ARG A 158 ? ARG A 146 . ? 1_555 ? 
5  AC1 5 HOH E .   ? HOH A 164 . ? 1_555 ? 
6  AC2 7 VAL A 18  ? VAL A 6   . ? 1_555 ? 
7  AC2 7 TYR A 19  ? TYR A 7   . ? 1_555 ? 
8  AC2 7 GLY A 20  ? GLY A 8   . ? 1_555 ? 
9  AC2 7 THR A 21  ? THR A 9   . ? 1_555 ? 
10 AC2 7 LEU A 22  ? LEU A 10  . ? 1_555 ? 
11 AC2 7 HOH E .   ? HOH A 154 . ? 1_555 ? 
12 AC2 7 HOH E .   ? HOH A 167 . ? 1_555 ? 
13 AC3 4 ARG A 24  ? ARG A 12  . ? 1_555 ? 
14 AC3 4 HIS A 29  ? HIS A 17  . ? 1_555 ? 
15 AC3 4 LEU A 33  ? LEU A 21  . ? 1_555 ? 
16 AC3 4 HOH E .   ? HOH A 193 . ? 1_555 ? 
# 
_pdbx_entry_details.entry_id                   1VKB 
_pdbx_entry_details.compound_details           ? 
_pdbx_entry_details.source_details             ? 
_pdbx_entry_details.nonpolymer_details         ? 
_pdbx_entry_details.sequence_details           ? 
_pdbx_entry_details.has_ligand_of_interest     ? 
_pdbx_entry_details.has_protein_modification   Y 
# 
_pdbx_validate_rmsd_angle.id                         1 
_pdbx_validate_rmsd_angle.PDB_model_num              1 
_pdbx_validate_rmsd_angle.auth_atom_id_1             CB 
_pdbx_validate_rmsd_angle.auth_asym_id_1             A 
_pdbx_validate_rmsd_angle.auth_comp_id_1             ASP 
_pdbx_validate_rmsd_angle.auth_seq_id_1              134 
_pdbx_validate_rmsd_angle.PDB_ins_code_1             ? 
_pdbx_validate_rmsd_angle.label_alt_id_1             ? 
_pdbx_validate_rmsd_angle.auth_atom_id_2             CG 
_pdbx_validate_rmsd_angle.auth_asym_id_2             A 
_pdbx_validate_rmsd_angle.auth_comp_id_2             ASP 
_pdbx_validate_rmsd_angle.auth_seq_id_2              134 
_pdbx_validate_rmsd_angle.PDB_ins_code_2             ? 
_pdbx_validate_rmsd_angle.label_alt_id_2             ? 
_pdbx_validate_rmsd_angle.auth_atom_id_3             OD1 
_pdbx_validate_rmsd_angle.auth_asym_id_3             A 
_pdbx_validate_rmsd_angle.auth_comp_id_3             ASP 
_pdbx_validate_rmsd_angle.auth_seq_id_3              134 
_pdbx_validate_rmsd_angle.PDB_ins_code_3             ? 
_pdbx_validate_rmsd_angle.label_alt_id_3             ? 
_pdbx_validate_rmsd_angle.angle_value                124.16 
_pdbx_validate_rmsd_angle.angle_target_value         118.30 
_pdbx_validate_rmsd_angle.angle_deviation            5.86 
_pdbx_validate_rmsd_angle.angle_standard_deviation   0.90 
_pdbx_validate_rmsd_angle.linker_flag                N 
# 
_pdbx_validate_torsion.id              1 
_pdbx_validate_torsion.PDB_model_num   1 
_pdbx_validate_torsion.auth_comp_id    MET 
_pdbx_validate_torsion.auth_asym_id    A 
_pdbx_validate_torsion.auth_seq_id     1 
_pdbx_validate_torsion.PDB_ins_code    ? 
_pdbx_validate_torsion.label_alt_id    ? 
_pdbx_validate_torsion.phi             -123.51 
_pdbx_validate_torsion.psi             -169.58 
# 
_pdbx_SG_project.id                    1 
_pdbx_SG_project.project_name          'PSI, Protein Structure Initiative' 
_pdbx_SG_project.full_name_of_center   'Joint Center for Structural Genomics' 
_pdbx_SG_project.initial_of_center     JCSG 
# 
_pdbx_refine_tls.id               1 
_pdbx_refine_tls.details          . 
_pdbx_refine_tls.method           refined 
_pdbx_refine_tls.origin_x         0.0817 
_pdbx_refine_tls.origin_y         -0.1667 
_pdbx_refine_tls.origin_z         -0.0162 
_pdbx_refine_tls.T[1][1]          -0.0203 
_pdbx_refine_tls.T[2][2]          -0.0286 
_pdbx_refine_tls.T[3][3]          -0.0345 
_pdbx_refine_tls.T[1][2]          0.0016 
_pdbx_refine_tls.T[1][3]          -0.0124 
_pdbx_refine_tls.T[2][3]          -0.0056 
_pdbx_refine_tls.L[1][1]          0.8331 
_pdbx_refine_tls.L[2][2]          0.5558 
_pdbx_refine_tls.L[3][3]          1.6658 
_pdbx_refine_tls.L[1][2]          -0.0081 
_pdbx_refine_tls.L[1][3]          -0.3432 
_pdbx_refine_tls.L[2][3]          0.0193 
_pdbx_refine_tls.S[1][1]          -0.0138 
_pdbx_refine_tls.S[2][2]          -0.0091 
_pdbx_refine_tls.S[3][3]          0.0229 
_pdbx_refine_tls.S[1][2]          0.0058 
_pdbx_refine_tls.S[1][3]          0.0115 
_pdbx_refine_tls.S[2][3]          0.0361 
_pdbx_refine_tls.S[2][1]          0.0569 
_pdbx_refine_tls.S[3][1]          -0.0932 
_pdbx_refine_tls.S[3][2]          -0.0573 
_pdbx_refine_tls.pdbx_refine_id   'X-RAY DIFFRACTION' 
# 
_pdbx_refine_tls_group.id                  1 
_pdbx_refine_tls_group.refine_tls_id       1 
_pdbx_refine_tls_group.beg_label_asym_id   A 
_pdbx_refine_tls_group.beg_label_seq_id    11 
_pdbx_refine_tls_group.end_label_asym_id   A 
_pdbx_refine_tls_group.end_label_seq_id    161 
_pdbx_refine_tls_group.selection           ALL 
_pdbx_refine_tls_group.beg_auth_asym_id    A 
_pdbx_refine_tls_group.beg_auth_seq_id     -1 
_pdbx_refine_tls_group.end_auth_asym_id    A 
_pdbx_refine_tls_group.end_auth_seq_id     149 
_pdbx_refine_tls_group.pdbx_refine_id      'X-RAY DIFFRACTION' 
_pdbx_refine_tls_group.selection_details   ? 
# 
loop_
_pdbx_unobs_or_zero_occ_residues.id 
_pdbx_unobs_or_zero_occ_residues.PDB_model_num 
_pdbx_unobs_or_zero_occ_residues.polymer_flag 
_pdbx_unobs_or_zero_occ_residues.occupancy_flag 
_pdbx_unobs_or_zero_occ_residues.auth_asym_id 
_pdbx_unobs_or_zero_occ_residues.auth_comp_id 
_pdbx_unobs_or_zero_occ_residues.auth_seq_id 
_pdbx_unobs_or_zero_occ_residues.PDB_ins_code 
_pdbx_unobs_or_zero_occ_residues.label_asym_id 
_pdbx_unobs_or_zero_occ_residues.label_comp_id 
_pdbx_unobs_or_zero_occ_residues.label_seq_id 
1  1 Y 1 A MET -11 ? A MET 1   
2  1 Y 1 A GLY -10 ? A GLY 2   
3  1 Y 1 A SER -9  ? A SER 3   
4  1 Y 1 A ASP -8  ? A ASP 4   
5  1 Y 1 A LYS -7  ? A LYS 5   
6  1 Y 1 A ILE -6  ? A ILE 6   
7  1 Y 1 A HIS -5  ? A HIS 7   
8  1 Y 1 A HIS -4  ? A HIS 8   
9  1 Y 1 A HIS -3  ? A HIS 9   
10 1 Y 1 A HIS -2  ? A HIS 10  
11 1 Y 1 A GLY 102 ? A GLY 114 
12 1 Y 1 A ASP 103 ? A ASP 115 
13 1 Y 1 A GLY 104 ? A GLY 116 
# 
loop_
_chem_comp_atom.comp_id 
_chem_comp_atom.atom_id 
_chem_comp_atom.type_symbol 
_chem_comp_atom.pdbx_aromatic_flag 
_chem_comp_atom.pdbx_stereo_config 
_chem_comp_atom.pdbx_ordinal 
ALA N    N N N 1   
ALA CA   C N S 2   
ALA C    C N N 3   
ALA O    O N N 4   
ALA CB   C N N 5   
ALA OXT  O N N 6   
ALA H    H N N 7   
ALA H2   H N N 8   
ALA HA   H N N 9   
ALA HB1  H N N 10  
ALA HB2  H N N 11  
ALA HB3  H N N 12  
ALA HXT  H N N 13  
ARG N    N N N 14  
ARG CA   C N S 15  
ARG C    C N N 16  
ARG O    O N N 17  
ARG CB   C N N 18  
ARG CG   C N N 19  
ARG CD   C N N 20  
ARG NE   N N N 21  
ARG CZ   C N N 22  
ARG NH1  N N N 23  
ARG NH2  N N N 24  
ARG OXT  O N N 25  
ARG H    H N N 26  
ARG H2   H N N 27  
ARG HA   H N N 28  
ARG HB2  H N N 29  
ARG HB3  H N N 30  
ARG HG2  H N N 31  
ARG HG3  H N N 32  
ARG HD2  H N N 33  
ARG HD3  H N N 34  
ARG HE   H N N 35  
ARG HH11 H N N 36  
ARG HH12 H N N 37  
ARG HH21 H N N 38  
ARG HH22 H N N 39  
ARG HXT  H N N 40  
ASN N    N N N 41  
ASN CA   C N S 42  
ASN C    C N N 43  
ASN O    O N N 44  
ASN CB   C N N 45  
ASN CG   C N N 46  
ASN OD1  O N N 47  
ASN ND2  N N N 48  
ASN OXT  O N N 49  
ASN H    H N N 50  
ASN H2   H N N 51  
ASN HA   H N N 52  
ASN HB2  H N N 53  
ASN HB3  H N N 54  
ASN HD21 H N N 55  
ASN HD22 H N N 56  
ASN HXT  H N N 57  
ASP N    N N N 58  
ASP CA   C N S 59  
ASP C    C N N 60  
ASP O    O N N 61  
ASP CB   C N N 62  
ASP CG   C N N 63  
ASP OD1  O N N 64  
ASP OD2  O N N 65  
ASP OXT  O N N 66  
ASP H    H N N 67  
ASP H2   H N N 68  
ASP HA   H N N 69  
ASP HB2  H N N 70  
ASP HB3  H N N 71  
ASP HD2  H N N 72  
ASP HXT  H N N 73  
CYS N    N N N 74  
CYS CA   C N R 75  
CYS C    C N N 76  
CYS O    O N N 77  
CYS CB   C N N 78  
CYS SG   S N N 79  
CYS OXT  O N N 80  
CYS H    H N N 81  
CYS H2   H N N 82  
CYS HA   H N N 83  
CYS HB2  H N N 84  
CYS HB3  H N N 85  
CYS HG   H N N 86  
CYS HXT  H N N 87  
FMT C    C N N 88  
FMT O1   O N N 89  
FMT O2   O N N 90  
FMT H    H N N 91  
FMT HO2  H N N 92  
GLN N    N N N 93  
GLN CA   C N S 94  
GLN C    C N N 95  
GLN O    O N N 96  
GLN CB   C N N 97  
GLN CG   C N N 98  
GLN CD   C N N 99  
GLN OE1  O N N 100 
GLN NE2  N N N 101 
GLN OXT  O N N 102 
GLN H    H N N 103 
GLN H2   H N N 104 
GLN HA   H N N 105 
GLN HB2  H N N 106 
GLN HB3  H N N 107 
GLN HG2  H N N 108 
GLN HG3  H N N 109 
GLN HE21 H N N 110 
GLN HE22 H N N 111 
GLN HXT  H N N 112 
GLU N    N N N 113 
GLU CA   C N S 114 
GLU C    C N N 115 
GLU O    O N N 116 
GLU CB   C N N 117 
GLU CG   C N N 118 
GLU CD   C N N 119 
GLU OE1  O N N 120 
GLU OE2  O N N 121 
GLU OXT  O N N 122 
GLU H    H N N 123 
GLU H2   H N N 124 
GLU HA   H N N 125 
GLU HB2  H N N 126 
GLU HB3  H N N 127 
GLU HG2  H N N 128 
GLU HG3  H N N 129 
GLU HE2  H N N 130 
GLU HXT  H N N 131 
GLY N    N N N 132 
GLY CA   C N N 133 
GLY C    C N N 134 
GLY O    O N N 135 
GLY OXT  O N N 136 
GLY H    H N N 137 
GLY H2   H N N 138 
GLY HA2  H N N 139 
GLY HA3  H N N 140 
GLY HXT  H N N 141 
HIS N    N N N 142 
HIS CA   C N S 143 
HIS C    C N N 144 
HIS O    O N N 145 
HIS CB   C N N 146 
HIS CG   C Y N 147 
HIS ND1  N Y N 148 
HIS CD2  C Y N 149 
HIS CE1  C Y N 150 
HIS NE2  N Y N 151 
HIS OXT  O N N 152 
HIS H    H N N 153 
HIS H2   H N N 154 
HIS HA   H N N 155 
HIS HB2  H N N 156 
HIS HB3  H N N 157 
HIS HD1  H N N 158 
HIS HD2  H N N 159 
HIS HE1  H N N 160 
HIS HE2  H N N 161 
HIS HXT  H N N 162 
HOH O    O N N 163 
HOH H1   H N N 164 
HOH H2   H N N 165 
ILE N    N N N 166 
ILE CA   C N S 167 
ILE C    C N N 168 
ILE O    O N N 169 
ILE CB   C N S 170 
ILE CG1  C N N 171 
ILE CG2  C N N 172 
ILE CD1  C N N 173 
ILE OXT  O N N 174 
ILE H    H N N 175 
ILE H2   H N N 176 
ILE HA   H N N 177 
ILE HB   H N N 178 
ILE HG12 H N N 179 
ILE HG13 H N N 180 
ILE HG21 H N N 181 
ILE HG22 H N N 182 
ILE HG23 H N N 183 
ILE HD11 H N N 184 
ILE HD12 H N N 185 
ILE HD13 H N N 186 
ILE HXT  H N N 187 
LEU N    N N N 188 
LEU CA   C N S 189 
LEU C    C N N 190 
LEU O    O N N 191 
LEU CB   C N N 192 
LEU CG   C N N 193 
LEU CD1  C N N 194 
LEU CD2  C N N 195 
LEU OXT  O N N 196 
LEU H    H N N 197 
LEU H2   H N N 198 
LEU HA   H N N 199 
LEU HB2  H N N 200 
LEU HB3  H N N 201 
LEU HG   H N N 202 
LEU HD11 H N N 203 
LEU HD12 H N N 204 
LEU HD13 H N N 205 
LEU HD21 H N N 206 
LEU HD22 H N N 207 
LEU HD23 H N N 208 
LEU HXT  H N N 209 
LYS N    N N N 210 
LYS CA   C N S 211 
LYS C    C N N 212 
LYS O    O N N 213 
LYS CB   C N N 214 
LYS CG   C N N 215 
LYS CD   C N N 216 
LYS CE   C N N 217 
LYS NZ   N N N 218 
LYS OXT  O N N 219 
LYS H    H N N 220 
LYS H2   H N N 221 
LYS HA   H N N 222 
LYS HB2  H N N 223 
LYS HB3  H N N 224 
LYS HG2  H N N 225 
LYS HG3  H N N 226 
LYS HD2  H N N 227 
LYS HD3  H N N 228 
LYS HE2  H N N 229 
LYS HE3  H N N 230 
LYS HZ1  H N N 231 
LYS HZ2  H N N 232 
LYS HZ3  H N N 233 
LYS HXT  H N N 234 
MET N    N N N 235 
MET CA   C N S 236 
MET C    C N N 237 
MET O    O N N 238 
MET CB   C N N 239 
MET CG   C N N 240 
MET SD   S N N 241 
MET CE   C N N 242 
MET OXT  O N N 243 
MET H    H N N 244 
MET H2   H N N 245 
MET HA   H N N 246 
MET HB2  H N N 247 
MET HB3  H N N 248 
MET HG2  H N N 249 
MET HG3  H N N 250 
MET HE1  H N N 251 
MET HE2  H N N 252 
MET HE3  H N N 253 
MET HXT  H N N 254 
PHE N    N N N 255 
PHE CA   C N S 256 
PHE C    C N N 257 
PHE O    O N N 258 
PHE CB   C N N 259 
PHE CG   C Y N 260 
PHE CD1  C Y N 261 
PHE CD2  C Y N 262 
PHE CE1  C Y N 263 
PHE CE2  C Y N 264 
PHE CZ   C Y N 265 
PHE OXT  O N N 266 
PHE H    H N N 267 
PHE H2   H N N 268 
PHE HA   H N N 269 
PHE HB2  H N N 270 
PHE HB3  H N N 271 
PHE HD1  H N N 272 
PHE HD2  H N N 273 
PHE HE1  H N N 274 
PHE HE2  H N N 275 
PHE HZ   H N N 276 
PHE HXT  H N N 277 
PRO N    N N N 278 
PRO CA   C N S 279 
PRO C    C N N 280 
PRO O    O N N 281 
PRO CB   C N N 282 
PRO CG   C N N 283 
PRO CD   C N N 284 
PRO OXT  O N N 285 
PRO H    H N N 286 
PRO HA   H N N 287 
PRO HB2  H N N 288 
PRO HB3  H N N 289 
PRO HG2  H N N 290 
PRO HG3  H N N 291 
PRO HD2  H N N 292 
PRO HD3  H N N 293 
PRO HXT  H N N 294 
SER N    N N N 295 
SER CA   C N S 296 
SER C    C N N 297 
SER O    O N N 298 
SER CB   C N N 299 
SER OG   O N N 300 
SER OXT  O N N 301 
SER H    H N N 302 
SER H2   H N N 303 
SER HA   H N N 304 
SER HB2  H N N 305 
SER HB3  H N N 306 
SER HG   H N N 307 
SER HXT  H N N 308 
THR N    N N N 309 
THR CA   C N S 310 
THR C    C N N 311 
THR O    O N N 312 
THR CB   C N R 313 
THR OG1  O N N 314 
THR CG2  C N N 315 
THR OXT  O N N 316 
THR H    H N N 317 
THR H2   H N N 318 
THR HA   H N N 319 
THR HB   H N N 320 
THR HG1  H N N 321 
THR HG21 H N N 322 
THR HG22 H N N 323 
THR HG23 H N N 324 
THR HXT  H N N 325 
TRP N    N N N 326 
TRP CA   C N S 327 
TRP C    C N N 328 
TRP O    O N N 329 
TRP CB   C N N 330 
TRP CG   C Y N 331 
TRP CD1  C Y N 332 
TRP CD2  C Y N 333 
TRP NE1  N Y N 334 
TRP CE2  C Y N 335 
TRP CE3  C Y N 336 
TRP CZ2  C Y N 337 
TRP CZ3  C Y N 338 
TRP CH2  C Y N 339 
TRP OXT  O N N 340 
TRP H    H N N 341 
TRP H2   H N N 342 
TRP HA   H N N 343 
TRP HB2  H N N 344 
TRP HB3  H N N 345 
TRP HD1  H N N 346 
TRP HE1  H N N 347 
TRP HE3  H N N 348 
TRP HZ2  H N N 349 
TRP HZ3  H N N 350 
TRP HH2  H N N 351 
TRP HXT  H N N 352 
TYR N    N N N 353 
TYR CA   C N S 354 
TYR C    C N N 355 
TYR O    O N N 356 
TYR CB   C N N 357 
TYR CG   C Y N 358 
TYR CD1  C Y N 359 
TYR CD2  C Y N 360 
TYR CE1  C Y N 361 
TYR CE2  C Y N 362 
TYR CZ   C Y N 363 
TYR OH   O N N 364 
TYR OXT  O N N 365 
TYR H    H N N 366 
TYR H2   H N N 367 
TYR HA   H N N 368 
TYR HB2  H N N 369 
TYR HB3  H N N 370 
TYR HD1  H N N 371 
TYR HD2  H N N 372 
TYR HE1  H N N 373 
TYR HE2  H N N 374 
TYR HH   H N N 375 
TYR HXT  H N N 376 
VAL N    N N N 377 
VAL CA   C N S 378 
VAL C    C N N 379 
VAL O    O N N 380 
VAL CB   C N N 381 
VAL CG1  C N N 382 
VAL CG2  C N N 383 
VAL OXT  O N N 384 
VAL H    H N N 385 
VAL H2   H N N 386 
VAL HA   H N N 387 
VAL HB   H N N 388 
VAL HG11 H N N 389 
VAL HG12 H N N 390 
VAL HG13 H N N 391 
VAL HG21 H N N 392 
VAL HG22 H N N 393 
VAL HG23 H N N 394 
VAL HXT  H N N 395 
# 
loop_
_chem_comp_bond.comp_id 
_chem_comp_bond.atom_id_1 
_chem_comp_bond.atom_id_2 
_chem_comp_bond.value_order 
_chem_comp_bond.pdbx_aromatic_flag 
_chem_comp_bond.pdbx_stereo_config 
_chem_comp_bond.pdbx_ordinal 
ALA N   CA   sing N N 1   
ALA N   H    sing N N 2   
ALA N   H2   sing N N 3   
ALA CA  C    sing N N 4   
ALA CA  CB   sing N N 5   
ALA CA  HA   sing N N 6   
ALA C   O    doub N N 7   
ALA C   OXT  sing N N 8   
ALA CB  HB1  sing N N 9   
ALA CB  HB2  sing N N 10  
ALA CB  HB3  sing N N 11  
ALA OXT HXT  sing N N 12  
ARG N   CA   sing N N 13  
ARG N   H    sing N N 14  
ARG N   H2   sing N N 15  
ARG CA  C    sing N N 16  
ARG CA  CB   sing N N 17  
ARG CA  HA   sing N N 18  
ARG C   O    doub N N 19  
ARG C   OXT  sing N N 20  
ARG CB  CG   sing N N 21  
ARG CB  HB2  sing N N 22  
ARG CB  HB3  sing N N 23  
ARG CG  CD   sing N N 24  
ARG CG  HG2  sing N N 25  
ARG CG  HG3  sing N N 26  
ARG CD  NE   sing N N 27  
ARG CD  HD2  sing N N 28  
ARG CD  HD3  sing N N 29  
ARG NE  CZ   sing N N 30  
ARG NE  HE   sing N N 31  
ARG CZ  NH1  sing N N 32  
ARG CZ  NH2  doub N N 33  
ARG NH1 HH11 sing N N 34  
ARG NH1 HH12 sing N N 35  
ARG NH2 HH21 sing N N 36  
ARG NH2 HH22 sing N N 37  
ARG OXT HXT  sing N N 38  
ASN N   CA   sing N N 39  
ASN N   H    sing N N 40  
ASN N   H2   sing N N 41  
ASN CA  C    sing N N 42  
ASN CA  CB   sing N N 43  
ASN CA  HA   sing N N 44  
ASN C   O    doub N N 45  
ASN C   OXT  sing N N 46  
ASN CB  CG   sing N N 47  
ASN CB  HB2  sing N N 48  
ASN CB  HB3  sing N N 49  
ASN CG  OD1  doub N N 50  
ASN CG  ND2  sing N N 51  
ASN ND2 HD21 sing N N 52  
ASN ND2 HD22 sing N N 53  
ASN OXT HXT  sing N N 54  
ASP N   CA   sing N N 55  
ASP N   H    sing N N 56  
ASP N   H2   sing N N 57  
ASP CA  C    sing N N 58  
ASP CA  CB   sing N N 59  
ASP CA  HA   sing N N 60  
ASP C   O    doub N N 61  
ASP C   OXT  sing N N 62  
ASP CB  CG   sing N N 63  
ASP CB  HB2  sing N N 64  
ASP CB  HB3  sing N N 65  
ASP CG  OD1  doub N N 66  
ASP CG  OD2  sing N N 67  
ASP OD2 HD2  sing N N 68  
ASP OXT HXT  sing N N 69  
CYS N   CA   sing N N 70  
CYS N   H    sing N N 71  
CYS N   H2   sing N N 72  
CYS CA  C    sing N N 73  
CYS CA  CB   sing N N 74  
CYS CA  HA   sing N N 75  
CYS C   O    doub N N 76  
CYS C   OXT  sing N N 77  
CYS CB  SG   sing N N 78  
CYS CB  HB2  sing N N 79  
CYS CB  HB3  sing N N 80  
CYS SG  HG   sing N N 81  
CYS OXT HXT  sing N N 82  
FMT C   O1   doub N N 83  
FMT C   O2   sing N N 84  
FMT C   H    sing N N 85  
FMT O2  HO2  sing N N 86  
GLN N   CA   sing N N 87  
GLN N   H    sing N N 88  
GLN N   H2   sing N N 89  
GLN CA  C    sing N N 90  
GLN CA  CB   sing N N 91  
GLN CA  HA   sing N N 92  
GLN C   O    doub N N 93  
GLN C   OXT  sing N N 94  
GLN CB  CG   sing N N 95  
GLN CB  HB2  sing N N 96  
GLN CB  HB3  sing N N 97  
GLN CG  CD   sing N N 98  
GLN CG  HG2  sing N N 99  
GLN CG  HG3  sing N N 100 
GLN CD  OE1  doub N N 101 
GLN CD  NE2  sing N N 102 
GLN NE2 HE21 sing N N 103 
GLN NE2 HE22 sing N N 104 
GLN OXT HXT  sing N N 105 
GLU N   CA   sing N N 106 
GLU N   H    sing N N 107 
GLU N   H2   sing N N 108 
GLU CA  C    sing N N 109 
GLU CA  CB   sing N N 110 
GLU CA  HA   sing N N 111 
GLU C   O    doub N N 112 
GLU C   OXT  sing N N 113 
GLU CB  CG   sing N N 114 
GLU CB  HB2  sing N N 115 
GLU CB  HB3  sing N N 116 
GLU CG  CD   sing N N 117 
GLU CG  HG2  sing N N 118 
GLU CG  HG3  sing N N 119 
GLU CD  OE1  doub N N 120 
GLU CD  OE2  sing N N 121 
GLU OE2 HE2  sing N N 122 
GLU OXT HXT  sing N N 123 
GLY N   CA   sing N N 124 
GLY N   H    sing N N 125 
GLY N   H2   sing N N 126 
GLY CA  C    sing N N 127 
GLY CA  HA2  sing N N 128 
GLY CA  HA3  sing N N 129 
GLY C   O    doub N N 130 
GLY C   OXT  sing N N 131 
GLY OXT HXT  sing N N 132 
HIS N   CA   sing N N 133 
HIS N   H    sing N N 134 
HIS N   H2   sing N N 135 
HIS CA  C    sing N N 136 
HIS CA  CB   sing N N 137 
HIS CA  HA   sing N N 138 
HIS C   O    doub N N 139 
HIS C   OXT  sing N N 140 
HIS CB  CG   sing N N 141 
HIS CB  HB2  sing N N 142 
HIS CB  HB3  sing N N 143 
HIS CG  ND1  sing Y N 144 
HIS CG  CD2  doub Y N 145 
HIS ND1 CE1  doub Y N 146 
HIS ND1 HD1  sing N N 147 
HIS CD2 NE2  sing Y N 148 
HIS CD2 HD2  sing N N 149 
HIS CE1 NE2  sing Y N 150 
HIS CE1 HE1  sing N N 151 
HIS NE2 HE2  sing N N 152 
HIS OXT HXT  sing N N 153 
HOH O   H1   sing N N 154 
HOH O   H2   sing N N 155 
ILE N   CA   sing N N 156 
ILE N   H    sing N N 157 
ILE N   H2   sing N N 158 
ILE CA  C    sing N N 159 
ILE CA  CB   sing N N 160 
ILE CA  HA   sing N N 161 
ILE C   O    doub N N 162 
ILE C   OXT  sing N N 163 
ILE CB  CG1  sing N N 164 
ILE CB  CG2  sing N N 165 
ILE CB  HB   sing N N 166 
ILE CG1 CD1  sing N N 167 
ILE CG1 HG12 sing N N 168 
ILE CG1 HG13 sing N N 169 
ILE CG2 HG21 sing N N 170 
ILE CG2 HG22 sing N N 171 
ILE CG2 HG23 sing N N 172 
ILE CD1 HD11 sing N N 173 
ILE CD1 HD12 sing N N 174 
ILE CD1 HD13 sing N N 175 
ILE OXT HXT  sing N N 176 
LEU N   CA   sing N N 177 
LEU N   H    sing N N 178 
LEU N   H2   sing N N 179 
LEU CA  C    sing N N 180 
LEU CA  CB   sing N N 181 
LEU CA  HA   sing N N 182 
LEU C   O    doub N N 183 
LEU C   OXT  sing N N 184 
LEU CB  CG   sing N N 185 
LEU CB  HB2  sing N N 186 
LEU CB  HB3  sing N N 187 
LEU CG  CD1  sing N N 188 
LEU CG  CD2  sing N N 189 
LEU CG  HG   sing N N 190 
LEU CD1 HD11 sing N N 191 
LEU CD1 HD12 sing N N 192 
LEU CD1 HD13 sing N N 193 
LEU CD2 HD21 sing N N 194 
LEU CD2 HD22 sing N N 195 
LEU CD2 HD23 sing N N 196 
LEU OXT HXT  sing N N 197 
LYS N   CA   sing N N 198 
LYS N   H    sing N N 199 
LYS N   H2   sing N N 200 
LYS CA  C    sing N N 201 
LYS CA  CB   sing N N 202 
LYS CA  HA   sing N N 203 
LYS C   O    doub N N 204 
LYS C   OXT  sing N N 205 
LYS CB  CG   sing N N 206 
LYS CB  HB2  sing N N 207 
LYS CB  HB3  sing N N 208 
LYS CG  CD   sing N N 209 
LYS CG  HG2  sing N N 210 
LYS CG  HG3  sing N N 211 
LYS CD  CE   sing N N 212 
LYS CD  HD2  sing N N 213 
LYS CD  HD3  sing N N 214 
LYS CE  NZ   sing N N 215 
LYS CE  HE2  sing N N 216 
LYS CE  HE3  sing N N 217 
LYS NZ  HZ1  sing N N 218 
LYS NZ  HZ2  sing N N 219 
LYS NZ  HZ3  sing N N 220 
LYS OXT HXT  sing N N 221 
MET N   CA   sing N N 222 
MET N   H    sing N N 223 
MET N   H2   sing N N 224 
MET CA  C    sing N N 225 
MET CA  CB   sing N N 226 
MET CA  HA   sing N N 227 
MET C   O    doub N N 228 
MET C   OXT  sing N N 229 
MET CB  CG   sing N N 230 
MET CB  HB2  sing N N 231 
MET CB  HB3  sing N N 232 
MET CG  SD   sing N N 233 
MET CG  HG2  sing N N 234 
MET CG  HG3  sing N N 235 
MET SD  CE   sing N N 236 
MET CE  HE1  sing N N 237 
MET CE  HE2  sing N N 238 
MET CE  HE3  sing N N 239 
MET OXT HXT  sing N N 240 
PHE N   CA   sing N N 241 
PHE N   H    sing N N 242 
PHE N   H2   sing N N 243 
PHE CA  C    sing N N 244 
PHE CA  CB   sing N N 245 
PHE CA  HA   sing N N 246 
PHE C   O    doub N N 247 
PHE C   OXT  sing N N 248 
PHE CB  CG   sing N N 249 
PHE CB  HB2  sing N N 250 
PHE CB  HB3  sing N N 251 
PHE CG  CD1  doub Y N 252 
PHE CG  CD2  sing Y N 253 
PHE CD1 CE1  sing Y N 254 
PHE CD1 HD1  sing N N 255 
PHE CD2 CE2  doub Y N 256 
PHE CD2 HD2  sing N N 257 
PHE CE1 CZ   doub Y N 258 
PHE CE1 HE1  sing N N 259 
PHE CE2 CZ   sing Y N 260 
PHE CE2 HE2  sing N N 261 
PHE CZ  HZ   sing N N 262 
PHE OXT HXT  sing N N 263 
PRO N   CA   sing N N 264 
PRO N   CD   sing N N 265 
PRO N   H    sing N N 266 
PRO CA  C    sing N N 267 
PRO CA  CB   sing N N 268 
PRO CA  HA   sing N N 269 
PRO C   O    doub N N 270 
PRO C   OXT  sing N N 271 
PRO CB  CG   sing N N 272 
PRO CB  HB2  sing N N 273 
PRO CB  HB3  sing N N 274 
PRO CG  CD   sing N N 275 
PRO CG  HG2  sing N N 276 
PRO CG  HG3  sing N N 277 
PRO CD  HD2  sing N N 278 
PRO CD  HD3  sing N N 279 
PRO OXT HXT  sing N N 280 
SER N   CA   sing N N 281 
SER N   H    sing N N 282 
SER N   H2   sing N N 283 
SER CA  C    sing N N 284 
SER CA  CB   sing N N 285 
SER CA  HA   sing N N 286 
SER C   O    doub N N 287 
SER C   OXT  sing N N 288 
SER CB  OG   sing N N 289 
SER CB  HB2  sing N N 290 
SER CB  HB3  sing N N 291 
SER OG  HG   sing N N 292 
SER OXT HXT  sing N N 293 
THR N   CA   sing N N 294 
THR N   H    sing N N 295 
THR N   H2   sing N N 296 
THR CA  C    sing N N 297 
THR CA  CB   sing N N 298 
THR CA  HA   sing N N 299 
THR C   O    doub N N 300 
THR C   OXT  sing N N 301 
THR CB  OG1  sing N N 302 
THR CB  CG2  sing N N 303 
THR CB  HB   sing N N 304 
THR OG1 HG1  sing N N 305 
THR CG2 HG21 sing N N 306 
THR CG2 HG22 sing N N 307 
THR CG2 HG23 sing N N 308 
THR OXT HXT  sing N N 309 
TRP N   CA   sing N N 310 
TRP N   H    sing N N 311 
TRP N   H2   sing N N 312 
TRP CA  C    sing N N 313 
TRP CA  CB   sing N N 314 
TRP CA  HA   sing N N 315 
TRP C   O    doub N N 316 
TRP C   OXT  sing N N 317 
TRP CB  CG   sing N N 318 
TRP CB  HB2  sing N N 319 
TRP CB  HB3  sing N N 320 
TRP CG  CD1  doub Y N 321 
TRP CG  CD2  sing Y N 322 
TRP CD1 NE1  sing Y N 323 
TRP CD1 HD1  sing N N 324 
TRP CD2 CE2  doub Y N 325 
TRP CD2 CE3  sing Y N 326 
TRP NE1 CE2  sing Y N 327 
TRP NE1 HE1  sing N N 328 
TRP CE2 CZ2  sing Y N 329 
TRP CE3 CZ3  doub Y N 330 
TRP CE3 HE3  sing N N 331 
TRP CZ2 CH2  doub Y N 332 
TRP CZ2 HZ2  sing N N 333 
TRP CZ3 CH2  sing Y N 334 
TRP CZ3 HZ3  sing N N 335 
TRP CH2 HH2  sing N N 336 
TRP OXT HXT  sing N N 337 
TYR N   CA   sing N N 338 
TYR N   H    sing N N 339 
TYR N   H2   sing N N 340 
TYR CA  C    sing N N 341 
TYR CA  CB   sing N N 342 
TYR CA  HA   sing N N 343 
TYR C   O    doub N N 344 
TYR C   OXT  sing N N 345 
TYR CB  CG   sing N N 346 
TYR CB  HB2  sing N N 347 
TYR CB  HB3  sing N N 348 
TYR CG  CD1  doub Y N 349 
TYR CG  CD2  sing Y N 350 
TYR CD1 CE1  sing Y N 351 
TYR CD1 HD1  sing N N 352 
TYR CD2 CE2  doub Y N 353 
TYR CD2 HD2  sing N N 354 
TYR CE1 CZ   doub Y N 355 
TYR CE1 HE1  sing N N 356 
TYR CE2 CZ   sing Y N 357 
TYR CE2 HE2  sing N N 358 
TYR CZ  OH   sing N N 359 
TYR OH  HH   sing N N 360 
TYR OXT HXT  sing N N 361 
VAL N   CA   sing N N 362 
VAL N   H    sing N N 363 
VAL N   H2   sing N N 364 
VAL CA  C    sing N N 365 
VAL CA  CB   sing N N 366 
VAL CA  HA   sing N N 367 
VAL C   O    doub N N 368 
VAL C   OXT  sing N N 369 
VAL CB  CG1  sing N N 370 
VAL CB  CG2  sing N N 371 
VAL CB  HB   sing N N 372 
VAL CG1 HG11 sing N N 373 
VAL CG1 HG12 sing N N 374 
VAL CG1 HG13 sing N N 375 
VAL CG2 HG21 sing N N 376 
VAL CG2 HG22 sing N N 377 
VAL CG2 HG23 sing N N 378 
VAL OXT HXT  sing N N 379 
# 
_atom_sites.entry_id                    1VKB 
_atom_sites.fract_transf_matrix[1][1]   0.01252624 
_atom_sites.fract_transf_matrix[1][2]   -0.00493020 
_atom_sites.fract_transf_matrix[1][3]   0.00034913 
_atom_sites.fract_transf_matrix[2][1]   0.00439619 
_atom_sites.fract_transf_matrix[2][2]   -0.00792721 
_atom_sites.fract_transf_matrix[2][3]   -0.00995956 
_atom_sites.fract_transf_matrix[3][1]   0.00770630 
_atom_sites.fract_transf_matrix[3][2]   0.01876283 
_atom_sites.fract_transf_matrix[3][3]   -0.01153249 
_atom_sites.fract_transf_vector[1]      0.482336 
_atom_sites.fract_transf_vector[2]      0.349243 
_atom_sites.fract_transf_vector[3]      0.000351 
# 
loop_
_atom_type.symbol 
C 
N 
O 
S 
# 
loop_
_atom_site.group_PDB 
_atom_site.id 
_atom_site.type_symbol 
_atom_site.label_atom_id 
_atom_site.label_alt_id 
_atom_site.label_comp_id 
_atom_site.label_asym_id 
_atom_site.label_entity_id 
_atom_site.label_seq_id 
_atom_site.pdbx_PDB_ins_code 
_atom_site.Cartn_x 
_atom_site.Cartn_y 
_atom_site.Cartn_z 
_atom_site.occupancy 
_atom_site.B_iso_or_equiv 
_atom_site.pdbx_formal_charge 
_atom_site.auth_seq_id 
_atom_site.auth_comp_id 
_atom_site.auth_asym_id 
_atom_site.auth_atom_id 
_atom_site.pdbx_PDB_model_num 
ATOM   1    N N   . HIS A 1 11  ? -7.192  -4.721  23.403  1.00 40.11 ? -1  HIS A N   1 
ATOM   2    C CA  . HIS A 1 11  ? -5.810  -4.328  22.971  1.00 35.84 ? -1  HIS A CA  1 
ATOM   3    C C   . HIS A 1 11  ? -5.863  -3.114  22.041  1.00 32.44 ? -1  HIS A C   1 
ATOM   4    O O   . HIS A 1 11  ? -6.891  -2.800  21.419  1.00 30.78 ? -1  HIS A O   1 
ATOM   5    C CB  . HIS A 1 11  ? -5.111  -5.499  22.282  1.00 34.15 ? -1  HIS A CB  1 
ATOM   6    N N   . HIS A 1 12  ? -4.742  -2.426  21.928  1.00 28.18 ? 0   HIS A N   1 
ATOM   7    C CA  . HIS A 1 12  ? -4.680  -1.322  21.014  1.00 21.15 ? 0   HIS A CA  1 
ATOM   8    C C   . HIS A 1 12  ? -4.702  -1.873  19.572  1.00 22.77 ? 0   HIS A C   1 
ATOM   9    O O   . HIS A 1 12  ? -4.500  -3.063  19.317  1.00 24.51 ? 0   HIS A O   1 
ATOM   10   C CB  . HIS A 1 12  ? -3.449  -0.481  21.303  1.00 20.48 ? 0   HIS A CB  1 
ATOM   11   C CG  . HIS A 1 12  ? -2.189  -1.071  20.779  1.00 16.52 ? 0   HIS A CG  1 
ATOM   12   N ND1 . HIS A 1 12  ? -1.767  -0.865  19.475  1.00 17.12 ? 0   HIS A ND1 1 
ATOM   13   C CD2 . HIS A 1 12  ? -1.267  -1.873  21.356  1.00 17.62 ? 0   HIS A CD2 1 
ATOM   14   C CE1 . HIS A 1 12  ? -0.619  -1.493  19.294  1.00 13.28 ? 0   HIS A CE1 1 
ATOM   15   N NE2 . HIS A 1 12  ? -0.309  -2.135  20.407  1.00 11.41 ? 0   HIS A NE2 1 
ATOM   16   N N   . MET A 1 13  ? -4.919  -0.998  18.628  1.00 19.01 ? 1   MET A N   1 
ATOM   17   C CA  . MET A 1 13  ? -4.938  -1.390  17.224  1.00 16.60 ? 1   MET A CA  1 
ATOM   18   C C   . MET A 1 13  ? -3.890  -0.515  16.547  1.00 17.01 ? 1   MET A C   1 
ATOM   19   O O   . MET A 1 13  ? -3.142  0.211   17.239  1.00 16.45 ? 1   MET A O   1 
ATOM   20   C CB  A MET A 1 13  ? -6.344  -1.084  16.685  0.65 13.71 ? 1   MET A CB  1 
ATOM   21   C CG  A MET A 1 13  ? -7.476  -1.774  17.449  0.65 20.31 ? 1   MET A CG  1 
ATOM   22   S SD  A MET A 1 13  ? -7.438  -3.517  17.072  0.65 23.79 ? 1   MET A SD  1 
ATOM   23   C CE  A MET A 1 13  ? -8.189  -4.252  18.538  0.65 37.14 ? 1   MET A CE  1 
ATOM   24   N N   . ALA A 1 14  ? -3.867  -0.534  15.212  1.00 15.85 ? 2   ALA A N   1 
ATOM   25   C CA  . ALA A 1 14  ? -2.986  0.338   14.445  1.00 12.19 ? 2   ALA A CA  1 
ATOM   26   C C   . ALA A 1 14  ? -3.605  0.724   13.128  1.00 12.80 ? 2   ALA A C   1 
ATOM   27   O O   . ALA A 1 14  ? -4.154  -0.135  12.420  1.00 16.10 ? 2   ALA A O   1 
ATOM   28   C CB  . ALA A 1 14  ? -1.689  -0.374  14.160  1.00 13.50 ? 2   ALA A CB  1 
ATOM   29   N N   . HIS A 1 15  ? -3.441  1.985   12.745  1.00 13.66 ? 3   HIS A N   1 
ATOM   30   C CA  . HIS A 1 15  ? -3.873  2.440   11.446  1.00 12.22 ? 3   HIS A CA  1 
ATOM   31   C C   . HIS A 1 15  ? -2.845  2.107   10.383  1.00 14.53 ? 3   HIS A C   1 
ATOM   32   O O   . HIS A 1 15  ? -1.654  2.304   10.603  1.00 14.27 ? 3   HIS A O   1 
ATOM   33   C CB  . HIS A 1 15  ? -4.130  3.943   11.443  1.00 12.95 ? 3   HIS A CB  1 
ATOM   34   C CG  . HIS A 1 15  ? -5.418  4.333   12.126  1.00 20.01 ? 3   HIS A CG  1 
ATOM   35   N ND1 . HIS A 1 15  ? -5.488  5.310   13.096  1.00 26.03 ? 3   HIS A ND1 1 
ATOM   36   C CD2 . HIS A 1 15  ? -6.673  3.849   11.995  1.00 18.60 ? 3   HIS A CD2 1 
ATOM   37   C CE1 . HIS A 1 15  ? -6.738  5.423   13.524  1.00 21.91 ? 3   HIS A CE1 1 
ATOM   38   N NE2 . HIS A 1 15  ? -7.477  4.538   12.876  1.00 22.31 ? 3   HIS A NE2 1 
ATOM   39   N N   . ILE A 1 16  ? -3.328  1.579   9.260   1.00 14.96 ? 4   ILE A N   1 
ATOM   40   C CA  . ILE A 1 16  ? -2.529  1.368   8.076   1.00 14.88 ? 4   ILE A CA  1 
ATOM   41   C C   . ILE A 1 16  ? -3.176  2.029   6.890   1.00 15.02 ? 4   ILE A C   1 
ATOM   42   O O   . ILE A 1 16  ? -4.397  2.265   6.875   1.00 15.55 ? 4   ILE A O   1 
ATOM   43   C CB  . ILE A 1 16  ? -2.284  -0.140  7.785   1.00 16.71 ? 4   ILE A CB  1 
ATOM   44   C CG1 . ILE A 1 16  ? -3.564  -0.887  7.310   1.00 16.89 ? 4   ILE A CG1 1 
ATOM   45   C CG2 . ILE A 1 16  ? -1.649  -0.877  9.004   1.00 17.58 ? 4   ILE A CG2 1 
ATOM   46   C CD1 . ILE A 1 16  ? -3.208  -2.245  6.803   1.00 19.25 ? 4   ILE A CD1 1 
ATOM   47   N N   . PHE A 1 17  ? -2.356  2.312   5.888   1.00 13.53 ? 5   PHE A N   1 
ATOM   48   C CA  . PHE A 1 17  ? -2.804  2.907   4.644   1.00 14.13 ? 5   PHE A CA  1 
ATOM   49   C C   . PHE A 1 17  ? -2.273  2.023   3.521   1.00 15.71 ? 5   PHE A C   1 
ATOM   50   O O   . PHE A 1 17  ? -1.086  1.805   3.420   1.00 15.49 ? 5   PHE A O   1 
ATOM   51   C CB  . PHE A 1 17  ? -2.246  4.302   4.545   1.00 13.39 ? 5   PHE A CB  1 
ATOM   52   C CG  . PHE A 1 17  ? -2.477  4.995   3.230   1.00 13.80 ? 5   PHE A CG  1 
ATOM   53   C CD1 . PHE A 1 17  ? -3.667  5.649   2.965   1.00 19.57 ? 5   PHE A CD1 1 
ATOM   54   C CD2 . PHE A 1 17  ? -1.461  5.069   2.306   1.00 16.77 ? 5   PHE A CD2 1 
ATOM   55   C CE1 . PHE A 1 17  ? -3.828  6.344   1.758   1.00 16.16 ? 5   PHE A CE1 1 
ATOM   56   C CE2 . PHE A 1 17  ? -1.639  5.758   1.119   1.00 18.45 ? 5   PHE A CE2 1 
ATOM   57   C CZ  . PHE A 1 17  ? -2.794  6.396   0.870   1.00 16.08 ? 5   PHE A CZ  1 
ATOM   58   N N   . VAL A 1 18  ? -3.200  1.495   2.743   1.00 14.85 ? 6   VAL A N   1 
ATOM   59   C CA  . VAL A 1 18  ? -2.921  0.617   1.613   1.00 13.88 ? 6   VAL A CA  1 
ATOM   60   C C   . VAL A 1 18  ? -3.252  1.324   0.303   1.00 14.85 ? 6   VAL A C   1 
ATOM   61   O O   . VAL A 1 18  ? -4.280  2.004   0.159   1.00 14.75 ? 6   VAL A O   1 
ATOM   62   C CB  . VAL A 1 18  ? -3.606  -0.757  1.744   1.00 14.72 ? 6   VAL A CB  1 
ATOM   63   C CG1 . VAL A 1 18  ? -3.071  -1.462  2.994   1.00 16.31 ? 6   VAL A CG1 1 
ATOM   64   C CG2 . VAL A 1 18  ? -5.096  -0.686  1.739   1.00 14.86 ? 6   VAL A CG2 1 
ATOM   65   N N   . TYR A 1 19  ? -2.332  1.187   -0.632  1.00 15.11 ? 7   TYR A N   1 
ATOM   66   C CA  . TYR A 1 19  ? -2.397  1.899   -1.916  1.00 14.82 ? 7   TYR A CA  1 
ATOM   67   C C   . TYR A 1 19  ? -2.414  0.939   -3.093  1.00 16.41 ? 7   TYR A C   1 
ATOM   68   O O   . TYR A 1 19  ? -2.663  1.367   -4.204  1.00 15.30 ? 7   TYR A O   1 
ATOM   69   C CB  . TYR A 1 19  ? -1.196  2.844   -2.065  1.00 15.88 ? 7   TYR A CB  1 
ATOM   70   C CG  . TYR A 1 19  ? 0.119   2.124   -1.951  1.00 11.27 ? 7   TYR A CG  1 
ATOM   71   C CD1 . TYR A 1 19  ? 0.690   1.494   -3.052  1.00 14.91 ? 7   TYR A CD1 1 
ATOM   72   C CD2 . TYR A 1 19  ? 0.791   2.076   -0.732  1.00 14.66 ? 7   TYR A CD2 1 
ATOM   73   C CE1 . TYR A 1 19  ? 1.865   0.800   -2.921  1.00 13.53 ? 7   TYR A CE1 1 
ATOM   74   C CE2 . TYR A 1 19  ? 1.934   1.376   -0.593  1.00 14.72 ? 7   TYR A CE2 1 
ATOM   75   C CZ  . TYR A 1 19  ? 2.485   0.737   -1.711  1.00 14.36 ? 7   TYR A CZ  1 
ATOM   76   O OH  . TYR A 1 19  ? 3.675   0.048   -1.612  1.00 15.84 ? 7   TYR A OH  1 
ATOM   77   N N   . GLY A 1 20  ? -2.088  -0.338  -2.858  1.00 14.76 ? 8   GLY A N   1 
ATOM   78   C CA  . GLY A 1 20  ? -1.879  -1.257  -3.936  1.00 15.37 ? 8   GLY A CA  1 
ATOM   79   C C   . GLY A 1 20  ? -2.885  -2.369  -4.010  1.00 13.80 ? 8   GLY A C   1 
ATOM   80   O O   . GLY A 1 20  ? -4.119  -2.172  -4.047  1.00 14.58 ? 8   GLY A O   1 
ATOM   81   N N   . THR A 1 21  ? -2.345  -3.581  -4.145  1.00 14.08 ? 9   THR A N   1 
ATOM   82   C CA  . THR A 1 21  ? -3.201  -4.776  -4.382  1.00 14.44 ? 9   THR A CA  1 
ATOM   83   C C   . THR A 1 21  ? -4.079  -5.105  -3.183  1.00 14.76 ? 9   THR A C   1 
ATOM   84   O O   . THR A 1 21  ? -4.994  -5.926  -3.287  1.00 14.08 ? 9   THR A O   1 
ATOM   85   C CB  . THR A 1 21  ? -2.386  -6.024  -4.753  1.00 15.02 ? 9   THR A CB  1 
ATOM   86   O OG1 . THR A 1 21  ? -1.604  -6.462  -3.634  1.00 16.48 ? 9   THR A OG1 1 
ATOM   87   C CG2 . THR A 1 21  ? -1.420  -5.738  -5.848  1.00 16.70 ? 9   THR A CG2 1 
ATOM   88   N N   . LEU A 1 22  ? -3.760  -4.510  -2.036  1.00 15.16 ? 10  LEU A N   1 
ATOM   89   C CA  . LEU A 1 22  ? -4.553  -4.683  -0.808  1.00 15.06 ? 10  LEU A CA  1 
ATOM   90   C C   . LEU A 1 22  ? -5.838  -3.872  -0.701  1.00 15.90 ? 10  LEU A C   1 
ATOM   91   O O   . LEU A 1 22  ? -6.680  -4.179  0.145   1.00 16.56 ? 10  LEU A O   1 
ATOM   92   C CB  . LEU A 1 22  ? -3.697  -4.473  0.451   1.00 14.85 ? 10  LEU A CB  1 
ATOM   93   C CG  . LEU A 1 22  ? -2.559  -5.476  0.635   1.00 18.95 ? 10  LEU A CG  1 
ATOM   94   C CD1 . LEU A 1 22  ? -1.641  -5.006  1.764   1.00 19.42 ? 10  LEU A CD1 1 
ATOM   95   C CD2 . LEU A 1 22  ? -3.048  -6.852  0.926   1.00 17.39 ? 10  LEU A CD2 1 
ATOM   96   N N   . LYS A 1 23  ? -6.004  -2.855  -1.540  1.00 15.41 ? 11  LYS A N   1 
ATOM   97   C CA  . LYS A 1 23  ? -7.199  -2.041  -1.556  1.00 14.08 ? 11  LYS A CA  1 
ATOM   98   C C   . LYS A 1 23  ? -8.460  -2.823  -1.925  1.00 16.38 ? 11  LYS A C   1 
ATOM   99   O O   . LYS A 1 23  ? -8.406  -3.819  -2.665  1.00 14.55 ? 11  LYS A O   1 
ATOM   100  C CB  . LYS A 1 23  ? -7.073  -0.902  -2.565  1.00 16.46 ? 11  LYS A CB  1 
ATOM   101  C CG  . LYS A 1 23  ? -6.040  0.187   -2.240  1.00 17.37 ? 11  LYS A CG  1 
ATOM   102  C CD  . LYS A 1 23  ? -6.237  1.444   -3.150  1.00 16.44 ? 11  LYS A CD  1 
ATOM   103  C CE  . LYS A 1 23  ? -6.067  1.126   -4.637  1.00 19.08 ? 11  LYS A CE  1 
ATOM   104  N NZ  . LYS A 1 23  ? -6.227  2.372   -5.483  1.00 14.36 ? 11  LYS A NZ  1 
ATOM   105  N N   . ARG A 1 24  ? -9.609  -2.314  -1.473  1.00 16.82 ? 12  ARG A N   1 
ATOM   106  C CA  . ARG A 1 24  ? -10.909 -2.809  -1.938  1.00 16.04 ? 12  ARG A CA  1 
ATOM   107  C C   . ARG A 1 24  ? -10.908 -2.878  -3.439  1.00 17.13 ? 12  ARG A C   1 
ATOM   108  O O   . ARG A 1 24  ? -10.436 -1.976  -4.118  1.00 17.41 ? 12  ARG A O   1 
ATOM   109  C CB  . ARG A 1 24  ? -12.048 -1.909  -1.483  1.00 19.14 ? 12  ARG A CB  1 
ATOM   110  C CG  . ARG A 1 24  ? -12.392 -2.080  -0.015  1.00 17.90 ? 12  ARG A CG  1 
ATOM   111  C CD  . ARG A 1 24  ? -13.534 -1.220  0.433   1.00 23.06 ? 12  ARG A CD  1 
ATOM   112  N NE  . ARG A 1 24  ? -14.034 -1.674  1.731   1.00 26.91 ? 12  ARG A NE  1 
ATOM   113  C CZ  . ARG A 1 24  ? -15.070 -1.106  2.342   1.00 35.03 ? 12  ARG A CZ  1 
ATOM   114  N NH1 . ARG A 1 24  ? -15.670 -0.063  1.793   1.00 31.06 ? 12  ARG A NH1 1 
ATOM   115  N NH2 . ARG A 1 24  ? -15.484 -1.556  3.506   1.00 29.04 ? 12  ARG A NH2 1 
ATOM   116  N N   . GLY A 1 25  ? -11.380 -3.992  -3.962  1.00 18.40 ? 13  GLY A N   1 
ATOM   117  C CA  . GLY A 1 25  ? -11.480 -4.142  -5.387  1.00 18.38 ? 13  GLY A CA  1 
ATOM   118  C C   . GLY A 1 25  ? -10.211 -4.468  -6.108  1.00 18.66 ? 13  GLY A C   1 
ATOM   119  O O   . GLY A 1 25  ? -10.216 -4.566  -7.356  1.00 20.46 ? 13  GLY A O   1 
ATOM   120  N N   . GLN A 1 26  ? -9.119  -4.622  -5.371  1.00 17.92 ? 14  GLN A N   1 
ATOM   121  C CA  . GLN A 1 26  ? -7.833  -4.957  -5.960  1.00 13.89 ? 14  GLN A CA  1 
ATOM   122  C C   . GLN A 1 26  ? -7.445  -6.424  -5.653  1.00 17.64 ? 14  GLN A C   1 
ATOM   123  O O   . GLN A 1 26  ? -8.058  -7.082  -4.771  1.00 14.68 ? 14  GLN A O   1 
ATOM   124  C CB  . GLN A 1 26  ? -6.778  -3.935  -5.531  1.00 11.72 ? 14  GLN A CB  1 
ATOM   125  C CG  . GLN A 1 26  ? -7.090  -2.515  -6.072  1.00 15.89 ? 14  GLN A CG  1 
ATOM   126  C CD  . GLN A 1 26  ? -7.127  -2.465  -7.565  1.00 20.38 ? 14  GLN A CD  1 
ATOM   127  O OE1 . GLN A 1 26  ? -6.287  -3.066  -8.189  1.00 16.21 ? 14  GLN A OE1 1 
ATOM   128  N NE2 . GLN A 1 26  ? -8.058  -1.702  -8.145  1.00 14.52 ? 14  GLN A NE2 1 
ATOM   129  N N   . PRO A 1 27  ? -6.507  -6.981  -6.413  1.00 16.14 ? 15  PRO A N   1 
ATOM   130  C CA  . PRO A 1 27  ? -6.391  -8.457  -6.453  1.00 16.40 ? 15  PRO A CA  1 
ATOM   131  C C   . PRO A 1 27  ? -6.089  -9.203  -5.146  1.00 18.07 ? 15  PRO A C   1 
ATOM   132  O O   . PRO A 1 27  ? -6.446  -10.393 -5.054  1.00 18.47 ? 15  PRO A O   1 
ATOM   133  C CB  . PRO A 1 27  ? -5.309  -8.700  -7.524  1.00 16.07 ? 15  PRO A CB  1 
ATOM   134  C CG  . PRO A 1 27  ? -5.331  -7.448  -8.363  1.00 17.13 ? 15  PRO A CG  1 
ATOM   135  C CD  . PRO A 1 27  ? -5.636  -6.343  -7.416  1.00 17.19 ? 15  PRO A CD  1 
ATOM   136  N N   . ASN A 1 28  ? -5.453  -8.548  -4.165  1.00 16.47 ? 16  ASN A N   1 
ATOM   137  C CA  . ASN A 1 28  ? -5.094  -9.215  -2.898  1.00 14.97 ? 16  ASN A CA  1 
ATOM   138  C C   . ASN A 1 28  ? -5.931  -8.757  -1.737  1.00 15.59 ? 16  ASN A C   1 
ATOM   139  O O   . ASN A 1 28  ? -5.627  -9.058  -0.588  1.00 15.74 ? 16  ASN A O   1 
ATOM   140  C CB  . ASN A 1 28  ? -3.601  -9.071  -2.561  1.00 16.91 ? 16  ASN A CB  1 
ATOM   141  C CG  . ASN A 1 28  ? -2.705  -9.908  -3.458  1.00 20.83 ? 16  ASN A CG  1 
ATOM   142  O OD1 . ASN A 1 28  ? -3.016  -11.085 -3.728  1.00 17.48 ? 16  ASN A OD1 1 
ATOM   143  N ND2 . ASN A 1 28  ? -1.637  -9.276  -4.015  1.00 16.44 ? 16  ASN A ND2 1 
ATOM   144  N N   . HIS A 1 29  ? -7.005  -8.042  -2.013  1.00 17.02 ? 17  HIS A N   1 
ATOM   145  C CA  . HIS A 1 29  ? -7.870  -7.584  -0.930  1.00 16.93 ? 17  HIS A CA  1 
ATOM   146  C C   . HIS A 1 29  ? -8.366  -8.732  -0.030  1.00 18.02 ? 17  HIS A C   1 
ATOM   147  O O   . HIS A 1 29  ? -8.525  -8.533  1.151   1.00 16.43 ? 17  HIS A O   1 
ATOM   148  C CB  . HIS A 1 29  ? -9.079  -6.782  -1.433  1.00 17.46 ? 17  HIS A CB  1 
ATOM   149  C CG  . HIS A 1 29  ? -9.823  -6.080  -0.335  1.00 16.25 ? 17  HIS A CG  1 
ATOM   150  N ND1 . HIS A 1 29  ? -9.225  -5.134  0.487   1.00 19.11 ? 17  HIS A ND1 1 
ATOM   151  C CD2 . HIS A 1 29  ? -11.090 -6.227  0.118   1.00 21.57 ? 17  HIS A CD2 1 
ATOM   152  C CE1 . HIS A 1 29  ? -10.108 -4.721  1.373   1.00 25.04 ? 17  HIS A CE1 1 
ATOM   153  N NE2 . HIS A 1 29  ? -11.246 -5.360  1.170   1.00 20.66 ? 17  HIS A NE2 1 
ATOM   154  N N   . LYS A 1 30  ? -8.631  -9.912  -0.604  1.00 17.51 ? 18  LYS A N   1 
ATOM   155  C CA  . LYS A 1 30  ? -9.130  -11.041 0.209   1.00 16.43 ? 18  LYS A CA  1 
ATOM   156  C C   . LYS A 1 30  ? -8.336  -11.285 1.461   1.00 15.77 ? 18  LYS A C   1 
ATOM   157  O O   . LYS A 1 30  ? -8.882  -11.759 2.447   1.00 17.34 ? 18  LYS A O   1 
ATOM   158  C CB  . LYS A 1 30  ? -9.181  -12.375 -0.608  1.00 18.13 ? 18  LYS A CB  1 
ATOM   159  C CG  . LYS A 1 30  ? -10.322 -12.512 -1.629  1.00 24.94 ? 18  LYS A CG  1 
ATOM   160  C CD  . LYS A 1 30  ? -10.230 -13.862 -2.496  1.00 18.72 ? 18  LYS A CD  1 
ATOM   161  C CE  . LYS A 1 30  ? -10.347 -15.106 -1.603  1.00 21.28 ? 18  LYS A CE  1 
ATOM   162  N NZ  . LYS A 1 30  ? -11.560 -15.031 -0.762  1.00 20.83 ? 18  LYS A NZ  1 
ATOM   163  N N   . VAL A 1 31  ? -7.024  -11.048 1.423   1.00 15.24 ? 19  VAL A N   1 
ATOM   164  C CA  . VAL A 1 31  ? -6.226  -11.406 2.607   1.00 18.17 ? 19  VAL A CA  1 
ATOM   165  C C   . VAL A 1 31  ? -6.592  -10.550 3.811   1.00 16.98 ? 19  VAL A C   1 
ATOM   166  O O   . VAL A 1 31  ? -6.427  -10.992 4.940   1.00 22.23 ? 19  VAL A O   1 
ATOM   167  C CB  . VAL A 1 31  ? -4.686  -11.349 2.374   1.00 20.13 ? 19  VAL A CB  1 
ATOM   168  C CG1 . VAL A 1 31  ? -4.271  -12.265 1.241   1.00 23.68 ? 19  VAL A CG1 1 
ATOM   169  C CG2 . VAL A 1 31  ? -4.229  -9.943  2.147   1.00 20.47 ? 19  VAL A CG2 1 
ATOM   170  N N   . MET A 1 32  ? -7.102  -9.341  3.572   1.00 17.90 ? 20  MET A N   1 
ATOM   171  C CA  . MET A 1 32  ? -7.559  -8.468  4.647   1.00 19.31 ? 20  MET A CA  1 
ATOM   172  C C   . MET A 1 32  ? -8.936  -8.881  5.191   1.00 20.29 ? 20  MET A C   1 
ATOM   173  O O   . MET A 1 32  ? -9.302  -8.487  6.310   1.00 24.63 ? 20  MET A O   1 
ATOM   174  C CB  A MET A 1 32  ? -7.613  -7.025  4.179   0.65 21.56 ? 20  MET A CB  1 
ATOM   175  C CB  B MET A 1 32  ? -7.680  -7.029  4.130   0.35 19.90 ? 20  MET A CB  1 
ATOM   176  C CG  A MET A 1 32  ? -6.235  -6.473  3.793   0.65 25.93 ? 20  MET A CG  1 
ATOM   177  C CG  B MET A 1 32  ? -6.423  -6.458  3.427   0.35 23.02 ? 20  MET A CG  1 
ATOM   178  S SD  A MET A 1 32  ? -6.348  -4.699  3.493   0.65 28.14 ? 20  MET A SD  1 
ATOM   179  S SD  B MET A 1 32  ? -5.462  -5.304  4.418   0.35 15.04 ? 20  MET A SD  1 
ATOM   180  C CE  A MET A 1 32  ? -5.924  -4.228  5.154   0.65 21.73 ? 20  MET A CE  1 
ATOM   181  C CE  B MET A 1 32  ? -6.698  -4.048  4.734   0.35 18.15 ? 20  MET A CE  1 
ATOM   182  N N   . LEU A 1 33  ? -9.707  -9.623  4.393   1.00 20.70 ? 21  LEU A N   1 
ATOM   183  C CA  . LEU A 1 33  ? -11.051 -10.093 4.784   1.00 23.25 ? 21  LEU A CA  1 
ATOM   184  C C   . LEU A 1 33  ? -11.044 -11.474 5.412   1.00 26.13 ? 21  LEU A C   1 
ATOM   185  O O   . LEU A 1 33  ? -12.053 -11.939 5.901   1.00 24.25 ? 21  LEU A O   1 
ATOM   186  C CB  . LEU A 1 33  ? -11.927 -10.161 3.548   1.00 25.62 ? 21  LEU A CB  1 
ATOM   187  C CG  . LEU A 1 33  ? -12.188 -8.868  2.766   1.00 30.84 ? 21  LEU A CG  1 
ATOM   188  C CD1 . LEU A 1 33  ? -13.059 -9.162  1.565   1.00 35.44 ? 21  LEU A CD1 1 
ATOM   189  C CD2 . LEU A 1 33  ? -12.817 -7.868  3.676   1.00 34.48 ? 21  LEU A CD2 1 
ATOM   190  N N   . ASP A 1 34  ? -9.909  -12.152 5.362   1.00 26.02 ? 22  ASP A N   1 
ATOM   191  C CA  . ASP A 1 34  ? -9.766  -13.479 5.931   1.00 25.67 ? 22  ASP A CA  1 
ATOM   192  C C   . ASP A 1 34  ? -9.473  -13.372 7.418   1.00 26.70 ? 22  ASP A C   1 
ATOM   193  O O   . ASP A 1 34  ? -8.384  -13.018 7.836   1.00 22.64 ? 22  ASP A O   1 
ATOM   194  C CB  . ASP A 1 34  ? -8.643  -14.217 5.165   1.00 27.31 ? 22  ASP A CB  1 
ATOM   195  C CG  . ASP A 1 34  ? -8.602  -15.694 5.451   1.00 31.82 ? 22  ASP A CG  1 
ATOM   196  O OD1 . ASP A 1 34  ? -8.957  -16.098 6.588   1.00 21.38 ? 22  ASP A OD1 1 
ATOM   197  O OD2 . ASP A 1 34  ? -8.217  -16.520 4.588   1.00 27.02 ? 22  ASP A OD2 1 
ATOM   198  N N   . HIS A 1 35  ? -10.465 -13.712 8.249   1.00 28.88 ? 23  HIS A N   1 
ATOM   199  C CA  . HIS A 1 35  ? -10.340 -13.528 9.685   1.00 30.25 ? 23  HIS A CA  1 
ATOM   200  C C   . HIS A 1 35  ? -9.312  -14.436 10.325  1.00 27.42 ? 23  HIS A C   1 
ATOM   201  O O   . HIS A 1 35  ? -8.933  -14.202 11.444  1.00 24.19 ? 23  HIS A O   1 
ATOM   202  C CB  . HIS A 1 35  ? -11.682 -13.784 10.398  1.00 36.16 ? 23  HIS A CB  1 
ATOM   203  C CG  . HIS A 1 35  ? -12.727 -12.760 10.108  1.00 45.37 ? 23  HIS A CG  1 
ATOM   204  N ND1 . HIS A 1 35  ? -12.957 -12.267 8.842   1.00 52.03 ? 23  HIS A ND1 1 
ATOM   205  C CD2 . HIS A 1 35  ? -13.634 -12.162 10.917  1.00 58.04 ? 23  HIS A CD2 1 
ATOM   206  C CE1 . HIS A 1 35  ? -13.948 -11.393 8.886   1.00 56.31 ? 23  HIS A CE1 1 
ATOM   207  N NE2 . HIS A 1 35  ? -14.380 -11.315 10.133  1.00 62.52 ? 23  HIS A NE2 1 
ATOM   208  N N   . SER A 1 36  ? -8.829  -15.459 9.623   1.00 23.26 ? 24  SER A N   1 
ATOM   209  C CA  . SER A 1 36  ? -7.727  -16.250 10.161  1.00 23.75 ? 24  SER A CA  1 
ATOM   210  C C   . SER A 1 36  ? -6.428  -15.418 10.249  1.00 20.14 ? 24  SER A C   1 
ATOM   211  O O   . SER A 1 36  ? -5.455  -15.837 10.904  1.00 19.89 ? 24  SER A O   1 
ATOM   212  C CB  . SER A 1 36  ? -7.478  -17.520 9.318   1.00 22.58 ? 24  SER A CB  1 
ATOM   213  O OG  . SER A 1 36  ? -7.010  -17.200 8.014   1.00 23.83 ? 24  SER A OG  1 
ATOM   214  N N   . HIS A 1 37  ? -6.411  -14.243 9.619   1.00 20.70 ? 25  HIS A N   1 
ATOM   215  C CA  . HIS A 1 37  ? -5.225  -13.355 9.663   1.00 17.86 ? 25  HIS A CA  1 
ATOM   216  C C   . HIS A 1 37  ? -5.348  -12.262 10.695  1.00 19.73 ? 25  HIS A C   1 
ATOM   217  O O   . HIS A 1 37  ? -4.379  -11.568 10.932  1.00 20.96 ? 25  HIS A O   1 
ATOM   218  C CB  . HIS A 1 37  ? -5.015  -12.665 8.323   1.00 20.50 ? 25  HIS A CB  1 
ATOM   219  C CG  . HIS A 1 37  ? -4.809  -13.622 7.198   1.00 19.03 ? 25  HIS A CG  1 
ATOM   220  N ND1 . HIS A 1 37  ? -5.156  -13.320 5.898   1.00 23.04 ? 25  HIS A ND1 1 
ATOM   221  C CD2 . HIS A 1 37  ? -4.247  -14.850 7.172   1.00 23.46 ? 25  HIS A CD2 1 
ATOM   222  C CE1 . HIS A 1 37  ? -4.868  -14.355 5.127   1.00 29.67 ? 25  HIS A CE1 1 
ATOM   223  N NE2 . HIS A 1 37  ? -4.320  -15.298 5.875   1.00 24.79 ? 25  HIS A NE2 1 
ATOM   224  N N   . GLY A 1 38  ? -6.517  -12.131 11.311  1.00 20.45 ? 26  GLY A N   1 
ATOM   225  C CA  . GLY A 1 38  ? -6.771  -11.068 12.301  1.00 20.81 ? 26  GLY A CA  1 
ATOM   226  C C   . GLY A 1 38  ? -7.848  -10.140 11.764  1.00 20.86 ? 26  GLY A C   1 
ATOM   227  O O   . GLY A 1 38  ? -8.645  -10.545 10.902  1.00 23.46 ? 26  GLY A O   1 
ATOM   228  N N   . LEU A 1 39  ? -7.863  -8.903  12.270  1.00 18.51 ? 27  LEU A N   1 
ATOM   229  C CA  . LEU A 1 39  ? -8.943  -7.975  12.065  1.00 17.90 ? 27  LEU A CA  1 
ATOM   230  C C   . LEU A 1 39  ? -8.450  -6.764  11.312  1.00 19.25 ? 27  LEU A C   1 
ATOM   231  O O   . LEU A 1 39  ? -7.381  -6.256  11.613  1.00 18.54 ? 27  LEU A O   1 
ATOM   232  C CB  A LEU A 1 39  ? -9.500  -7.489  13.401  0.80 21.11 ? 27  LEU A CB  1 
ATOM   233  C CB  B LEU A 1 39  ? -9.512  -7.548  13.422  0.20 18.59 ? 27  LEU A CB  1 
ATOM   234  C CG  A LEU A 1 39  ? -10.306 -6.182  13.285  0.80 30.46 ? 27  LEU A CG  1 
ATOM   235  C CG  B LEU A 1 39  ? -9.975  -8.674  14.356  0.20 16.22 ? 27  LEU A CG  1 
ATOM   236  N N   . ALA A 1 40  ? -9.249  -6.318  10.329  1.00 18.80 ? 28  ALA A N   1 
ATOM   237  C CA  . ALA A 1 40  ? -8.987  -5.131  9.559   1.00 17.38 ? 28  ALA A CA  1 
ATOM   238  C C   . ALA A 1 40  ? -10.320 -4.458  9.345   1.00 22.38 ? 28  ALA A C   1 
ATOM   239  O O   . ALA A 1 40  ? -11.234 -5.079  8.796   1.00 24.74 ? 28  ALA A O   1 
ATOM   240  C CB  . ALA A 1 40  ? -8.354  -5.473  8.261   1.00 18.79 ? 28  ALA A CB  1 
ATOM   241  N N   . ALA A 1 41  ? -10.468 -3.226  9.836   1.00 17.02 ? 29  ALA A N   1 
ATOM   242  C CA  . ALA A 1 41  ? -11.708 -2.492  9.628   1.00 16.57 ? 29  ALA A CA  1 
ATOM   243  C C   . ALA A 1 41  ? -11.467 -1.297  8.725   1.00 18.75 ? 29  ALA A C   1 
ATOM   244  O O   . ALA A 1 41  ? -10.610 -0.450  9.017   1.00 14.38 ? 29  ALA A O   1 
ATOM   245  C CB  . ALA A 1 41  ? -12.255 -2.021  10.952  1.00 20.79 ? 29  ALA A CB  1 
ATOM   246  N N   . PHE A 1 42  ? -12.230 -1.201  7.644   1.00 17.46 ? 30  PHE A N   1 
ATOM   247  C CA  . PHE A 1 42  ? -12.167 -0.012  6.767   1.00 15.51 ? 30  PHE A CA  1 
ATOM   248  C C   . PHE A 1 42  ? -12.594 1.247   7.474   1.00 17.55 ? 30  PHE A C   1 
ATOM   249  O O   . PHE A 1 42  ? -13.644 1.277   8.121   1.00 18.04 ? 30  PHE A O   1 
ATOM   250  C CB  . PHE A 1 42  ? -13.024 -0.251  5.511   1.00 17.86 ? 30  PHE A CB  1 
ATOM   251  C CG  . PHE A 1 42  ? -13.055 0.901   4.558   1.00 21.28 ? 30  PHE A CG  1 
ATOM   252  C CD1 . PHE A 1 42  ? -12.027 1.088   3.634   1.00 20.02 ? 30  PHE A CD1 1 
ATOM   253  C CD2 . PHE A 1 42  ? -14.116 1.801   4.573   1.00 22.33 ? 30  PHE A CD2 1 
ATOM   254  C CE1 . PHE A 1 42  ? -12.073 2.131   2.724   1.00 20.73 ? 30  PHE A CE1 1 
ATOM   255  C CE2 . PHE A 1 42  ? -14.147 2.873   3.675   1.00 25.53 ? 30  PHE A CE2 1 
ATOM   256  C CZ  . PHE A 1 42  ? -13.129 3.042   2.766   1.00 19.15 ? 30  PHE A CZ  1 
ATOM   257  N N   . ARG A 1 43  ? -11.783 2.290   7.372   1.00 14.07 ? 31  ARG A N   1 
ATOM   258  C CA  . ARG A 1 43  ? -12.098 3.580   7.972   1.00 16.53 ? 31  ARG A CA  1 
ATOM   259  C C   . ARG A 1 43  ? -12.332 4.727   6.985   1.00 18.41 ? 31  ARG A C   1 
ATOM   260  O O   . ARG A 1 43  ? -13.097 5.669   7.271   1.00 20.37 ? 31  ARG A O   1 
ATOM   261  C CB  . ARG A 1 43  ? -10.981 3.962   8.928   1.00 16.52 ? 31  ARG A CB  1 
ATOM   262  C CG  . ARG A 1 43  ? -10.910 3.063   10.148  1.00 19.69 ? 31  ARG A CG  1 
ATOM   263  C CD  . ARG A 1 43  ? -12.114 3.214   11.048  1.00 21.24 ? 31  ARG A CD  1 
ATOM   264  N NE  . ARG A 1 43  ? -11.972 2.343   12.199  1.00 20.41 ? 31  ARG A NE  1 
ATOM   265  C CZ  . ARG A 1 43  ? -12.795 1.383   12.528  1.00 27.72 ? 31  ARG A CZ  1 
ATOM   266  N NH1 . ARG A 1 43  ? -13.903 1.173   11.851  1.00 24.36 ? 31  ARG A NH1 1 
ATOM   267  N NH2 . ARG A 1 43  ? -12.515 0.637   13.582  1.00 27.42 ? 31  ARG A NH2 1 
ATOM   268  N N   . GLY A 1 44  ? -11.696 4.677   5.828   1.00 17.88 ? 32  GLY A N   1 
ATOM   269  C CA  . GLY A 1 44  ? -11.933 5.717   4.829   1.00 18.02 ? 32  GLY A CA  1 
ATOM   270  C C   . GLY A 1 44  ? -10.870 5.789   3.757   1.00 19.67 ? 32  GLY A C   1 
ATOM   271  O O   . GLY A 1 44  ? -10.140 4.831   3.514   1.00 18.54 ? 32  GLY A O   1 
ATOM   272  N N   . ARG A 1 45  ? -10.819 6.920   3.084   1.00 18.68 ? 33  ARG A N   1 
ATOM   273  C CA  . ARG A 1 45  ? -9.911  7.139   1.956   1.00 19.05 ? 33  ARG A CA  1 
ATOM   274  C C   . ARG A 1 45  ? -8.999  8.282   2.301   1.00 19.52 ? 33  ARG A C   1 
ATOM   275  O O   . ARG A 1 45  ? -9.409  9.232   3.009   1.00 17.38 ? 33  ARG A O   1 
ATOM   276  C CB  . ARG A 1 45  ? -10.698 7.514   0.710   1.00 21.02 ? 33  ARG A CB  1 
ATOM   277  C CG  . ARG A 1 45  ? -11.558 6.407   0.125   1.00 29.04 ? 33  ARG A CG  1 
ATOM   278  C CD  . ARG A 1 45  ? -12.292 6.825   -1.150  1.00 27.56 ? 33  ARG A CD  1 
ATOM   279  N NE  . ARG A 1 45  ? -13.208 7.961   -0.926  1.00 46.47 ? 33  ARG A NE  1 
ATOM   280  C CZ  . ARG A 1 45  ? -13.000 9.238   -1.300  1.00 47.00 ? 33  ARG A CZ  1 
ATOM   281  N NH1 . ARG A 1 45  ? -11.887 9.608   -1.932  1.00 43.86 ? 33  ARG A NH1 1 
ATOM   282  N NH2 . ARG A 1 45  ? -13.922 10.163  -1.032  1.00 45.34 ? 33  ARG A NH2 1 
ATOM   283  N N   . GLY A 1 46  ? -7.780  8.235   1.763   1.00 18.94 ? 34  GLY A N   1 
ATOM   284  C CA  . GLY A 1 46  ? -6.786  9.267   2.033   1.00 20.55 ? 34  GLY A CA  1 
ATOM   285  C C   . GLY A 1 46  ? -5.752  9.410   0.933   1.00 17.14 ? 34  GLY A C   1 
ATOM   286  O O   . GLY A 1 46  ? -5.782  8.665   -0.064  1.00 14.95 ? 34  GLY A O   1 
ATOM   287  N N   . CYS A 1 47  ? -4.897  10.420  1.067   1.00 18.05 ? 35  CYS A N   1 
ATOM   288  C CA  . CYS A 1 47  ? -3.713  10.578  0.190   1.00 19.22 ? 35  CYS A CA  1 
ATOM   289  C C   . CYS A 1 47  ? -2.536  10.907  1.071   1.00 19.68 ? 35  CYS A C   1 
ATOM   290  O O   . CYS A 1 47  ? -2.688  11.576  2.101   1.00 19.12 ? 35  CYS A O   1 
ATOM   291  C CB  A CYS A 1 47  ? -3.956  11.844  -0.703  0.50 21.75 ? 35  CYS A CB  1 
ATOM   292  C CB  B CYS A 1 47  ? -3.895  11.536  -0.975  0.50 23.38 ? 35  CYS A CB  1 
ATOM   293  S SG  A CYS A 1 47  ? -3.107  11.887  -2.295  0.50 27.78 ? 35  CYS A SG  1 
ATOM   294  S SG  B CYS A 1 47  ? -4.388  13.109  -0.457  0.50 28.29 ? 35  CYS A SG  1 
ATOM   295  N N   . THR A 1 48  ? -1.357  10.465  0.687   1.00 18.31 ? 36  THR A N   1 
ATOM   296  C CA  . THR A 1 48  ? -0.188  10.763  1.492   1.00 15.06 ? 36  THR A CA  1 
ATOM   297  C C   . THR A 1 48  ? 0.001   12.259  1.522   1.00 17.38 ? 36  THR A C   1 
ATOM   298  O O   . THR A 1 48  ? -0.281  12.951  0.534   1.00 17.15 ? 36  THR A O   1 
ATOM   299  C CB  . THR A 1 48  ? 1.055   10.047  0.946   1.00 16.16 ? 36  THR A CB  1 
ATOM   300  O OG1 . THR A 1 48  ? 1.282   10.352  -0.450  1.00 16.49 ? 36  THR A OG1 1 
ATOM   301  C CG2 . THR A 1 48  ? 0.832   8.577   1.028   1.00 17.57 ? 36  THR A CG2 1 
ATOM   302  N N   . VAL A 1 49  ? 0.412   12.789  2.655   1.00 16.45 ? 37  VAL A N   1 
ATOM   303  C CA  . VAL A 1 49  ? 0.717   14.225  2.735   1.00 15.82 ? 37  VAL A CA  1 
ATOM   304  C C   . VAL A 1 49  ? 1.975   14.550  1.946   1.00 16.68 ? 37  VAL A C   1 
ATOM   305  O O   . VAL A 1 49  ? 1.997   15.505  1.170   1.00 17.08 ? 37  VAL A O   1 
ATOM   306  C CB  . VAL A 1 49  ? 0.807   14.711  4.213   1.00 18.66 ? 37  VAL A CB  1 
ATOM   307  C CG1 . VAL A 1 49  ? 1.405   16.088  4.298   1.00 21.67 ? 37  VAL A CG1 1 
ATOM   308  C CG2 . VAL A 1 49  ? -0.599  14.649  4.869   1.00 19.86 ? 37  VAL A CG2 1 
ATOM   309  N N   . GLU A 1 50  ? 3.014   13.756  2.143   1.00 15.15 ? 38  GLU A N   1 
ATOM   310  C CA  . GLU A 1 50  ? 4.225   13.828  1.338   1.00 18.49 ? 38  GLU A CA  1 
ATOM   311  C C   . GLU A 1 50  ? 4.015   13.137  -0.008  1.00 19.51 ? 38  GLU A C   1 
ATOM   312  O O   . GLU A 1 50  ? 3.185   12.234  -0.130  1.00 16.06 ? 38  GLU A O   1 
ATOM   313  C CB  . GLU A 1 50  ? 5.397   13.200  2.086   1.00 17.83 ? 38  GLU A CB  1 
ATOM   314  C CG  . GLU A 1 50  ? 6.720   13.274  1.322   1.00 24.16 ? 38  GLU A CG  1 
ATOM   315  C CD  . GLU A 1 50  ? 7.186   14.693  0.982   1.00 28.08 ? 38  GLU A CD  1 
ATOM   316  O OE1 . GLU A 1 50  ? 6.724   15.296  -0.048  1.00 26.28 ? 38  GLU A OE1 1 
ATOM   317  O OE2 . GLU A 1 50  ? 8.071   15.180  1.747   1.00 32.46 ? 38  GLU A OE2 1 
ATOM   318  N N   . SER A 1 51  ? 4.737   13.586  -1.034  1.00 17.82 ? 39  SER A N   1 
ATOM   319  C CA  . SER A 1 51  ? 4.670   12.897  -2.347  1.00 17.50 ? 39  SER A CA  1 
ATOM   320  C C   . SER A 1 51  ? 5.682   11.757  -2.375  1.00 15.27 ? 39  SER A C   1 
ATOM   321  O O   . SER A 1 51  ? 6.790   11.886  -1.830  1.00 14.90 ? 39  SER A O   1 
ATOM   322  C CB  A SER A 1 51  ? 4.874   13.865  -3.489  0.65 18.92 ? 39  SER A CB  1 
ATOM   323  C CB  B SER A 1 51  ? 5.014   13.872  -3.472  0.35 16.87 ? 39  SER A CB  1 
ATOM   324  O OG  A SER A 1 51  ? 6.111   14.478  -3.374  0.65 23.81 ? 39  SER A OG  1 
ATOM   325  O OG  B SER A 1 51  ? 4.179   15.015  -3.456  0.35 7.27  ? 39  SER A OG  1 
ATOM   326  N N   . PHE A 1 52  ? 5.335   10.665  -3.051  1.00 16.69 ? 40  PHE A N   1 
ATOM   327  C CA  . PHE A 1 52  ? 6.265   9.546   -3.268  1.00 15.13 ? 40  PHE A CA  1 
ATOM   328  C C   . PHE A 1 52  ? 6.022   9.018   -4.674  1.00 15.31 ? 40  PHE A C   1 
ATOM   329  O O   . PHE A 1 52  ? 4.874   9.078   -5.127  1.00 17.23 ? 40  PHE A O   1 
ATOM   330  C CB  . PHE A 1 52  ? 5.949   8.392   -2.313  1.00 17.07 ? 40  PHE A CB  1 
ATOM   331  C CG  . PHE A 1 52  ? 6.118   8.743   -0.876  1.00 16.23 ? 40  PHE A CG  1 
ATOM   332  C CD1 . PHE A 1 52  ? 7.350   8.624   -0.279  1.00 19.43 ? 40  PHE A CD1 1 
ATOM   333  C CD2 . PHE A 1 52  ? 5.051   9.247   -0.142  1.00 16.25 ? 40  PHE A CD2 1 
ATOM   334  C CE1 . PHE A 1 52  ? 7.536   8.974   1.047   1.00 21.85 ? 40  PHE A CE1 1 
ATOM   335  C CE2 . PHE A 1 52  ? 5.222   9.588   1.187   1.00 17.13 ? 40  PHE A CE2 1 
ATOM   336  C CZ  . PHE A 1 52  ? 6.467   9.454   1.791   1.00 16.00 ? 40  PHE A CZ  1 
ATOM   337  N N   . PRO A 1 53  ? 7.032   8.422   -5.335  1.00 16.59 ? 41  PRO A N   1 
ATOM   338  C CA  . PRO A 1 53  ? 6.775   7.675   -6.563  1.00 14.67 ? 41  PRO A CA  1 
ATOM   339  C C   . PRO A 1 53  ? 6.036   6.383   -6.313  1.00 14.57 ? 41  PRO A C   1 
ATOM   340  O O   . PRO A 1 53  ? 6.428   5.600   -5.432  1.00 17.52 ? 41  PRO A O   1 
ATOM   341  C CB  . PRO A 1 53  ? 8.193   7.390   -7.123  1.00 13.35 ? 41  PRO A CB  1 
ATOM   342  C CG  . PRO A 1 53  ? 9.090   8.288   -6.372  1.00 17.22 ? 41  PRO A CG  1 
ATOM   343  C CD  . PRO A 1 53  ? 8.464   8.391   -4.996  1.00 15.42 ? 41  PRO A CD  1 
ATOM   344  N N   . LEU A 1 54  ? 4.995   6.120   -7.108  1.00 13.39 ? 42  LEU A N   1 
ATOM   345  C CA  . LEU A 1 54  ? 4.287   4.847   -7.096  1.00 12.32 ? 42  LEU A CA  1 
ATOM   346  C C   . LEU A 1 54  ? 4.445   4.242   -8.451  1.00 14.93 ? 42  LEU A C   1 
ATOM   347  O O   . LEU A 1 54  ? 3.986   4.832   -9.446  1.00 14.01 ? 42  LEU A O   1 
ATOM   348  C CB  . LEU A 1 54  ? 2.807   5.051   -6.782  1.00 12.45 ? 42  LEU A CB  1 
ATOM   349  C CG  . LEU A 1 54  ? 1.855   3.888   -6.924  1.00 14.46 ? 42  LEU A CG  1 
ATOM   350  C CD1 . LEU A 1 54  ? 2.358   2.717   -6.027  1.00 17.76 ? 42  LEU A CD1 1 
ATOM   351  C CD2 . LEU A 1 54  ? 0.389   4.262   -6.668  1.00 17.79 ? 42  LEU A CD2 1 
ATOM   352  N N   . VAL A 1 55  ? 5.104   3.095   -8.504  1.00 14.47 ? 43  VAL A N   1 
ATOM   353  C CA  . VAL A 1 55  ? 5.417   2.461   -9.768  1.00 14.80 ? 43  VAL A CA  1 
ATOM   354  C C   . VAL A 1 55  ? 4.846   1.041   -9.789  1.00 17.12 ? 43  VAL A C   1 
ATOM   355  O O   . VAL A 1 55  ? 4.731   0.386   -8.774  1.00 15.98 ? 43  VAL A O   1 
ATOM   356  C CB  . VAL A 1 55  ? 6.954   2.412   -10.053 1.00 14.69 ? 43  VAL A CB  1 
ATOM   357  C CG1 . VAL A 1 55  ? 7.561   3.811   -10.176 1.00 17.02 ? 43  VAL A CG1 1 
ATOM   358  C CG2 . VAL A 1 55  ? 7.724   1.629   -8.988  1.00 14.41 ? 43  VAL A CG2 1 
ATOM   359  N N   . ILE A 1 56  ? 4.531   0.585   -10.992 1.00 14.26 ? 44  ILE A N   1 
ATOM   360  C CA  . ILE A 1 56  ? 4.091   -0.777  -11.233 1.00 14.97 ? 44  ILE A CA  1 
ATOM   361  C C   . ILE A 1 56  ? 5.237   -1.464  -11.925 1.00 13.52 ? 44  ILE A C   1 
ATOM   362  O O   . ILE A 1 56  ? 5.606   -1.117  -13.072 1.00 12.49 ? 44  ILE A O   1 
ATOM   363  C CB  . ILE A 1 56  ? 2.818   -0.781  -12.090 1.00 14.84 ? 44  ILE A CB  1 
ATOM   364  C CG1 . ILE A 1 56  ? 1.658   -0.089  -11.364 1.00 14.85 ? 44  ILE A CG1 1 
ATOM   365  C CG2 . ILE A 1 56  ? 2.418   -2.205  -12.367 1.00 13.26 ? 44  ILE A CG2 1 
ATOM   366  C CD1 . ILE A 1 56  ? 0.447   0.138   -12.246 1.00 18.27 ? 44  ILE A CD1 1 
ATOM   367  N N   . ALA A 1 57  ? 5.848   -2.409  -11.230 1.00 13.25 ? 45  ALA A N   1 
ATOM   368  C CA  . ALA A 1 57  ? 7.173   -2.841  -11.635 1.00 15.33 ? 45  ALA A CA  1 
ATOM   369  C C   . ALA A 1 57  ? 7.457   -4.299  -11.343 1.00 16.00 ? 45  ALA A C   1 
ATOM   370  O O   . ALA A 1 57  ? 6.873   -4.916  -10.444 1.00 15.80 ? 45  ALA A O   1 
ATOM   371  C CB  . ALA A 1 57  ? 8.223   -1.954  -10.969 1.00 17.01 ? 45  ALA A CB  1 
ATOM   372  N N   . GLY A 1 58  ? 8.406   -4.837  -12.083 1.00 13.71 ? 46  GLY A N   1 
ATOM   373  C CA  . GLY A 1 58  ? 8.817   -6.216  -11.912 1.00 17.56 ? 46  GLY A CA  1 
ATOM   374  C C   . GLY A 1 58  ? 7.929   -7.176  -12.684 1.00 16.62 ? 46  GLY A C   1 
ATOM   375  O O   . GLY A 1 58  ? 6.921   -6.793  -13.266 1.00 14.72 ? 46  GLY A O   1 
ATOM   376  N N   . GLU A 1 59  ? 8.320   -8.455  -12.671 1.00 18.03 ? 47  GLU A N   1 
ATOM   377  C CA  . GLU A 1 59  ? 7.641   -9.438  -13.472 1.00 20.02 ? 47  GLU A CA  1 
ATOM   378  C C   . GLU A 1 59  ? 6.210   -9.698  -13.057 1.00 18.59 ? 47  GLU A C   1 
ATOM   379  O O   . GLU A 1 59  ? 5.398   -10.191 -13.862 1.00 20.79 ? 47  GLU A O   1 
ATOM   380  C CB  . GLU A 1 59  ? 8.425   -10.762 -13.455 1.00 22.33 ? 47  GLU A CB  1 
ATOM   381  C CG  . GLU A 1 59  ? 9.821   -10.596 -14.029 1.00 35.87 ? 47  GLU A CG  1 
ATOM   382  C CD  . GLU A 1 59  ? 10.031  -11.276 -15.363 1.00 54.10 ? 47  GLU A CD  1 
ATOM   383  O OE1 . GLU A 1 59  ? 9.065   -11.442 -16.148 1.00 61.44 ? 47  GLU A OE1 1 
ATOM   384  O OE2 . GLU A 1 59  ? 11.194  -11.645 -15.620 1.00 61.98 ? 47  GLU A OE2 1 
ATOM   385  N N   . HIS A 1 60  ? 5.859   -9.374  -11.825 1.00 17.83 ? 48  HIS A N   1 
ATOM   386  C CA  . HIS A 1 60  ? 4.496   -9.561  -11.331 1.00 17.95 ? 48  HIS A CA  1 
ATOM   387  C C   . HIS A 1 60  ? 3.618   -8.330  -11.438 1.00 15.30 ? 48  HIS A C   1 
ATOM   388  O O   . HIS A 1 60  ? 2.451   -8.375  -11.041 1.00 17.05 ? 48  HIS A O   1 
ATOM   389  C CB  . HIS A 1 60  ? 4.544   -10.002 -9.873  1.00 18.37 ? 48  HIS A CB  1 
ATOM   390  C CG  . HIS A 1 60  ? 5.306   -11.261 -9.703  1.00 18.30 ? 48  HIS A CG  1 
ATOM   391  N ND1 . HIS A 1 60  ? 4.837   -12.451 -10.196 1.00 24.28 ? 48  HIS A ND1 1 
ATOM   392  C CD2 . HIS A 1 60  ? 6.558   -11.500 -9.247  1.00 24.71 ? 48  HIS A CD2 1 
ATOM   393  C CE1 . HIS A 1 60  ? 5.746   -13.394 -10.005 1.00 29.36 ? 48  HIS A CE1 1 
ATOM   394  N NE2 . HIS A 1 60  ? 6.799   -12.840 -9.423  1.00 27.52 ? 48  HIS A NE2 1 
ATOM   395  N N   . ASN A 1 61  ? 4.158   -7.261  -11.993 1.00 16.74 ? 49  ASN A N   1 
ATOM   396  C CA  . ASN A 1 61  ? 3.426   -5.998  -12.068 1.00 13.27 ? 49  ASN A CA  1 
ATOM   397  C C   . ASN A 1 61  ? 2.873   -5.583  -10.691 1.00 12.95 ? 49  ASN A C   1 
ATOM   398  O O   . ASN A 1 61  ? 1.710   -5.185  -10.524 1.00 16.46 ? 49  ASN A O   1 
ATOM   399  C CB  . ASN A 1 61  ? 2.306   -6.084  -13.110 1.00 13.50 ? 49  ASN A CB  1 
ATOM   400  C CG  . ASN A 1 61  ? 2.830   -6.403  -14.503 1.00 16.15 ? 49  ASN A CG  1 
ATOM   401  O OD1 . ASN A 1 61  ? 3.975   -6.081  -14.841 1.00 16.01 ? 49  ASN A OD1 1 
ATOM   402  N ND2 . ASN A 1 61  ? 1.996   -7.053  -15.328 1.00 14.77 ? 49  ASN A ND2 1 
ATOM   403  N N   . ILE A 1 62  ? 3.752   -5.608  -9.715  1.00 14.31 ? 50  ILE A N   1 
ATOM   404  C CA  . ILE A 1 62  ? 3.433   -5.209  -8.334  1.00 14.45 ? 50  ILE A CA  1 
ATOM   405  C C   . ILE A 1 62  ? 3.517   -3.689  -8.200  1.00 16.34 ? 50  ILE A C   1 
ATOM   406  O O   . ILE A 1 62  ? 4.400   -3.052  -8.789  1.00 14.36 ? 50  ILE A O   1 
ATOM   407  C CB  . ILE A 1 62  ? 4.415   -5.904  -7.394  1.00 13.18 ? 50  ILE A CB  1 
ATOM   408  C CG1 . ILE A 1 62  ? 3.962   -7.368  -7.252  1.00 16.83 ? 50  ILE A CG1 1 
ATOM   409  C CG2 . ILE A 1 62  ? 4.394   -5.295  -6.036  1.00 16.83 ? 50  ILE A CG2 1 
ATOM   410  C CD1 . ILE A 1 62  ? 5.034   -8.253  -6.613  1.00 21.73 ? 50  ILE A CD1 1 
ATOM   411  N N   . PRO A 1 63  ? 2.604   -3.093  -7.458  1.00 14.74 ? 51  PRO A N   1 
ATOM   412  C CA  . PRO A 1 63  ? 2.757   -1.701  -7.121  1.00 14.84 ? 51  PRO A CA  1 
ATOM   413  C C   . PRO A 1 63  ? 3.711   -1.480  -5.951  1.00 15.36 ? 51  PRO A C   1 
ATOM   414  O O   . PRO A 1 63  ? 3.625   -2.153  -4.904  1.00 16.03 ? 51  PRO A O   1 
ATOM   415  C CB  . PRO A 1 63  ? 1.349   -1.284  -6.731  1.00 14.47 ? 51  PRO A CB  1 
ATOM   416  C CG  . PRO A 1 63  ? 0.760   -2.517  -6.065  1.00 16.30 ? 51  PRO A CG  1 
ATOM   417  C CD  . PRO A 1 63  ? 1.350   -3.648  -6.916  1.00 15.08 ? 51  PRO A CD  1 
ATOM   418  N N   . TRP A 1 64  ? 4.583   -0.500  -6.116  1.00 13.78 ? 52  TRP A N   1 
ATOM   419  C CA  . TRP A 1 64  ? 5.584   -0.166  -5.109  1.00 13.86 ? 52  TRP A CA  1 
ATOM   420  C C   . TRP A 1 64  ? 5.606   1.307   -4.858  1.00 15.25 ? 52  TRP A C   1 
ATOM   421  O O   . TRP A 1 64  ? 5.840   2.091   -5.788  1.00 16.12 ? 52  TRP A O   1 
ATOM   422  C CB  . TRP A 1 64  ? 6.986   -0.580  -5.570  1.00 13.84 ? 52  TRP A CB  1 
ATOM   423  C CG  . TRP A 1 64  ? 7.125   -1.963  -6.177  1.00 13.26 ? 52  TRP A CG  1 
ATOM   424  C CD1 . TRP A 1 64  ? 6.897   -2.321  -7.456  1.00 16.36 ? 52  TRP A CD1 1 
ATOM   425  C CD2 . TRP A 1 64  ? 7.649   -3.147  -5.518  1.00 11.29 ? 52  TRP A CD2 1 
ATOM   426  N NE1 . TRP A 1 64  ? 7.211   -3.657  -7.648  1.00 17.53 ? 52  TRP A NE1 1 
ATOM   427  C CE2 . TRP A 1 64  ? 7.669   -4.179  -6.468  1.00 12.96 ? 52  TRP A CE2 1 
ATOM   428  C CE3 . TRP A 1 64  ? 8.069   -3.431  -4.223  1.00 15.27 ? 52  TRP A CE3 1 
ATOM   429  C CZ2 . TRP A 1 64  ? 8.093   -5.478  -6.155  1.00 15.34 ? 52  TRP A CZ2 1 
ATOM   430  C CZ3 . TRP A 1 64  ? 8.491   -4.720  -3.922  1.00 16.90 ? 52  TRP A CZ3 1 
ATOM   431  C CH2 . TRP A 1 64  ? 8.501   -5.714  -4.887  1.00 15.50 ? 52  TRP A CH2 1 
ATOM   432  N N   . LEU A 1 65  ? 5.432   1.692   -3.593  1.00 14.16 ? 53  LEU A N   1 
ATOM   433  C CA  . LEU A 1 65  ? 5.595   3.069   -3.175  1.00 14.61 ? 53  LEU A CA  1 
ATOM   434  C C   . LEU A 1 65  ? 7.060   3.255   -2.751  1.00 15.39 ? 53  LEU A C   1 
ATOM   435  O O   . LEU A 1 65  ? 7.514   2.722   -1.705  1.00 15.05 ? 53  LEU A O   1 
ATOM   436  C CB  . LEU A 1 65  ? 4.627   3.412   -2.034  1.00 14.19 ? 53  LEU A CB  1 
ATOM   437  C CG  . LEU A 1 65  ? 4.442   4.901   -1.752  1.00 16.80 ? 53  LEU A CG  1 
ATOM   438  C CD1 . LEU A 1 65  ? 3.775   5.575   -2.958  1.00 27.35 ? 53  LEU A CD1 1 
ATOM   439  C CD2 . LEU A 1 65  ? 3.571   5.079   -0.525  1.00 17.77 ? 53  LEU A CD2 1 
ATOM   440  N N   . LEU A 1 66  ? 7.819   3.936   -3.621  1.00 15.31 ? 54  LEU A N   1 
ATOM   441  C CA  . LEU A 1 66  ? 9.256   4.064   -3.442  1.00 14.80 ? 54  LEU A CA  1 
ATOM   442  C C   . LEU A 1 66  ? 9.520   5.101   -2.367  1.00 16.41 ? 54  LEU A C   1 
ATOM   443  O O   . LEU A 1 66  ? 8.922   6.171   -2.377  1.00 17.67 ? 54  LEU A O   1 
ATOM   444  C CB  . LEU A 1 66  ? 9.961   4.413   -4.727  1.00 15.66 ? 54  LEU A CB  1 
ATOM   445  C CG  . LEU A 1 66  ? 9.623   3.632   -5.962  1.00 13.18 ? 54  LEU A CG  1 
ATOM   446  C CD1 . LEU A 1 66  ? 10.497  4.080   -7.132  1.00 17.81 ? 54  LEU A CD1 1 
ATOM   447  C CD2 . LEU A 1 66  ? 9.749   2.151   -5.670  1.00 13.95 ? 54  LEU A CD2 1 
ATOM   448  N N   . TYR A 1 67  ? 10.451  4.806   -1.467  1.00 17.03 ? 55  TYR A N   1 
ATOM   449  C CA  . TYR A 1 67  ? 10.714  5.712   -0.355  1.00 17.95 ? 55  TYR A CA  1 
ATOM   450  C C   . TYR A 1 67  ? 11.666  6.828   -0.810  1.00 21.31 ? 55  TYR A C   1 
ATOM   451  O O   . TYR A 1 67  ? 12.864  6.813   -0.517  1.00 17.53 ? 55  TYR A O   1 
ATOM   452  C CB  . TYR A 1 67  ? 11.219  4.984   0.892   1.00 19.35 ? 55  TYR A CB  1 
ATOM   453  C CG  . TYR A 1 67  ? 11.146  5.932   2.054   1.00 22.57 ? 55  TYR A CG  1 
ATOM   454  C CD1 . TYR A 1 67  ? 9.926   6.254   2.631   1.00 21.87 ? 55  TYR A CD1 1 
ATOM   455  C CD2 . TYR A 1 67  ? 12.274  6.642   2.458   1.00 30.13 ? 55  TYR A CD2 1 
ATOM   456  C CE1 . TYR A 1 67  ? 9.835   7.197   3.639   1.00 23.95 ? 55  TYR A CE1 1 
ATOM   457  C CE2 . TYR A 1 67  ? 12.195  7.598   3.471   1.00 27.80 ? 55  TYR A CE2 1 
ATOM   458  C CZ  . TYR A 1 67  ? 10.975  7.876   4.048   1.00 32.95 ? 55  TYR A CZ  1 
ATOM   459  O OH  . TYR A 1 67  ? 10.898  8.816   5.074   1.00 33.59 ? 55  TYR A OH  1 
ATOM   460  N N   . LEU A 1 68  ? 11.094  7.769   -1.545  1.00 18.02 ? 56  LEU A N   1 
ATOM   461  C CA  . LEU A 1 68  ? 11.751  8.945   -2.047  1.00 18.95 ? 56  LEU A CA  1 
ATOM   462  C C   . LEU A 1 68  ? 10.839  10.143  -1.808  1.00 19.64 ? 56  LEU A C   1 
ATOM   463  O O   . LEU A 1 68  ? 10.185  10.667  -2.752  1.00 16.73 ? 56  LEU A O   1 
ATOM   464  C CB  . LEU A 1 68  ? 12.012  8.781   -3.542  1.00 23.97 ? 56  LEU A CB  1 
ATOM   465  C CG  . LEU A 1 68  ? 13.083  7.722   -3.863  1.00 26.79 ? 56  LEU A CG  1 
ATOM   466  C CD1 . LEU A 1 68  ? 12.963  7.263   -5.274  1.00 27.52 ? 56  LEU A CD1 1 
ATOM   467  C CD2 . LEU A 1 68  ? 14.471  8.306   -3.598  1.00 27.40 ? 56  LEU A CD2 1 
ATOM   468  N N   . PRO A 1 69  ? 10.727  10.546  -0.545  1.00 18.38 ? 57  PRO A N   1 
ATOM   469  C CA  . PRO A 1 69  ? 9.811   11.611  -0.197  1.00 18.82 ? 57  PRO A CA  1 
ATOM   470  C C   . PRO A 1 69  ? 10.092  12.877  -0.990  1.00 20.98 ? 57  PRO A C   1 
ATOM   471  O O   . PRO A 1 69  ? 11.262  13.252  -1.170  1.00 18.69 ? 57  PRO A O   1 
ATOM   472  C CB  . PRO A 1 69  ? 9.995   11.783  1.319   1.00 22.72 ? 57  PRO A CB  1 
ATOM   473  C CG  . PRO A 1 69  ? 11.177  11.014  1.679   1.00 22.43 ? 57  PRO A CG  1 
ATOM   474  C CD  . PRO A 1 69  ? 11.393  9.975   0.628   1.00 22.34 ? 57  PRO A CD  1 
ATOM   475  N N   . GLY A 1 70  ? 9.025   13.481  -1.521  1.00 18.80 ? 58  GLY A N   1 
ATOM   476  C CA  . GLY A 1 70  ? 9.106   14.731  -2.262  1.00 20.68 ? 58  GLY A CA  1 
ATOM   477  C C   . GLY A 1 70  ? 9.284   14.519  -3.748  1.00 21.04 ? 58  GLY A C   1 
ATOM   478  O O   . GLY A 1 70  ? 9.335   15.482  -4.456  1.00 22.04 ? 58  GLY A O   1 
ATOM   479  N N   . LYS A 1 71  ? 9.379   13.269  -4.205  1.00 17.14 ? 59  LYS A N   1 
ATOM   480  C CA  . LYS A 1 71  ? 9.341   12.932  -5.617  1.00 19.95 ? 59  LYS A CA  1 
ATOM   481  C C   . LYS A 1 71  ? 7.973   12.340  -5.964  1.00 19.51 ? 59  LYS A C   1 
ATOM   482  O O   . LYS A 1 71  ? 7.288   11.781  -5.104  1.00 19.34 ? 59  LYS A O   1 
ATOM   483  C CB  . LYS A 1 71  ? 10.441  11.930  -5.957  1.00 18.68 ? 59  LYS A CB  1 
ATOM   484  C CG  . LYS A 1 71  ? 11.864  12.487  -5.774  1.00 24.52 ? 59  LYS A CG  1 
ATOM   485  C CD  . LYS A 1 71  ? 12.049  13.767  -6.561  1.00 35.90 ? 59  LYS A CD  1 
ATOM   486  C CE  . LYS A 1 71  ? 13.527  14.105  -6.764  1.00 46.27 ? 59  LYS A CE  1 
ATOM   487  N NZ  . LYS A 1 71  ? 13.715  15.349  -7.605  1.00 50.76 ? 59  LYS A NZ  1 
ATOM   488  N N   . GLY A 1 72  ? 7.579   12.442  -7.215  1.00 18.89 ? 60  GLY A N   1 
ATOM   489  C CA  . GLY A 1 72  ? 6.290   11.864  -7.624  1.00 22.15 ? 60  GLY A CA  1 
ATOM   490  C C   . GLY A 1 72  ? 5.082   12.659  -7.121  1.00 21.44 ? 60  GLY A C   1 
ATOM   491  O O   . GLY A 1 72  ? 5.079   13.850  -7.201  1.00 18.48 ? 60  GLY A O   1 
ATOM   492  N N   . HIS A 1 73  ? 4.061   11.987  -6.595  1.00 19.47 ? 61  HIS A N   1 
ATOM   493  C CA  . HIS A 1 73  ? 2.774   12.601  -6.270  1.00 20.73 ? 61  HIS A CA  1 
ATOM   494  C C   . HIS A 1 73  ? 2.257   12.160  -4.923  1.00 18.63 ? 61  HIS A C   1 
ATOM   495  O O   . HIS A 1 73  ? 2.725   11.178  -4.369  1.00 17.65 ? 61  HIS A O   1 
ATOM   496  C CB  . HIS A 1 73  ? 1.768   12.191  -7.331  1.00 23.28 ? 61  HIS A CB  1 
ATOM   497  C CG  . HIS A 1 73  ? 2.278   12.408  -8.709  1.00 31.51 ? 61  HIS A CG  1 
ATOM   498  N ND1 . HIS A 1 73  ? 2.231   13.638  -9.329  1.00 30.39 ? 61  HIS A ND1 1 
ATOM   499  C CD2 . HIS A 1 73  ? 2.939   11.579  -9.556  1.00 33.16 ? 61  HIS A CD2 1 
ATOM   500  C CE1 . HIS A 1 73  ? 2.806   13.550  -10.518 1.00 35.53 ? 61  HIS A CE1 1 
ATOM   501  N NE2 . HIS A 1 73  ? 3.254   12.315  -10.676 1.00 34.67 ? 61  HIS A NE2 1 
ATOM   502  N N   . CYS A 1 74  ? 1.268   12.864  -4.394  1.00 16.79 ? 62  CYS A N   1 
ATOM   503  C CA  . CYS A 1 74  ? 0.590   12.353  -3.232  1.00 17.55 ? 62  CYS A CA  1 
ATOM   504  C C   . CYS A 1 74  ? -0.174  11.143  -3.756  1.00 19.44 ? 62  CYS A C   1 
ATOM   505  O O   . CYS A 1 74  ? -0.741  11.190  -4.868  1.00 22.02 ? 62  CYS A O   1 
ATOM   506  C CB  A CYS A 1 74  ? -0.315  13.402  -2.583  0.50 21.69 ? 62  CYS A CB  1 
ATOM   507  C CB  B CYS A 1 74  ? -0.327  13.426  -2.666  0.50 20.98 ? 62  CYS A CB  1 
ATOM   508  S SG  A CYS A 1 74  ? -2.033  13.455  -3.097  0.50 28.58 ? 62  CYS A SG  1 
ATOM   509  S SG  B CYS A 1 74  ? 0.619   14.885  -2.141  0.50 20.40 ? 62  CYS A SG  1 
ATOM   510  N N   . VAL A 1 75  ? -0.096  10.042  -3.036  1.00 17.55 ? 63  VAL A N   1 
ATOM   511  C CA  . VAL A 1 75  ? -0.651  8.752   -3.487  1.00 16.21 ? 63  VAL A CA  1 
ATOM   512  C C   . VAL A 1 75  ? -1.939  8.461   -2.712  1.00 19.24 ? 63  VAL A C   1 
ATOM   513  O O   . VAL A 1 75  ? -1.966  8.587   -1.491  1.00 16.89 ? 63  VAL A O   1 
ATOM   514  C CB  . VAL A 1 75  ? 0.374   7.642   -3.324  1.00 19.78 ? 63  VAL A CB  1 
ATOM   515  C CG1 . VAL A 1 75  ? -0.230  6.258   -3.522  1.00 20.81 ? 63  VAL A CG1 1 
ATOM   516  C CG2 . VAL A 1 75  ? 1.515   7.836   -4.347  1.00 22.44 ? 63  VAL A CG2 1 
ATOM   517  N N   . THR A 1 76  ? -3.001  8.087   -3.425  1.00 16.48 ? 64  THR A N   1 
ATOM   518  C CA  . THR A 1 76  ? -4.302  7.837   -2.817  1.00 16.11 ? 64  THR A CA  1 
ATOM   519  C C   . THR A 1 76  ? -4.382  6.387   -2.352  1.00 17.50 ? 64  THR A C   1 
ATOM   520  O O   . THR A 1 76  ? -3.687  5.492   -2.866  1.00 17.20 ? 64  THR A O   1 
ATOM   521  C CB  . THR A 1 76  ? -5.483  8.144   -3.822  1.00 21.16 ? 64  THR A CB  1 
ATOM   522  O OG1 . THR A 1 76  ? -5.415  7.272   -4.950  1.00 24.08 ? 64  THR A OG1 1 
ATOM   523  C CG2 . THR A 1 76  ? -5.375  9.519   -4.409  1.00 28.15 ? 64  THR A CG2 1 
ATOM   524  N N   . GLY A 1 77  ? -5.263  6.140   -1.396  1.00 16.35 ? 65  GLY A N   1 
ATOM   525  C CA  . GLY A 1 77  ? -5.426  4.795   -0.879  1.00 17.21 ? 65  GLY A CA  1 
ATOM   526  C C   . GLY A 1 77  ? -6.477  4.785   0.186   1.00 16.34 ? 65  GLY A C   1 
ATOM   527  O O   . GLY A 1 77  ? -7.311  5.702   0.294   1.00 15.84 ? 65  GLY A O   1 
ATOM   528  N N   . GLU A 1 78  ? -6.447  3.707   0.946   1.00 15.76 ? 66  GLU A N   1 
ATOM   529  C CA  . GLU A 1 78  ? -7.481  3.437   1.913   1.00 14.03 ? 66  GLU A CA  1 
ATOM   530  C C   . GLU A 1 78  ? -6.862  3.282   3.294   1.00 16.14 ? 66  GLU A C   1 
ATOM   531  O O   . GLU A 1 78  ? -5.819  2.660   3.476   1.00 15.28 ? 66  GLU A O   1 
ATOM   532  C CB  . GLU A 1 78  ? -8.250  2.189   1.536   1.00 14.21 ? 66  GLU A CB  1 
ATOM   533  C CG  . GLU A 1 78  ? -9.052  2.370   0.248   1.00 16.86 ? 66  GLU A CG  1 
ATOM   534  C CD  . GLU A 1 78  ? -9.652  1.099   -0.253  1.00 24.33 ? 66  GLU A CD  1 
ATOM   535  O OE1 . GLU A 1 78  ? -9.292  -0.009  0.220   1.00 18.70 ? 66  GLU A OE1 1 
ATOM   536  O OE2 . GLU A 1 78  ? -10.477 1.232   -1.145  1.00 20.79 ? 66  GLU A OE2 1 
ATOM   537  N N   . ILE A 1 79  ? -7.572  3.819   4.267   1.00 15.43 ? 67  ILE A N   1 
ATOM   538  C CA  . ILE A 1 79  ? -7.202  3.695   5.690   1.00 14.28 ? 67  ILE A CA  1 
ATOM   539  C C   . ILE A 1 79  ? -7.979  2.579   6.361   1.00 16.24 ? 67  ILE A C   1 
ATOM   540  O O   . ILE A 1 79  ? -9.215  2.537   6.285   1.00 16.54 ? 67  ILE A O   1 
ATOM   541  C CB  . ILE A 1 79  ? -7.440  5.014   6.404   1.00 15.55 ? 67  ILE A CB  1 
ATOM   542  C CG1 . ILE A 1 79  ? -6.701  6.169   5.684   1.00 20.46 ? 67  ILE A CG1 1 
ATOM   543  C CG2 . ILE A 1 79  ? -7.044  4.912   7.859   1.00 17.88 ? 67  ILE A CG2 1 
ATOM   544  C CD1 . ILE A 1 79  ? -7.153  7.537   6.143   1.00 21.76 ? 67  ILE A CD1 1 
ATOM   545  N N   . TYR A 1 80  ? -7.245  1.688   7.039   1.00 15.61 ? 68  TYR A N   1 
ATOM   546  C CA  . TYR A 1 80  ? -7.851  0.622   7.855   1.00 15.32 ? 68  TYR A CA  1 
ATOM   547  C C   . TYR A 1 80  ? -7.354  0.712   9.262   1.00 15.94 ? 68  TYR A C   1 
ATOM   548  O O   . TYR A 1 80  ? -6.236  1.150   9.495   1.00 15.68 ? 68  TYR A O   1 
ATOM   549  C CB  . TYR A 1 80  ? -7.478  -0.786  7.320   1.00 16.73 ? 68  TYR A CB  1 
ATOM   550  C CG  . TYR A 1 80  ? -8.149  -1.080  6.014   1.00 14.51 ? 68  TYR A CG  1 
ATOM   551  C CD1 . TYR A 1 80  ? -7.663  -0.526  4.844   1.00 21.63 ? 68  TYR A CD1 1 
ATOM   552  C CD2 . TYR A 1 80  ? -9.254  -1.907  5.949   1.00 17.01 ? 68  TYR A CD2 1 
ATOM   553  C CE1 . TYR A 1 80  ? -8.282  -0.761  3.630   1.00 20.55 ? 68  TYR A CE1 1 
ATOM   554  C CE2 . TYR A 1 80  ? -9.899  -2.138  4.737   1.00 18.08 ? 68  TYR A CE2 1 
ATOM   555  C CZ  . TYR A 1 80  ? -9.390  -1.556  3.584   1.00 19.20 ? 68  TYR A CZ  1 
ATOM   556  O OH  . TYR A 1 80  ? -10.006 -1.739  2.369   1.00 22.91 ? 68  TYR A OH  1 
ATOM   557  N N   . GLU A 1 81  ? -8.166  0.262   10.204  1.00 16.08 ? 69  GLU A N   1 
ATOM   558  C CA  . GLU A 1 81  ? -7.681  0.014   11.556  1.00 16.09 ? 69  GLU A CA  1 
ATOM   559  C C   . GLU A 1 81  ? -7.520  -1.497  11.694  1.00 16.78 ? 69  GLU A C   1 
ATOM   560  O O   . GLU A 1 81  ? -8.492  -2.236  11.458  1.00 16.63 ? 69  GLU A O   1 
ATOM   561  C CB  . GLU A 1 81  ? -8.634  0.604   12.603  1.00 15.26 ? 69  GLU A CB  1 
ATOM   562  C CG  . GLU A 1 81  ? -8.032  0.546   13.975  1.00 16.75 ? 69  GLU A CG  1 
ATOM   563  C CD  . GLU A 1 81  ? -8.846  1.250   15.050  1.00 32.91 ? 69  GLU A CD  1 
ATOM   564  O OE1 . GLU A 1 81  ? -10.079 1.121   15.050  1.00 34.43 ? 69  GLU A OE1 1 
ATOM   565  O OE2 . GLU A 1 81  ? -8.238  1.910   15.913  1.00 23.98 ? 69  GLU A OE2 1 
ATOM   566  N N   . VAL A 1 82  ? -6.311  -1.966  12.055  1.00 14.32 ? 70  VAL A N   1 
ATOM   567  C CA  . VAL A 1 82  ? -6.034  -3.415  12.120  1.00 15.75 ? 70  VAL A CA  1 
ATOM   568  C C   . VAL A 1 82  ? -5.540  -3.798  13.515  1.00 17.34 ? 70  VAL A C   1 
ATOM   569  O O   . VAL A 1 82  ? -5.029  -2.945  14.282  1.00 16.17 ? 70  VAL A O   1 
ATOM   570  C CB  . VAL A 1 82  ? -5.014  -3.879  11.054  1.00 15.01 ? 70  VAL A CB  1 
ATOM   571  C CG1 . VAL A 1 82  ? -5.450  -3.409  9.650   1.00 17.10 ? 70  VAL A CG1 1 
ATOM   572  C CG2 . VAL A 1 82  ? -3.638  -3.349  11.329  1.00 14.31 ? 70  VAL A CG2 1 
ATOM   573  N N   . ASP A 1 83  ? -5.687  -5.075  13.860  1.00 15.29 ? 71  ASP A N   1 
ATOM   574  C CA  . ASP A 1 83  ? -5.102  -5.551  15.088  1.00 17.49 ? 71  ASP A CA  1 
ATOM   575  C C   . ASP A 1 83  ? -3.655  -6.006  14.866  1.00 17.09 ? 71  ASP A C   1 
ATOM   576  O O   . ASP A 1 83  ? -3.170  -6.059  13.751  1.00 15.62 ? 71  ASP A O   1 
ATOM   577  C CB  . ASP A 1 83  ? -5.991  -6.605  15.785  1.00 20.18 ? 71  ASP A CB  1 
ATOM   578  C CG  . ASP A 1 83  ? -6.100  -7.915  15.055  1.00 23.40 ? 71  ASP A CG  1 
ATOM   579  O OD1 . ASP A 1 83  ? -5.477  -8.138  13.987  1.00 18.92 ? 71  ASP A OD1 1 
ATOM   580  O OD2 . ASP A 1 83  ? -6.849  -8.820  15.521  1.00 22.54 ? 71  ASP A OD2 1 
ATOM   581  N N   . GLU A 1 84  ? -2.988  -6.364  15.951  1.00 14.88 ? 72  GLU A N   1 
ATOM   582  C CA  . GLU A 1 84  ? -1.588  -6.717  15.901  1.00 15.91 ? 72  GLU A CA  1 
ATOM   583  C C   . GLU A 1 84  ? -1.350  -7.981  15.070  1.00 18.48 ? 72  GLU A C   1 
ATOM   584  O O   . GLU A 1 84  ? -0.341  -8.078  14.366  1.00 18.52 ? 72  GLU A O   1 
ATOM   585  C CB  . GLU A 1 84  ? -1.058  -6.895  17.315  1.00 18.73 ? 72  GLU A CB  1 
ATOM   586  C CG  . GLU A 1 84  ? -1.042  -5.584  18.094  1.00 19.81 ? 72  GLU A CG  1 
ATOM   587  C CD  . GLU A 1 84  ? -2.410  -5.073  18.516  1.00 30.70 ? 72  GLU A CD  1 
ATOM   588  O OE1 . GLU A 1 84  ? -3.448  -5.821  18.566  1.00 32.28 ? 72  GLU A OE1 1 
ATOM   589  O OE2 . GLU A 1 84  ? -2.457  -3.865  18.799  1.00 37.23 ? 72  GLU A OE2 1 
ATOM   590  N N   . GLN A 1 85  ? -2.276  -8.933  15.132  1.00 16.11 ? 73  GLN A N   1 
ATOM   591  C CA  . GLN A 1 85  ? -2.150  -10.189 14.353  1.00 17.40 ? 73  GLN A CA  1 
ATOM   592  C C   . GLN A 1 85  ? -2.154  -9.881  12.874  1.00 17.18 ? 73  GLN A C   1 
ATOM   593  O O   . GLN A 1 85  ? -1.366  -10.425 12.110  1.00 14.15 ? 73  GLN A O   1 
ATOM   594  C CB  . GLN A 1 85  ? -3.297  -11.139 14.659  1.00 18.00 ? 73  GLN A CB  1 
ATOM   595  C CG  . GLN A 1 85  ? -3.212  -12.484 13.895  1.00 22.48 ? 73  GLN A CG  1 
ATOM   596  C CD  . GLN A 1 85  ? -4.406  -13.404 14.142  1.00 25.02 ? 73  GLN A CD  1 
ATOM   597  O OE1 . GLN A 1 85  ? -5.347  -13.061 14.876  1.00 24.94 ? 73  GLN A OE1 1 
ATOM   598  N NE2 . GLN A 1 85  ? -4.370  -14.590 13.514  1.00 24.88 ? 73  GLN A NE2 1 
ATOM   599  N N   . MET A 1 86  ? -3.102  -9.060  12.451  1.00 17.09 ? 74  MET A N   1 
ATOM   600  C CA  . MET A 1 86  ? -3.202  -8.653  11.052  1.00 14.24 ? 74  MET A CA  1 
ATOM   601  C C   . MET A 1 86  ? -1.964  -7.854  10.642  1.00 15.46 ? 74  MET A C   1 
ATOM   602  O O   . MET A 1 86  ? -1.460  -8.023  9.537   1.00 13.69 ? 74  MET A O   1 
ATOM   603  C CB  . MET A 1 86  ? -4.452  -7.809  10.836  1.00 14.37 ? 74  MET A CB  1 
ATOM   604  C CG  . MET A 1 86  ? -4.613  -7.277  9.399   1.00 17.12 ? 74  MET A CG  1 
ATOM   605  S SD  . MET A 1 86  ? -4.740  -8.539  8.104   1.00 19.92 ? 74  MET A SD  1 
ATOM   606  C CE  . MET A 1 86  ? -6.374  -9.177  8.425   1.00 20.66 ? 74  MET A CE  1 
ATOM   607  N N   . LEU A 1 87  ? -1.503  -6.951  11.496  1.00 13.54 ? 75  LEU A N   1 
ATOM   608  C CA  . LEU A 1 87  ? -0.270  -6.199  11.173  1.00 14.85 ? 75  LEU A CA  1 
ATOM   609  C C   . LEU A 1 87  ? 0.923   -7.129  10.927  1.00 15.09 ? 75  LEU A C   1 
ATOM   610  O O   . LEU A 1 87  ? 1.706   -6.962  9.937   1.00 15.86 ? 75  LEU A O   1 
ATOM   611  C CB  . LEU A 1 87  ? 0.047   -5.176  12.286  1.00 15.49 ? 75  LEU A CB  1 
ATOM   612  C CG  . LEU A 1 87  ? 1.120   -4.146  11.996  1.00 18.94 ? 75  LEU A CG  1 
ATOM   613  C CD1 . LEU A 1 87  ? 0.738   -3.288  10.788  1.00 21.37 ? 75  LEU A CD1 1 
ATOM   614  C CD2 . LEU A 1 87  ? 1.320   -3.287  13.268  1.00 19.08 ? 75  LEU A CD2 1 
ATOM   615  N N   . ARG A 1 88  ? 1.099   -8.100  11.818  1.00 15.45 ? 76  ARG A N   1 
ATOM   616  C CA  . ARG A 1 88  ? 2.203   -9.051  11.612  1.00 13.89 ? 76  ARG A CA  1 
ATOM   617  C C   . ARG A 1 88  ? 1.968   -9.945  10.369  1.00 15.57 ? 76  ARG A C   1 
ATOM   618  O O   . ARG A 1 88  ? 2.917   -10.367 9.699   1.00 17.73 ? 76  ARG A O   1 
ATOM   619  C CB  . ARG A 1 88  ? 2.396   -9.907  12.832  1.00 16.71 ? 76  ARG A CB  1 
ATOM   620  C CG  . ARG A 1 88  ? 2.905   -9.106  14.016  1.00 18.93 ? 76  ARG A CG  1 
ATOM   621  C CD  . ARG A 1 88  ? 3.038   -9.878  15.298  1.00 25.45 ? 76  ARG A CD  1 
ATOM   622  N NE  . ARG A 1 88  ? 3.513   -11.257 15.126  1.00 33.81 ? 76  ARG A NE  1 
ATOM   623  C CZ  . ARG A 1 88  ? 4.775   -11.624 14.994  1.00 28.68 ? 76  ARG A CZ  1 
ATOM   624  N NH1 . ARG A 1 88  ? 5.755   -10.738 14.990  1.00 32.84 ? 76  ARG A NH1 1 
ATOM   625  N NH2 . ARG A 1 88  ? 5.069   -12.906 14.853  1.00 31.20 ? 76  ARG A NH2 1 
ATOM   626  N N   . PHE A 1 89  ? 0.721   -10.268 10.096  1.00 14.78 ? 77  PHE A N   1 
ATOM   627  C CA  . PHE A 1 89  ? 0.402   -11.079 8.871   1.00 13.27 ? 77  PHE A CA  1 
ATOM   628  C C   . PHE A 1 89  ? 0.812   -10.282 7.623   1.00 15.52 ? 77  PHE A C   1 
ATOM   629  O O   . PHE A 1 89  ? 1.456   -10.830 6.722   1.00 15.23 ? 77  PHE A O   1 
ATOM   630  C CB  . PHE A 1 89  ? -1.059  -11.492 8.781   1.00 13.15 ? 77  PHE A CB  1 
ATOM   631  C CG  . PHE A 1 89  ? -1.409  -11.975 7.406   1.00 16.50 ? 77  PHE A CG  1 
ATOM   632  C CD1 . PHE A 1 89  ? -1.084  -13.253 7.022   1.00 25.29 ? 77  PHE A CD1 1 
ATOM   633  C CD2 . PHE A 1 89  ? -1.907  -11.099 6.470   1.00 22.89 ? 77  PHE A CD2 1 
ATOM   634  C CE1 . PHE A 1 89  ? -1.337  -13.688 5.704   1.00 25.83 ? 77  PHE A CE1 1 
ATOM   635  C CE2 . PHE A 1 89  ? -2.145  -11.512 5.184   1.00 23.71 ? 77  PHE A CE2 1 
ATOM   636  C CZ  . PHE A 1 89  ? -1.854  -12.807 4.807   1.00 19.24 ? 77  PHE A CZ  1 
ATOM   637  N N   . LEU A 1 90  ? 0.432   -9.003  7.573   1.00 13.76 ? 78  LEU A N   1 
ATOM   638  C CA  . LEU A 1 90  ? 0.746   -8.160  6.441   1.00 14.66 ? 78  LEU A CA  1 
ATOM   639  C C   . LEU A 1 90  ? 2.249   -7.960  6.286   1.00 14.34 ? 78  LEU A C   1 
ATOM   640  O O   . LEU A 1 90  ? 2.761   -7.920  5.141   1.00 14.61 ? 78  LEU A O   1 
ATOM   641  C CB  . LEU A 1 90  ? -0.014  -6.836  6.505   1.00 14.18 ? 78  LEU A CB  1 
ATOM   642  C CG  . LEU A 1 90  ? -1.525  -6.908  6.356   1.00 16.32 ? 78  LEU A CG  1 
ATOM   643  C CD1 . LEU A 1 90  ? -2.224  -5.576  6.569   1.00 17.37 ? 78  LEU A CD1 1 
ATOM   644  C CD2 . LEU A 1 90  ? -1.944  -7.535  4.985   1.00 20.71 ? 78  LEU A CD2 1 
ATOM   645  N N   . ASP A 1 91  ? 2.969   -7.829  7.396   1.00 16.08 ? 79  ASP A N   1 
ATOM   646  C CA  . ASP A 1 91  ? 4.466   -7.795  7.339   1.00 16.15 ? 79  ASP A CA  1 
ATOM   647  C C   . ASP A 1 91  ? 5.064   -9.006  6.658   1.00 15.87 ? 79  ASP A C   1 
ATOM   648  O O   . ASP A 1 91  ? 6.009   -8.888  5.862   1.00 19.74 ? 79  ASP A O   1 
ATOM   649  C CB  . ASP A 1 91  ? 5.132   -7.675  8.715   1.00 16.79 ? 79  ASP A CB  1 
ATOM   650  C CG  . ASP A 1 91  ? 4.935   -6.343  9.369   1.00 19.18 ? 79  ASP A CG  1 
ATOM   651  O OD1 . ASP A 1 91  ? 4.403   -5.374  8.758   1.00 18.45 ? 79  ASP A OD1 1 
ATOM   652  O OD2 . ASP A 1 91  ? 5.310   -6.182  10.563  1.00 20.48 ? 79  ASP A OD2 1 
ATOM   653  N N   . ASP A 1 92  ? 4.501   -10.171 6.966   1.00 16.50 ? 80  ASP A N   1 
ATOM   654  C CA  . ASP A 1 92  ? 4.930   -11.409 6.375   1.00 17.34 ? 80  ASP A CA  1 
ATOM   655  C C   . ASP A 1 92  ? 4.490   -11.465 4.930   1.00 16.17 ? 80  ASP A C   1 
ATOM   656  O O   . ASP A 1 92  ? 5.274   -11.882 4.074   1.00 14.34 ? 80  ASP A O   1 
ATOM   657  C CB  . ASP A 1 92  ? 4.311   -12.548 7.161   1.00 15.25 ? 80  ASP A CB  1 
ATOM   658  C CG  . ASP A 1 92  ? 4.682   -13.910 6.652   1.00 32.05 ? 80  ASP A CG  1 
ATOM   659  O OD1 . ASP A 1 92  ? 5.872   -14.149 6.428   1.00 33.64 ? 80  ASP A OD1 1 
ATOM   660  O OD2 . ASP A 1 92  ? 3.828   -14.817 6.517   1.00 32.75 ? 80  ASP A OD2 1 
ATOM   661  N N   . PHE A 1 93  ? 3.239   -11.079 4.679   1.00 15.05 ? 81  PHE A N   1 
ATOM   662  C CA  . PHE A 1 93  ? 2.683   -11.061 3.289   1.00 16.48 ? 81  PHE A CA  1 
ATOM   663  C C   . PHE A 1 93  ? 3.554   -10.208 2.334   1.00 17.15 ? 81  PHE A C   1 
ATOM   664  O O   . PHE A 1 93  ? 3.844   -10.587 1.192   1.00 17.56 ? 81  PHE A O   1 
ATOM   665  C CB  . PHE A 1 93  ? 1.264   -10.524 3.316   1.00 15.93 ? 81  PHE A CB  1 
ATOM   666  C CG  . PHE A 1 93  ? 0.599   -10.568 1.959   1.00 15.64 ? 81  PHE A CG  1 
ATOM   667  C CD1 . PHE A 1 93  ? 0.109   -11.791 1.455   1.00 18.60 ? 81  PHE A CD1 1 
ATOM   668  C CD2 . PHE A 1 93  ? 0.558   -9.447  1.158   1.00 18.70 ? 81  PHE A CD2 1 
ATOM   669  C CE1 . PHE A 1 93  ? -0.436  -11.852 0.205   1.00 21.16 ? 81  PHE A CE1 1 
ATOM   670  C CE2 . PHE A 1 93  ? -0.003  -9.500  -0.118  1.00 22.59 ? 81  PHE A CE2 1 
ATOM   671  C CZ  . PHE A 1 93  ? -0.489  -10.720 -0.590  1.00 18.51 ? 81  PHE A CZ  1 
ATOM   672  N N   . GLU A 1 94  ? 3.955   -9.032  2.815   1.00 16.03 ? 82  GLU A N   1 
ATOM   673  C CA  . GLU A 1 94  ? 4.801   -8.120  2.087   1.00 19.43 ? 82  GLU A CA  1 
ATOM   674  C C   . GLU A 1 94  ? 6.297   -8.413  2.164   1.00 21.15 ? 82  GLU A C   1 
ATOM   675  O O   . GLU A 1 94  ? 7.102   -7.655  1.618   1.00 23.78 ? 82  GLU A O   1 
ATOM   676  C CB  . GLU A 1 94  ? 4.536   -6.687  2.559   1.00 16.21 ? 82  GLU A CB  1 
ATOM   677  C CG  . GLU A 1 94  ? 3.119   -6.198  2.282   1.00 17.55 ? 82  GLU A CG  1 
ATOM   678  C CD  . GLU A 1 94  ? 2.839   -5.993  0.768   1.00 24.75 ? 82  GLU A CD  1 
ATOM   679  O OE1 . GLU A 1 94  ? 2.829   -6.964  -0.011  1.00 32.44 ? 82  GLU A OE1 1 
ATOM   680  O OE2 . GLU A 1 94  ? 2.724   -4.855  0.379   1.00 32.31 ? 82  GLU A OE2 1 
ATOM   681  N N   . ASP A 1 95  ? 6.646   -9.533  2.768   1.00 20.51 ? 83  ASP A N   1 
ATOM   682  C CA  . ASP A 1 95  ? 8.043   -9.985  2.920   1.00 21.34 ? 83  ASP A CA  1 
ATOM   683  C C   . ASP A 1 95  ? 8.967   -8.876  3.462   1.00 22.24 ? 83  ASP A C   1 
ATOM   684  O O   . ASP A 1 95  ? 10.066  -8.617  2.905   1.00 22.83 ? 83  ASP A O   1 
ATOM   685  C CB  A ASP A 1 95  ? 8.565   -10.568 1.634   0.65 22.25 ? 83  ASP A CB  1 
ATOM   686  C CB  B ASP A 1 95  ? 8.598   -10.521 1.579   0.35 21.45 ? 83  ASP A CB  1 
ATOM   687  C CG  A ASP A 1 95  ? 9.798   -11.386 1.846   0.65 23.77 ? 83  ASP A CG  1 
ATOM   688  C CG  B ASP A 1 95  ? 8.051   -11.903 1.203   0.35 21.54 ? 83  ASP A CG  1 
ATOM   689  O OD1 A ASP A 1 95  ? 10.124  -11.726 3.023   0.65 28.84 ? 83  ASP A OD1 1 
ATOM   690  O OD1 B ASP A 1 95  ? 8.031   -12.242 0.003   0.35 20.28 ? 83  ASP A OD1 1 
ATOM   691  O OD2 A ASP A 1 95  ? 10.522  -11.704 0.893   0.65 32.37 ? 83  ASP A OD2 1 
ATOM   692  O OD2 B ASP A 1 95  ? 7.641   -12.714 2.026   0.35 18.81 ? 83  ASP A OD2 1 
ATOM   693  N N   . CYS A 1 96  ? 8.526   -8.248  4.557   1.00 18.52 ? 84  CYS A N   1 
ATOM   694  C CA  . CYS A 1 96  ? 9.314   -7.219  5.256   1.00 16.44 ? 84  CYS A CA  1 
ATOM   695  C C   . CYS A 1 96  ? 10.444  -7.905  6.006   1.00 19.41 ? 84  CYS A C   1 
ATOM   696  O O   . CYS A 1 96  ? 10.255  -9.010  6.532   1.00 16.38 ? 84  CYS A O   1 
ATOM   697  C CB  . CYS A 1 96  ? 8.460   -6.464  6.252   1.00 17.05 ? 84  CYS A CB  1 
ATOM   698  S SG  . CYS A 1 96  ? 7.195   -5.519  5.473   1.00 20.60 ? 84  CYS A SG  1 
ATOM   699  N N   . PRO A 1 97  ? 11.614  -7.298  6.121   1.00 17.25 ? 85  PRO A N   1 
ATOM   700  C CA  . PRO A 1 97  ? 11.960  -5.979  5.624   1.00 16.92 ? 85  PRO A CA  1 
ATOM   701  C C   . PRO A 1 97  ? 12.696  -6.026  4.281   1.00 16.03 ? 85  PRO A C   1 
ATOM   702  O O   . PRO A 1 97  ? 13.246  -5.005  3.844   1.00 19.74 ? 85  PRO A O   1 
ATOM   703  C CB  . PRO A 1 97  ? 12.892  -5.485  6.724   1.00 20.17 ? 85  PRO A CB  1 
ATOM   704  C CG  . PRO A 1 97  ? 13.622  -6.700  7.123   1.00 21.35 ? 85  PRO A CG  1 
ATOM   705  C CD  . PRO A 1 97  ? 12.698  -7.882  6.939   1.00 20.42 ? 85  PRO A CD  1 
ATOM   706  N N   . SER A 1 98  ? 12.750  -7.181  3.613   1.00 16.41 ? 86  SER A N   1 
ATOM   707  C CA  . SER A 1 98  ? 13.524  -7.228  2.384   1.00 18.56 ? 86  SER A CA  1 
ATOM   708  C C   . SER A 1 98  ? 12.831  -6.587  1.191   1.00 18.24 ? 86  SER A C   1 
ATOM   709  O O   . SER A 1 98  ? 13.450  -5.841  0.490   1.00 18.52 ? 86  SER A O   1 
ATOM   710  C CB  A SER A 1 98  ? 14.057  -8.617  2.050   0.65 22.32 ? 86  SER A CB  1 
ATOM   711  C CB  B SER A 1 98  ? 13.842  -8.682  2.012   0.35 19.53 ? 86  SER A CB  1 
ATOM   712  O OG  A SER A 1 98  ? 13.032  -9.545  1.905   0.65 27.53 ? 86  SER A OG  1 
ATOM   713  O OG  B SER A 1 98  ? 14.361  -9.401  3.120   0.35 16.79 ? 86  SER A OG  1 
ATOM   714  N N   . MET A 1 99  ? 11.561  -6.898  0.985   1.00 17.03 ? 87  MET A N   1 
ATOM   715  C CA  . MET A 1 99  ? 10.842  -6.500  -0.229  1.00 20.20 ? 87  MET A CA  1 
ATOM   716  C C   . MET A 1 99  ? 10.210  -5.117  -0.009  1.00 19.65 ? 87  MET A C   1 
ATOM   717  O O   . MET A 1 99  ? 10.303  -4.225  -0.882  1.00 18.43 ? 87  MET A O   1 
ATOM   718  C CB  A MET A 1 99  ? 9.740   -7.570  -0.480  0.65 21.65 ? 87  MET A CB  1 
ATOM   719  C CB  B MET A 1 99  ? 9.887   -7.596  -0.655  0.35 19.86 ? 87  MET A CB  1 
ATOM   720  C CG  A MET A 1 99  ? 8.674   -7.364  -1.584  0.65 29.39 ? 87  MET A CG  1 
ATOM   721  C CG  B MET A 1 99  ? 10.664  -8.913  -0.917  0.35 16.53 ? 87  MET A CG  1 
ATOM   722  S SD  A MET A 1 99  ? 7.314   -8.626  -1.670  0.65 26.26 ? 87  MET A SD  1 
ATOM   723  S SD  B MET A 1 99  ? 12.134  -8.728  -1.977  0.35 17.90 ? 87  MET A SD  1 
ATOM   724  C CE  A MET A 1 99  ? 6.656   -8.389  -3.318  0.65 24.41 ? 87  MET A CE  1 
ATOM   725  C CE  B MET A 1 99  ? 11.244  -8.083  -3.380  0.35 5.20  ? 87  MET A CE  1 
ATOM   726  N N   . TYR A 1 100 ? 9.556   -4.974  1.148   1.00 15.92 ? 88  TYR A N   1 
ATOM   727  C CA  . TYR A 1 100 ? 9.046   -3.716  1.627   1.00 15.20 ? 88  TYR A CA  1 
ATOM   728  C C   . TYR A 1 100 ? 9.540   -3.497  3.041   1.00 13.42 ? 88  TYR A C   1 
ATOM   729  O O   . TYR A 1 100 ? 10.035  -4.416  3.677   1.00 14.66 ? 88  TYR A O   1 
ATOM   730  C CB  . TYR A 1 100 ? 7.516   -3.747  1.653   1.00 15.17 ? 88  TYR A CB  1 
ATOM   731  C CG  . TYR A 1 100 ? 6.798   -3.770  0.312   1.00 11.69 ? 88  TYR A CG  1 
ATOM   732  C CD1 . TYR A 1 100 ? 6.479   -4.958  -0.285  1.00 17.73 ? 88  TYR A CD1 1 
ATOM   733  C CD2 . TYR A 1 100 ? 6.394   -2.615  -0.299  1.00 16.02 ? 88  TYR A CD2 1 
ATOM   734  C CE1 . TYR A 1 100 ? 5.787   -5.006  -1.461  1.00 19.25 ? 88  TYR A CE1 1 
ATOM   735  C CE2 . TYR A 1 100 ? 5.713   -2.653  -1.493  1.00 16.57 ? 88  TYR A CE2 1 
ATOM   736  C CZ  . TYR A 1 100 ? 5.410   -3.864  -2.069  1.00 17.59 ? 88  TYR A CZ  1 
ATOM   737  O OH  . TYR A 1 100 ? 4.692   -4.005  -3.250  1.00 16.36 ? 88  TYR A OH  1 
ATOM   738  N N   . GLN A 1 101 ? 9.477   -2.245  3.479   1.00 13.15 ? 89  GLN A N   1 
ATOM   739  C CA  . GLN A 1 101 ? 9.746   -1.896  4.855   1.00 14.92 ? 89  GLN A CA  1 
ATOM   740  C C   . GLN A 1 101 ? 8.510   -1.116  5.315   1.00 18.03 ? 89  GLN A C   1 
ATOM   741  O O   . GLN A 1 101 ? 8.010   -0.226  4.610   1.00 20.55 ? 89  GLN A O   1 
ATOM   742  C CB  . GLN A 1 101 ? 11.010  -1.063  4.950   1.00 15.47 ? 89  GLN A CB  1 
ATOM   743  C CG  . GLN A 1 101 ? 12.257  -1.704  4.405   1.00 15.23 ? 89  GLN A CG  1 
ATOM   744  C CD  . GLN A 1 101 ? 12.373  -1.633  2.908   1.00 13.49 ? 89  GLN A CD  1 
ATOM   745  O OE1 . GLN A 1 101 ? 12.146  -0.582  2.294   1.00 15.51 ? 89  GLN A OE1 1 
ATOM   746  N NE2 . GLN A 1 101 ? 12.715  -2.769  2.297   1.00 15.07 ? 89  GLN A NE2 1 
ATOM   747  N N   . ARG A 1 102 ? 7.999   -1.459  6.496   1.00 16.80 ? 90  ARG A N   1 
ATOM   748  C CA  . ARG A 1 102 ? 6.853   -0.767  6.998   1.00 16.38 ? 90  ARG A CA  1 
ATOM   749  C C   . ARG A 1 102 ? 7.284   0.569   7.582   1.00 17.66 ? 90  ARG A C   1 
ATOM   750  O O   . ARG A 1 102 ? 8.158   0.619   8.478   1.00 16.75 ? 90  ARG A O   1 
ATOM   751  C CB  . ARG A 1 102 ? 6.185   -1.612  8.075   1.00 16.06 ? 90  ARG A CB  1 
ATOM   752  C CG  . ARG A 1 102 ? 4.947   -0.923  8.701   1.00 14.86 ? 90  ARG A CG  1 
ATOM   753  C CD  . ARG A 1 102 ? 3.906   -1.875  9.283   1.00 17.76 ? 90  ARG A CD  1 
ATOM   754  N NE  . ARG A 1 102 ? 4.409   -2.979  10.121  1.00 15.27 ? 90  ARG A NE  1 
ATOM   755  C CZ  . ARG A 1 102 ? 4.739   -2.869  11.433  1.00 19.98 ? 90  ARG A CZ  1 
ATOM   756  N NH1 . ARG A 1 102 ? 4.785   -1.709  12.059  1.00 16.82 ? 90  ARG A NH1 1 
ATOM   757  N NH2 . ARG A 1 102 ? 5.122   -3.924  12.098  1.00 18.85 ? 90  ARG A NH2 1 
ATOM   758  N N   . THR A 1 103 ? 6.634   1.637   7.131   1.00 15.98 ? 91  THR A N   1 
ATOM   759  C CA  . THR A 1 103 ? 7.016   3.009   7.463   1.00 19.94 ? 91  THR A CA  1 
ATOM   760  C C   . THR A 1 103 ? 5.796   3.813   7.899   1.00 18.84 ? 91  THR A C   1 
ATOM   761  O O   . THR A 1 103 ? 4.747   3.682   7.313   1.00 21.96 ? 91  THR A O   1 
ATOM   762  C CB  . THR A 1 103 ? 7.652   3.633   6.187   1.00 24.22 ? 91  THR A CB  1 
ATOM   763  O OG1 . THR A 1 103 ? 8.826   2.873   5.820   1.00 23.95 ? 91  THR A OG1 1 
ATOM   764  C CG2 . THR A 1 103 ? 8.181   4.956   6.501   1.00 28.26 ? 91  THR A CG2 1 
ATOM   765  N N   . ALA A 1 104 ? 5.916   4.654   8.933   1.00 18.28 ? 92  ALA A N   1 
ATOM   766  C CA  . ALA A 1 104 ? 4.742   5.392   9.447   1.00 16.80 ? 92  ALA A CA  1 
ATOM   767  C C   . ALA A 1 104 ? 4.706   6.702   8.655   1.00 19.46 ? 92  ALA A C   1 
ATOM   768  O O   . ALA A 1 104 ? 5.730   7.362   8.582   1.00 18.73 ? 92  ALA A O   1 
ATOM   769  C CB  . ALA A 1 104 ? 4.924   5.675   10.887  1.00 22.37 ? 92  ALA A CB  1 
ATOM   770  N N   . LEU A 1 105 ? 3.587   7.044   8.016   1.00 17.19 ? 93  LEU A N   1 
ATOM   771  C CA  . LEU A 1 105 ? 3.471   8.268   7.244   1.00 18.82 ? 93  LEU A CA  1 
ATOM   772  C C   . LEU A 1 105 ? 2.186   9.018   7.602   1.00 17.94 ? 93  LEU A C   1 
ATOM   773  O O   . LEU A 1 105 ? 1.206   8.421   8.024   1.00 18.82 ? 93  LEU A O   1 
ATOM   774  C CB  . LEU A 1 105 ? 3.425   7.953   5.734   1.00 20.52 ? 93  LEU A CB  1 
ATOM   775  C CG  . LEU A 1 105 ? 4.562   7.235   5.017   1.00 23.84 ? 93  LEU A CG  1 
ATOM   776  C CD1 . LEU A 1 105 ? 4.166   7.043   3.526   1.00 25.19 ? 93  LEU A CD1 1 
ATOM   777  C CD2 . LEU A 1 105 ? 5.862   8.048   5.162   1.00 31.45 ? 93  LEU A CD2 1 
ATOM   778  N N   . GLN A 1 106 ? 2.193   10.326  7.391   1.00 17.34 ? 94  GLN A N   1 
ATOM   779  C CA  . GLN A 1 106 ? 1.000   11.145  7.575   1.00 17.27 ? 94  GLN A CA  1 
ATOM   780  C C   . GLN A 1 106 ? 0.138   11.039  6.332   1.00 16.55 ? 94  GLN A C   1 
ATOM   781  O O   . GLN A 1 106 ? 0.619   11.254  5.215   1.00 17.78 ? 94  GLN A O   1 
ATOM   782  C CB  . GLN A 1 106 ? 1.364   12.604  7.791   1.00 17.99 ? 94  GLN A CB  1 
ATOM   783  C CG  . GLN A 1 106 ? 0.219   13.473  8.148   1.00 26.39 ? 94  GLN A CG  1 
ATOM   784  C CD  . GLN A 1 106 ? 0.652   14.937  8.302   1.00 40.19 ? 94  GLN A CD  1 
ATOM   785  O OE1 . GLN A 1 106 ? 1.804   15.287  8.005   1.00 31.17 ? 94  GLN A OE1 1 
ATOM   786  N NE2 . GLN A 1 106 ? -0.265  15.787  8.743   1.00 29.18 ? 94  GLN A NE2 1 
ATOM   787  N N   . VAL A 1 107 ? -1.159  10.795  6.561   1.00 16.13 ? 95  VAL A N   1 
ATOM   788  C CA  . VAL A 1 107 ? -2.161  10.609  5.498   1.00 15.71 ? 95  VAL A CA  1 
ATOM   789  C C   . VAL A 1 107 ? -3.276  11.633  5.675   1.00 15.73 ? 95  VAL A C   1 
ATOM   790  O O   . VAL A 1 107 ? -3.863  11.784  6.740   1.00 17.54 ? 95  VAL A O   1 
ATOM   791  C CB  . VAL A 1 107 ? -2.722  9.172   5.494   1.00 12.88 ? 95  VAL A CB  1 
ATOM   792  C CG1 . VAL A 1 107 ? -3.873  9.019   4.520   1.00 19.17 ? 95  VAL A CG1 1 
ATOM   793  C CG2 . VAL A 1 107 ? -1.602  8.134   5.225   1.00 16.94 ? 95  VAL A CG2 1 
ATOM   794  N N   . GLN A 1 108 ? -3.471  12.431  4.650   1.00 15.63 ? 96  GLN A N   1 
ATOM   795  C CA  . GLN A 1 108 ? -4.577  13.358  4.605   1.00 15.96 ? 96  GLN A CA  1 
ATOM   796  C C   . GLN A 1 108 ? -5.889  12.546  4.409   1.00 19.02 ? 96  GLN A C   1 
ATOM   797  O O   . GLN A 1 108 ? -6.007  11.692  3.490   1.00 18.11 ? 96  GLN A O   1 
ATOM   798  C CB  . GLN A 1 108 ? -4.367  14.349  3.464   1.00 18.39 ? 96  GLN A CB  1 
ATOM   799  C CG  . GLN A 1 108 ? -5.528  15.332  3.304   1.00 22.42 ? 96  GLN A CG  1 
ATOM   800  C CD  . GLN A 1 108 ? -5.435  16.177  2.045   1.00 27.98 ? 96  GLN A CD  1 
ATOM   801  O OE1 . GLN A 1 108 ? -4.697  15.859  1.103   1.00 32.29 ? 96  GLN A OE1 1 
ATOM   802  N NE2 . GLN A 1 108 ? -6.199  17.262  2.026   1.00 39.21 ? 96  GLN A NE2 1 
ATOM   803  N N   . VAL A 1 109 ? -6.872  12.816  5.264   1.00 17.62 ? 97  VAL A N   1 
ATOM   804  C CA  . VAL A 1 109 ? -8.153  12.121  5.214   1.00 17.83 ? 97  VAL A CA  1 
ATOM   805  C C   . VAL A 1 109 ? -9.030  12.778  4.144   1.00 20.16 ? 97  VAL A C   1 
ATOM   806  O O   . VAL A 1 109 ? -9.290  13.988  4.196   1.00 19.63 ? 97  VAL A O   1 
ATOM   807  C CB  . VAL A 1 109 ? -8.831  12.171  6.568   1.00 19.47 ? 97  VAL A CB  1 
ATOM   808  C CG1 . VAL A 1 109 ? -10.248 11.579  6.498   1.00 21.57 ? 97  VAL A CG1 1 
ATOM   809  C CG2 . VAL A 1 109 ? -7.957  11.452  7.604   1.00 22.84 ? 97  VAL A CG2 1 
ATOM   810  N N   . LEU A 1 110 ? -9.455  12.003  3.169   1.00 18.41 ? 98  LEU A N   1 
ATOM   811  C CA  . LEU A 1 110 ? -10.363 12.500  2.123   1.00 19.77 ? 98  LEU A CA  1 
ATOM   812  C C   . LEU A 1 110 ? -11.818 12.117  2.407   1.00 21.73 ? 98  LEU A C   1 
ATOM   813  O O   . LEU A 1 110 ? -12.724 12.847  2.098   1.00 21.82 ? 98  LEU A O   1 
ATOM   814  C CB  . LEU A 1 110 ? -9.939  11.944  0.786   1.00 19.60 ? 98  LEU A CB  1 
ATOM   815  C CG  . LEU A 1 110 ? -8.517  12.312  0.371   1.00 25.90 ? 98  LEU A CG  1 
ATOM   816  C CD1 . LEU A 1 110 ? -8.224  11.655  -0.963  1.00 28.64 ? 98  LEU A CD1 1 
ATOM   817  C CD2 . LEU A 1 110 ? -8.315  13.815  0.319   1.00 33.39 ? 98  LEU A CD2 1 
ATOM   818  N N   . GLU A 1 111 ? -12.031 10.977  3.040   1.00 21.08 ? 99  GLU A N   1 
ATOM   819  C CA  . GLU A 1 111 ? -13.358 10.522  3.444   1.00 23.27 ? 99  GLU A CA  1 
ATOM   820  C C   . GLU A 1 111 ? -13.171 9.649   4.660   1.00 22.81 ? 99  GLU A C   1 
ATOM   821  O O   . GLU A 1 111 ? -12.192 8.909   4.751   1.00 21.00 ? 99  GLU A O   1 
ATOM   822  C CB  . GLU A 1 111 ? -14.035 9.765   2.285   1.00 26.95 ? 99  GLU A CB  1 
ATOM   823  C CG  . GLU A 1 111 ? -15.295 8.974   2.652   1.00 39.91 ? 99  GLU A CG  1 
ATOM   824  C CD  . GLU A 1 111 ? -15.062 7.483   3.014   1.00 47.79 ? 99  GLU A CD  1 
ATOM   825  O OE1 . GLU A 1 111 ? -14.206 6.812   2.414   1.00 43.03 ? 99  GLU A OE1 1 
ATOM   826  O OE2 . GLU A 1 111 ? -15.791 6.949   3.886   1.00 53.32 ? 99  GLU A OE2 1 
ATOM   827  N N   . TRP A 1 112 ? -14.063 9.770   5.632   1.00 22.20 ? 100 TRP A N   1 
ATOM   828  C CA  . TRP A 1 112 ? -13.994 8.951   6.831   1.00 23.90 ? 100 TRP A CA  1 
ATOM   829  C C   . TRP A 1 112 ? -15.343 8.351   7.136   1.00 30.38 ? 100 TRP A C   1 
ATOM   830  O O   . TRP A 1 112 ? -16.336 9.071   7.152   1.00 28.71 ? 100 TRP A O   1 
ATOM   831  C CB  . TRP A 1 112 ? -13.543 9.793   8.021   1.00 23.92 ? 100 TRP A CB  1 
ATOM   832  C CG  . TRP A 1 112 ? -13.175 8.983   9.243   1.00 23.60 ? 100 TRP A CG  1 
ATOM   833  C CD1 . TRP A 1 112 ? -13.953 8.749   10.351  1.00 27.51 ? 100 TRP A CD1 1 
ATOM   834  C CD2 . TRP A 1 112 ? -11.927 8.320   9.493   1.00 22.45 ? 100 TRP A CD2 1 
ATOM   835  N NE1 . TRP A 1 112 ? -13.258 7.988   11.256  1.00 26.29 ? 100 TRP A NE1 1 
ATOM   836  C CE2 . TRP A 1 112 ? -12.012 7.718   10.755  1.00 24.81 ? 100 TRP A CE2 1 
ATOM   837  C CE3 . TRP A 1 112 ? -10.725 8.192   8.774   1.00 25.95 ? 100 TRP A CE3 1 
ATOM   838  C CZ2 . TRP A 1 112 ? -10.961 6.986   11.305  1.00 26.49 ? 100 TRP A CZ2 1 
ATOM   839  C CZ3 . TRP A 1 112 ? -9.679  7.483   9.342   1.00 23.68 ? 100 TRP A CZ3 1 
ATOM   840  C CH2 . TRP A 1 112 ? -9.804  6.900   10.592  1.00 23.47 ? 100 TRP A CH2 1 
ATOM   841  N N   . GLU A 1 113 ? -15.380 7.048   7.415   1.00 32.30 ? 101 GLU A N   1 
ATOM   842  C CA  . GLU A 1 113 ? -16.594 6.392   7.894   1.00 36.80 ? 101 GLU A CA  1 
ATOM   843  C C   . GLU A 1 113 ? -16.555 6.307   9.414   1.00 37.81 ? 101 GLU A C   1 
ATOM   844  O O   . GLU A 1 113 ? -15.609 5.712   9.967   1.00 44.04 ? 101 GLU A O   1 
ATOM   845  C CB  . GLU A 1 113 ? -16.700 4.978   7.313   1.00 37.62 ? 101 GLU A CB  1 
ATOM   846  C CG  . GLU A 1 113 ? -16.902 4.952   5.815   1.00 42.01 ? 101 GLU A CG  1 
ATOM   847  C CD  . GLU A 1 113 ? -17.330 3.603   5.290   1.00 44.61 ? 101 GLU A CD  1 
ATOM   848  O OE1 . GLU A 1 113 ? -17.392 2.616   6.062   1.00 51.09 ? 101 GLU A OE1 1 
ATOM   849  O OE2 . GLU A 1 113 ? -17.592 3.533   4.081   1.00 56.73 ? 101 GLU A OE2 1 
ATOM   850  C C   . ASP A 1 117 ? -12.175 12.482  14.162  1.00 38.39 ? 105 ASP A C   1 
ATOM   851  O O   . ASP A 1 117 ? -13.413 12.540  14.225  1.00 43.60 ? 105 ASP A O   1 
ATOM   852  N N   . PRO A 1 118 ? -11.532 12.082  13.067  1.00 37.41 ? 106 PRO A N   1 
ATOM   853  C CA  . PRO A 1 118 ? -10.085 11.900  13.027  1.00 32.74 ? 106 PRO A CA  1 
ATOM   854  C C   . PRO A 1 118 ? -9.350  13.209  12.711  1.00 31.33 ? 106 PRO A C   1 
ATOM   855  O O   . PRO A 1 118 ? -8.163  13.338  12.978  1.00 33.90 ? 106 PRO A O   1 
ATOM   856  C CB  . PRO A 1 118 ? -9.905  10.896  11.884  1.00 32.85 ? 106 PRO A CB  1 
ATOM   857  C CG  . PRO A 1 118 ? -10.985 11.236  10.944  1.00 37.53 ? 106 PRO A CG  1 
ATOM   858  C CD  . PRO A 1 118 ? -12.153 11.800  11.760  1.00 37.39 ? 106 PRO A CD  1 
ATOM   859  N N   . GLY A 1 119 ? -10.050 14.183  12.141  1.00 29.44 ? 107 GLY A N   1 
ATOM   860  C CA  . GLY A 1 119 ? -9.419  15.434  11.772  1.00 27.91 ? 107 GLY A CA  1 
ATOM   861  C C   . GLY A 1 119 ? -8.849  15.373  10.369  1.00 26.05 ? 107 GLY A C   1 
ATOM   862  O O   . GLY A 1 119 ? -9.258  14.532  9.566   1.00 28.72 ? 107 GLY A O   1 
ATOM   863  N N   . ASP A 1 120 ? -7.902  16.264  10.078  1.00 23.30 ? 108 ASP A N   1 
ATOM   864  C CA  . ASP A 1 120 ? -7.424  16.472  8.722   1.00 23.40 ? 108 ASP A CA  1 
ATOM   865  C C   . ASP A 1 120 ? -6.495  15.353  8.282   1.00 19.45 ? 108 ASP A C   1 
ATOM   866  O O   . ASP A 1 120 ? -6.383  15.083  7.089   1.00 17.61 ? 108 ASP A O   1 
ATOM   867  C CB  . ASP A 1 120 ? -6.627  17.771  8.612   1.00 24.55 ? 108 ASP A CB  1 
ATOM   868  C CG  . ASP A 1 120 ? -7.499  19.020  8.717   1.00 40.42 ? 108 ASP A CG  1 
ATOM   869  O OD1 . ASP A 1 120 ? -8.755  18.903  8.707   1.00 38.74 ? 108 ASP A OD1 1 
ATOM   870  O OD2 . ASP A 1 120 ? -6.982  20.165  8.798   1.00 42.45 ? 108 ASP A OD2 1 
ATOM   871  N N   . SER A 1 121 ? -5.758  14.758  9.221   1.00 20.51 ? 109 SER A N   1 
ATOM   872  C CA  . SER A 1 121 ? -4.814  13.708  8.823   1.00 20.29 ? 109 SER A CA  1 
ATOM   873  C C   . SER A 1 121 ? -4.679  12.657  9.877   1.00 22.32 ? 109 SER A C   1 
ATOM   874  O O   . SER A 1 121 ? -5.045  12.877  11.034  1.00 16.60 ? 109 SER A O   1 
ATOM   875  C CB  . SER A 1 121 ? -3.449  14.302  8.548   1.00 23.58 ? 109 SER A CB  1 
ATOM   876  O OG  . SER A 1 121 ? -2.937  14.904  9.699   1.00 29.09 ? 109 SER A OG  1 
ATOM   877  N N   . VAL A 1 122 ? -4.109  11.516  9.490   1.00 18.88 ? 110 VAL A N   1 
ATOM   878  C CA  . VAL A 1 122 ? -3.925  10.430  10.429  1.00 20.55 ? 110 VAL A CA  1 
ATOM   879  C C   . VAL A 1 122 ? -2.575  9.794   10.151  1.00 19.08 ? 110 VAL A C   1 
ATOM   880  O O   . VAL A 1 122 ? -2.191  9.653   9.004   1.00 16.62 ? 110 VAL A O   1 
ATOM   881  C CB  . VAL A 1 122 ? -5.060  9.405   10.296  1.00 22.04 ? 110 VAL A CB  1 
ATOM   882  C CG1 . VAL A 1 122 ? -5.155  8.888   8.950   1.00 28.87 ? 110 VAL A CG1 1 
ATOM   883  C CG2 . VAL A 1 122 ? -4.873  8.225   11.281  1.00 34.73 ? 110 VAL A CG2 1 
ATOM   884  N N   . GLN A 1 123 ? -1.865  9.400   11.202  1.00 18.10 ? 111 GLN A N   1 
ATOM   885  C CA  . GLN A 1 123 ? -0.609  8.662   10.981  1.00 17.51 ? 111 GLN A CA  1 
ATOM   886  C C   . GLN A 1 123 ? -0.939  7.200   10.732  1.00 16.46 ? 111 GLN A C   1 
ATOM   887  O O   . GLN A 1 123 ? -1.660  6.577   11.516  1.00 16.83 ? 111 GLN A O   1 
ATOM   888  C CB  . GLN A 1 123 ? 0.333   8.748   12.195  1.00 19.07 ? 111 GLN A CB  1 
ATOM   889  C CG  . GLN A 1 123 ? 1.772   8.331   11.857  1.00 27.24 ? 111 GLN A CG  1 
ATOM   890  C CD  . GLN A 1 123 ? 2.584   9.494   11.235  1.00 22.61 ? 111 GLN A CD  1 
ATOM   891  O OE1 . GLN A 1 123 ? 2.067   10.587  11.081  1.00 27.02 ? 111 GLN A OE1 1 
ATOM   892  N NE2 . GLN A 1 123 ? 3.844   9.246   10.921  1.00 42.31 ? 111 GLN A NE2 1 
ATOM   893  N N   . CYS A 1 124 ? -0.356  6.609   9.676   1.00 16.46 ? 112 CYS A N   1 
ATOM   894  C CA  . CYS A 1 124 ? -0.647  5.250   9.281   1.00 14.74 ? 112 CYS A CA  1 
ATOM   895  C C   . CYS A 1 124 ? 0.656   4.553   8.920   1.00 14.90 ? 112 CYS A C   1 
ATOM   896  O O   . CYS A 1 124 ? 1.539   5.179   8.356   1.00 16.54 ? 112 CYS A O   1 
ATOM   897  C CB  . CYS A 1 124 ? -1.470  5.240   8.003   1.00 15.39 ? 112 CYS A CB  1 
ATOM   898  S SG  . CYS A 1 124 ? -3.106  5.987   8.122   1.00 17.28 ? 112 CYS A SG  1 
ATOM   899  N N   . PHE A 1 125 ? 0.751   3.278   9.222   1.00 12.86 ? 113 PHE A N   1 
ATOM   900  C CA  . PHE A 1 125 ? 1.779   2.462   8.651   1.00 12.48 ? 113 PHE A CA  1 
ATOM   901  C C   . PHE A 1 125 ? 1.488   2.266   7.129   1.00 14.91 ? 113 PHE A C   1 
ATOM   902  O O   . PHE A 1 125 ? 0.352   1.996   6.696   1.00 15.86 ? 113 PHE A O   1 
ATOM   903  C CB  . PHE A 1 125 ? 1.862   1.095   9.306   1.00 13.77 ? 113 PHE A CB  1 
ATOM   904  C CG  . PHE A 1 125 ? 2.406   1.117   10.715  1.00 11.97 ? 113 PHE A CG  1 
ATOM   905  C CD1 . PHE A 1 125 ? 3.614   1.724   11.023  1.00 16.78 ? 113 PHE A CD1 1 
ATOM   906  C CD2 . PHE A 1 125 ? 1.675   0.525   11.749  1.00 14.43 ? 113 PHE A CD2 1 
ATOM   907  C CE1 . PHE A 1 125 ? 4.069   1.764   12.353  1.00 18.05 ? 113 PHE A CE1 1 
ATOM   908  C CE2 . PHE A 1 125 ? 2.168   0.563   13.059  1.00 13.65 ? 113 PHE A CE2 1 
ATOM   909  C CZ  . PHE A 1 125 ? 3.343   1.178   13.339  1.00 15.92 ? 113 PHE A CZ  1 
ATOM   910  N N   . VAL A 1 126 ? 2.559   2.297   6.355   1.00 14.69 ? 114 VAL A N   1 
ATOM   911  C CA  . VAL A 1 126 ? 2.481   2.102   4.897   1.00 17.71 ? 114 VAL A CA  1 
ATOM   912  C C   . VAL A 1 126 ? 3.648   1.209   4.506   1.00 15.08 ? 114 VAL A C   1 
ATOM   913  O O   . VAL A 1 126 ? 4.734   1.339   5.097   1.00 15.20 ? 114 VAL A O   1 
ATOM   914  C CB  . VAL A 1 126 ? 2.629   3.457   4.153   1.00 17.27 ? 114 VAL A CB  1 
ATOM   915  C CG1 . VAL A 1 126 ? 2.461   3.254   2.639   1.00 17.76 ? 114 VAL A CG1 1 
ATOM   916  C CG2 . VAL A 1 126 ? 1.589   4.453   4.638   1.00 17.01 ? 114 VAL A CG2 1 
ATOM   917  N N   . TYR A 1 127 ? 3.418   0.280   3.581   1.00 15.89 ? 115 TYR A N   1 
ATOM   918  C CA  . TYR A 1 127 ? 4.498   -0.573  3.049   1.00 15.73 ? 115 TYR A CA  1 
ATOM   919  C C   . TYR A 1 127 ? 5.221   0.198   1.923   1.00 17.08 ? 115 TYR A C   1 
ATOM   920  O O   . TYR A 1 127 ? 4.673   0.357   0.842   1.00 16.83 ? 115 TYR A O   1 
ATOM   921  C CB  . TYR A 1 127 ? 3.933   -1.933  2.596   1.00 15.63 ? 115 TYR A CB  1 
ATOM   922  C CG  . TYR A 1 127 ? 3.459   -2.703  3.808   1.00 15.25 ? 115 TYR A CG  1 
ATOM   923  C CD1 . TYR A 1 127 ? 4.393   -3.292  4.676   1.00 16.22 ? 115 TYR A CD1 1 
ATOM   924  C CD2 . TYR A 1 127 ? 2.105   -2.786  4.138   1.00 16.43 ? 115 TYR A CD2 1 
ATOM   925  C CE1 . TYR A 1 127 ? 3.985   -3.951  5.822   1.00 16.38 ? 115 TYR A CE1 1 
ATOM   926  C CE2 . TYR A 1 127 ? 1.682   -3.417  5.345   1.00 17.36 ? 115 TYR A CE2 1 
ATOM   927  C CZ  . TYR A 1 127 ? 2.622   -4.014  6.140   1.00 18.89 ? 115 TYR A CZ  1 
ATOM   928  O OH  . TYR A 1 127 ? 2.240   -4.646  7.291   1.00 17.23 ? 115 TYR A OH  1 
ATOM   929  N N   . THR A 1 128 ? 6.392   0.774   2.243   1.00 17.05 ? 116 THR A N   1 
ATOM   930  C CA  . THR A 1 128 ? 7.225   1.503   1.258   1.00 16.65 ? 116 THR A CA  1 
ATOM   931  C C   . THR A 1 128 ? 8.398   0.621   0.884   1.00 15.97 ? 116 THR A C   1 
ATOM   932  O O   . THR A 1 128 ? 8.592   -0.419  1.473   1.00 16.86 ? 116 THR A O   1 
ATOM   933  C CB  . THR A 1 128 ? 7.712   2.826   1.828   1.00 18.85 ? 116 THR A CB  1 
ATOM   934  O OG1 . THR A 1 128 ? 8.511   2.579   2.997   1.00 19.32 ? 116 THR A OG1 1 
ATOM   935  C CG2 . THR A 1 128 ? 6.551   3.634   2.316   1.00 23.40 ? 116 THR A CG2 1 
ATOM   936  N N   . THR A 1 129 ? 9.191   1.018   -0.100  1.00 15.29 ? 117 THR A N   1 
ATOM   937  C CA  . THR A 1 129 ? 10.410  0.291   -0.366  1.00 12.77 ? 117 THR A CA  1 
ATOM   938  C C   . THR A 1 129 ? 11.587  1.168   -0.736  1.00 14.47 ? 117 THR A C   1 
ATOM   939  O O   . THR A 1 129 ? 11.441  2.119   -1.506  1.00 15.24 ? 117 THR A O   1 
ATOM   940  C CB  . THR A 1 129 ? 10.213  -0.814  -1.365  1.00 16.19 ? 117 THR A CB  1 
ATOM   941  O OG1 . THR A 1 129 ? 11.458  -1.502  -1.498  1.00 19.28 ? 117 THR A OG1 1 
ATOM   942  C CG2 . THR A 1 129 ? 9.906   -0.299  -2.749  1.00 17.37 ? 117 THR A CG2 1 
ATOM   943  N N   . ALA A 1 130 ? 12.714  0.842   -0.113  1.00 13.78 ? 118 ALA A N   1 
ATOM   944  C CA  . ALA A 1 130 ? 14.043  1.388   -0.416  1.00 15.22 ? 118 ALA A CA  1 
ATOM   945  C C   . ALA A 1 130 ? 14.869  0.331   -1.167  1.00 16.77 ? 118 ALA A C   1 
ATOM   946  O O   . ALA A 1 130 ? 16.041  0.566   -1.505  1.00 17.37 ? 118 ALA A O   1 
ATOM   947  C CB  . ALA A 1 130 ? 14.748  1.749   0.841   1.00 18.06 ? 118 ALA A CB  1 
ATOM   948  N N   . THR A 1 131 ? 14.286  -0.831  -1.458  1.00 15.00 ? 119 THR A N   1 
ATOM   949  C CA  . THR A 1 131 ? 15.089  -1.918  -2.096  1.00 14.54 ? 119 THR A CA  1 
ATOM   950  C C   . THR A 1 131 ? 14.575  -2.236  -3.497  1.00 17.07 ? 119 THR A C   1 
ATOM   951  O O   . THR A 1 131 ? 14.694  -3.339  -3.952  1.00 16.72 ? 119 THR A O   1 
ATOM   952  C CB  . THR A 1 131 ? 15.050  -3.190  -1.223  1.00 16.31 ? 119 THR A CB  1 
ATOM   953  O OG1 . THR A 1 131 ? 13.680  -3.533  -0.909  1.00 16.31 ? 119 THR A OG1 1 
ATOM   954  C CG2 . THR A 1 131 ? 15.734  -2.973  0.110   1.00 16.60 ? 119 THR A CG2 1 
ATOM   955  N N   . TYR A 1 132 ? 13.963  -1.247  -4.151  1.00 15.33 ? 120 TYR A N   1 
ATOM   956  C CA  . TYR A 1 132 ? 13.511  -1.342  -5.531  1.00 15.65 ? 120 TYR A CA  1 
ATOM   957  C C   . TYR A 1 132 ? 14.702  -1.524  -6.481  1.00 13.75 ? 120 TYR A C   1 
ATOM   958  O O   . TYR A 1 132 ? 15.829  -1.137  -6.161  1.00 14.58 ? 120 TYR A O   1 
ATOM   959  C CB  . TYR A 1 132 ? 12.728  -0.055  -5.916  1.00 17.48 ? 120 TYR A CB  1 
ATOM   960  C CG  . TYR A 1 132 ? 13.455  1.249   -5.592  1.00 13.63 ? 120 TYR A CG  1 
ATOM   961  C CD1 . TYR A 1 132 ? 13.299  1.865   -4.342  1.00 17.50 ? 120 TYR A CD1 1 
ATOM   962  C CD2 . TYR A 1 132 ? 14.269  1.884   -6.538  1.00 14.80 ? 120 TYR A CD2 1 
ATOM   963  C CE1 . TYR A 1 132 ? 13.932  3.032   -4.042  1.00 17.24 ? 120 TYR A CE1 1 
ATOM   964  C CE2 . TYR A 1 132 ? 14.904  3.046   -6.230  1.00 18.00 ? 120 TYR A CE2 1 
ATOM   965  C CZ  . TYR A 1 132 ? 14.740  3.616   -4.971  1.00 21.41 ? 120 TYR A CZ  1 
ATOM   966  O OH  . TYR A 1 132 ? 15.382  4.787   -4.671  1.00 19.72 ? 120 TYR A OH  1 
ATOM   967  N N   . ALA A 1 133 ? 14.461  -2.050  -7.666  1.00 15.75 ? 121 ALA A N   1 
ATOM   968  C CA  . ALA A 1 133 ? 15.472  -2.056  -8.733  1.00 13.68 ? 121 ALA A CA  1 
ATOM   969  C C   . ALA A 1 133 ? 15.680  -0.613  -9.207  1.00 13.79 ? 121 ALA A C   1 
ATOM   970  O O   . ALA A 1 133 ? 14.727  0.132   -9.411  1.00 13.94 ? 121 ALA A O   1 
ATOM   971  C CB  . ALA A 1 133 ? 15.021  -2.913  -9.877  1.00 16.07 ? 121 ALA A CB  1 
ATOM   972  N N   . PRO A 1 134 ? 16.923  -0.202  -9.379  1.00 13.29 ? 122 PRO A N   1 
ATOM   973  C CA  . PRO A 1 134 ? 17.223  1.206   -9.691  1.00 14.35 ? 122 PRO A CA  1 
ATOM   974  C C   . PRO A 1 134 ? 16.540  1.722   -10.954 1.00 16.41 ? 122 PRO A C   1 
ATOM   975  O O   . PRO A 1 134 ? 16.135  2.894   -11.007 1.00 16.13 ? 122 PRO A O   1 
ATOM   976  C CB  . PRO A 1 134 ? 18.752  1.216   -9.811  1.00 14.96 ? 122 PRO A CB  1 
ATOM   977  C CG  . PRO A 1 134 ? 19.129  -0.240  -10.014 1.00 15.01 ? 122 PRO A CG  1 
ATOM   978  C CD  . PRO A 1 134 ? 18.144  -1.024  -9.282  1.00 14.51 ? 122 PRO A CD  1 
ATOM   979  N N   . GLU A 1 135 ? 16.393  0.866   -11.964 1.00 13.75 ? 123 GLU A N   1 
ATOM   980  C CA  . GLU A 1 135 ? 15.762  1.297   -13.220 1.00 14.18 ? 123 GLU A CA  1 
ATOM   981  C C   . GLU A 1 135 ? 14.258  1.598   -13.078 1.00 15.82 ? 123 GLU A C   1 
ATOM   982  O O   . GLU A 1 135 ? 13.660  2.249   -13.917 1.00 14.47 ? 123 GLU A O   1 
ATOM   983  C CB  . GLU A 1 135 ? 16.055  0.288   -14.328 1.00 17.84 ? 123 GLU A CB  1 
ATOM   984  C CG  . GLU A 1 135 ? 15.366  -1.054  -14.176 1.00 21.13 ? 123 GLU A CG  1 
ATOM   985  C CD  . GLU A 1 135 ? 16.140  -2.081  -13.396 1.00 24.67 ? 123 GLU A CD  1 
ATOM   986  O OE1 . GLU A 1 135 ? 17.071  -1.749  -12.633 1.00 18.18 ? 123 GLU A OE1 1 
ATOM   987  O OE2 . GLU A 1 135 ? 15.784  -3.264  -13.533 1.00 23.92 ? 123 GLU A OE2 1 
ATOM   988  N N   . TRP A 1 136 ? 13.645  1.168   -11.976 1.00 14.32 ? 124 TRP A N   1 
ATOM   989  C CA  . TRP A 1 136 ? 12.240  1.474   -11.729 1.00 14.27 ? 124 TRP A CA  1 
ATOM   990  C C   . TRP A 1 136 ? 11.995  2.947   -11.520 1.00 17.36 ? 124 TRP A C   1 
ATOM   991  O O   . TRP A 1 136 ? 10.858  3.404   -11.617 1.00 16.99 ? 124 TRP A O   1 
ATOM   992  C CB  . TRP A 1 136 ? 11.707  0.709   -10.557 1.00 14.90 ? 124 TRP A CB  1 
ATOM   993  C CG  . TRP A 1 136 ? 11.719  -0.823  -10.720 1.00 13.28 ? 124 TRP A CG  1 
ATOM   994  C CD1 . TRP A 1 136 ? 12.007  -1.544  -11.825 1.00 16.90 ? 124 TRP A CD1 1 
ATOM   995  C CD2 . TRP A 1 136 ? 11.314  -1.768  -9.726  1.00 14.31 ? 124 TRP A CD2 1 
ATOM   996  N NE1 . TRP A 1 136 ? 11.884  -2.888  -11.568 1.00 16.48 ? 124 TRP A NE1 1 
ATOM   997  C CE2 . TRP A 1 136 ? 11.458  -3.051  -10.279 1.00 16.24 ? 124 TRP A CE2 1 
ATOM   998  C CE3 . TRP A 1 136 ? 10.821  -1.652  -8.411  1.00 18.48 ? 124 TRP A CE3 1 
ATOM   999  C CZ2 . TRP A 1 136 ? 11.122  -4.207  -9.577  1.00 16.53 ? 124 TRP A CZ2 1 
ATOM   1000 C CZ3 . TRP A 1 136 ? 10.538  -2.823  -7.699  1.00 16.85 ? 124 TRP A CZ3 1 
ATOM   1001 C CH2 . TRP A 1 136 ? 10.699  -4.050  -8.270  1.00 16.71 ? 124 TRP A CH2 1 
ATOM   1002 N N   . LEU A 1 137 ? 13.060  3.704   -11.253 1.00 15.92 ? 125 LEU A N   1 
ATOM   1003 C CA  . LEU A 1 137 ? 12.932  5.156   -11.144 1.00 15.39 ? 125 LEU A CA  1 
ATOM   1004 C C   . LEU A 1 137 ? 12.490  5.787   -12.431 1.00 15.88 ? 125 LEU A C   1 
ATOM   1005 O O   . LEU A 1 137 ? 12.032  6.924   -12.414 1.00 17.35 ? 125 LEU A O   1 
ATOM   1006 C CB  . LEU A 1 137 ? 14.243  5.806   -10.687 1.00 17.31 ? 125 LEU A CB  1 
ATOM   1007 C CG  . LEU A 1 137 ? 14.687  5.417   -9.285  1.00 17.31 ? 125 LEU A CG  1 
ATOM   1008 C CD1 . LEU A 1 137 ? 16.112  5.883   -8.995  1.00 25.37 ? 125 LEU A CD1 1 
ATOM   1009 C CD2 . LEU A 1 137 ? 13.743  5.953   -8.220  1.00 21.98 ? 125 LEU A CD2 1 
ATOM   1010 N N   . PHE A 1 138 ? 12.679  5.092   -13.554 1.00 14.66 ? 126 PHE A N   1 
ATOM   1011 C CA  . PHE A 1 138 ? 12.273  5.614   -14.871 1.00 15.83 ? 126 PHE A CA  1 
ATOM   1012 C C   . PHE A 1 138 ? 10.897  5.172   -15.338 1.00 17.20 ? 126 PHE A C   1 
ATOM   1013 O O   . PHE A 1 138 ? 10.525  5.450   -16.479 1.00 15.54 ? 126 PHE A O   1 
ATOM   1014 C CB  . PHE A 1 138 ? 13.304  5.237   -15.904 1.00 17.46 ? 126 PHE A CB  1 
ATOM   1015 C CG  . PHE A 1 138 ? 14.649  5.758   -15.540 1.00 17.75 ? 126 PHE A CG  1 
ATOM   1016 C CD1 . PHE A 1 138 ? 14.841  7.102   -15.394 1.00 20.95 ? 126 PHE A CD1 1 
ATOM   1017 C CD2 . PHE A 1 138 ? 15.660  4.889   -15.189 1.00 36.02 ? 126 PHE A CD2 1 
ATOM   1018 C CE1 . PHE A 1 138 ? 16.084  7.617   -15.013 1.00 32.13 ? 126 PHE A CE1 1 
ATOM   1019 C CE2 . PHE A 1 138 ? 16.884  5.371   -14.793 1.00 39.76 ? 126 PHE A CE2 1 
ATOM   1020 C CZ  . PHE A 1 138 ? 17.096  6.745   -14.697 1.00 34.63 ? 126 PHE A CZ  1 
ATOM   1021 N N   . LEU A 1 139 ? 10.153  4.511   -14.462 1.00 15.35 ? 127 LEU A N   1 
ATOM   1022 C CA  . LEU A 1 139 ? 8.801   4.054   -14.802 1.00 13.69 ? 127 LEU A CA  1 
ATOM   1023 C C   . LEU A 1 139 ? 7.809   5.176   -14.468 1.00 13.73 ? 127 LEU A C   1 
ATOM   1024 O O   . LEU A 1 139 ? 8.148   6.122   -13.744 1.00 12.59 ? 127 LEU A O   1 
ATOM   1025 C CB  . LEU A 1 139 ? 8.437   2.804   -14.020 1.00 17.47 ? 127 LEU A CB  1 
ATOM   1026 C CG  . LEU A 1 139 ? 9.197   1.555   -14.414 1.00 16.66 ? 127 LEU A CG  1 
ATOM   1027 C CD1 . LEU A 1 139 ? 8.906   0.464   -13.398 1.00 19.44 ? 127 LEU A CD1 1 
ATOM   1028 C CD2 . LEU A 1 139 ? 8.796   1.108   -15.815 1.00 20.26 ? 127 LEU A CD2 1 
ATOM   1029 N N   . PRO A 1 140 ? 6.590   5.088   -14.999 1.00 14.39 ? 128 PRO A N   1 
ATOM   1030 C CA  . PRO A 1 140 ? 5.615   6.125   -14.741 1.00 15.01 ? 128 PRO A CA  1 
ATOM   1031 C C   . PRO A 1 140 ? 5.290   6.224   -13.246 1.00 14.80 ? 128 PRO A C   1 
ATOM   1032 O O   . PRO A 1 140 ? 5.182   5.207   -12.602 1.00 14.46 ? 128 PRO A O   1 
ATOM   1033 C CB  . PRO A 1 140 ? 4.396   5.643   -15.518 1.00 13.47 ? 128 PRO A CB  1 
ATOM   1034 C CG  . PRO A 1 140 ? 4.954   4.822   -16.629 1.00 13.51 ? 128 PRO A CG  1 
ATOM   1035 C CD  . PRO A 1 140 ? 6.090   4.081   -15.951 1.00 13.20 ? 128 PRO A CD  1 
ATOM   1036 N N   . TYR A 1 141 ? 5.107   7.436   -12.735 1.00 14.05 ? 129 TYR A N   1 
ATOM   1037 C CA  . TYR A 1 141 ? 4.729   7.649   -11.332 1.00 12.54 ? 129 TYR A CA  1 
ATOM   1038 C C   . TYR A 1 141 ? 3.262   7.934   -11.207 1.00 15.58 ? 129 TYR A C   1 
ATOM   1039 O O   . TYR A 1 141 ? 2.774   8.927   -11.733 1.00 14.53 ? 129 TYR A O   1 
ATOM   1040 C CB  . TYR A 1 141 ? 5.503   8.806   -10.698 1.00 12.62 ? 129 TYR A CB  1 
ATOM   1041 C CG  . TYR A 1 141 ? 7.012   8.642   -10.623 1.00 11.58 ? 129 TYR A CG  1 
ATOM   1042 C CD1 . TYR A 1 141 ? 7.657   7.427   -10.880 1.00 15.04 ? 129 TYR A CD1 1 
ATOM   1043 C CD2 . TYR A 1 141 ? 7.807   9.727   -10.293 1.00 18.52 ? 129 TYR A CD2 1 
ATOM   1044 C CE1 . TYR A 1 141 ? 9.051   7.330   -10.793 1.00 13.35 ? 129 TYR A CE1 1 
ATOM   1045 C CE2 . TYR A 1 141 ? 9.196   9.627   -10.211 1.00 18.55 ? 129 TYR A CE2 1 
ATOM   1046 C CZ  . TYR A 1 141 ? 9.807   8.436   -10.441 1.00 17.16 ? 129 TYR A CZ  1 
ATOM   1047 O OH  . TYR A 1 141 ? 11.196  8.364   -10.397 1.00 19.23 ? 129 TYR A OH  1 
ATOM   1048 N N   . HIS A 1 142 ? 2.577   7.039   -10.505 1.00 14.89 ? 130 HIS A N   1 
ATOM   1049 C CA  . HIS A 1 142 ? 1.126   7.008   -10.427 1.00 15.90 ? 130 HIS A CA  1 
ATOM   1050 C C   . HIS A 1 142 ? 0.616   7.754   -9.230  1.00 16.09 ? 130 HIS A C   1 
ATOM   1051 O O   . HIS A 1 142 ? 1.223   7.743   -8.162  1.00 15.03 ? 130 HIS A O   1 
ATOM   1052 C CB  . HIS A 1 142 ? 0.658   5.552   -10.310 1.00 16.21 ? 130 HIS A CB  1 
ATOM   1053 C CG  . HIS A 1 142 ? 0.802   4.771   -11.580 1.00 15.00 ? 130 HIS A CG  1 
ATOM   1054 N ND1 . HIS A 1 142 ? -0.172  4.748   -12.544 1.00 14.82 ? 130 HIS A ND1 1 
ATOM   1055 C CD2 . HIS A 1 142 ? 1.840   4.070   -12.077 1.00 15.72 ? 130 HIS A CD2 1 
ATOM   1056 C CE1 . HIS A 1 142 ? 0.246   4.026   -13.570 1.00 15.84 ? 130 HIS A CE1 1 
ATOM   1057 N NE2 . HIS A 1 142 ? 1.473   3.618   -13.319 1.00 16.48 ? 130 HIS A NE2 1 
ATOM   1058 N N   . GLU A 1 143 ? -0.547  8.357   -9.385  1.00 15.45 ? 131 GLU A N   1 
ATOM   1059 C CA  . GLU A 1 143 ? -1.255  8.941   -8.238  1.00 17.56 ? 131 GLU A CA  1 
ATOM   1060 C C   . GLU A 1 143 ? -2.035  7.857   -7.507  1.00 17.13 ? 131 GLU A C   1 
ATOM   1061 O O   . GLU A 1 143 ? -2.238  7.919   -6.282  1.00 17.26 ? 131 GLU A O   1 
ATOM   1062 C CB  . GLU A 1 143 ? -2.188  10.049  -8.716  1.00 19.31 ? 131 GLU A CB  1 
ATOM   1063 C CG  . GLU A 1 143 ? -1.412  11.271  -9.200  1.00 24.62 ? 131 GLU A CG  1 
ATOM   1064 C CD  . GLU A 1 143 ? -2.294  12.330  -9.868  1.00 26.42 ? 131 GLU A CD  1 
ATOM   1065 O OE1 . GLU A 1 143 ? -3.526  12.159  -9.904  1.00 32.87 ? 131 GLU A OE1 1 
ATOM   1066 O OE2 . GLU A 1 143 ? -1.714  13.320  -10.357 1.00 35.54 ? 131 GLU A OE2 1 
ATOM   1067 N N   . SER A 1 144 ? -2.515  6.871   -8.261  1.00 17.30 ? 132 SER A N   1 
ATOM   1068 C CA  . SER A 1 144 ? -3.290  5.783   -7.691  1.00 17.14 ? 132 SER A CA  1 
ATOM   1069 C C   . SER A 1 144 ? -3.029  4.502   -8.461  1.00 19.90 ? 132 SER A C   1 
ATOM   1070 O O   . SER A 1 144 ? -2.651  4.545   -9.647  1.00 17.77 ? 132 SER A O   1 
ATOM   1071 C CB  A SER A 1 144 ? -4.787  6.095   -7.644  0.65 20.58 ? 132 SER A CB  1 
ATOM   1072 C CB  B SER A 1 144 ? -4.809  6.060   -7.826  0.35 18.16 ? 132 SER A CB  1 
ATOM   1073 O OG  A SER A 1 144 ? -5.378  6.176   -8.902  0.65 22.34 ? 132 SER A OG  1 
ATOM   1074 O OG  B SER A 1 144 ? -5.208  7.391   -7.481  0.35 12.75 ? 132 SER A OG  1 
ATOM   1075 N N   . TYR A 1 145 ? -3.300  3.382   -7.796  1.00 15.45 ? 133 TYR A N   1 
ATOM   1076 C CA  . TYR A 1 145 ? -3.124  2.053   -8.385  1.00 13.63 ? 133 TYR A CA  1 
ATOM   1077 C C   . TYR A 1 145 ? -4.453  1.350   -8.689  1.00 16.97 ? 133 TYR A C   1 
ATOM   1078 O O   . TYR A 1 145 ? -5.332  1.237   -7.822  1.00 15.75 ? 133 TYR A O   1 
ATOM   1079 C CB  . TYR A 1 145 ? -2.351  1.158   -7.431  1.00 15.61 ? 133 TYR A CB  1 
ATOM   1080 C CG  . TYR A 1 145 ? -2.240  -0.273  -7.920  1.00 11.98 ? 133 TYR A CG  1 
ATOM   1081 C CD1 . TYR A 1 145 ? -1.411  -0.605  -8.952  1.00 13.58 ? 133 TYR A CD1 1 
ATOM   1082 C CD2 . TYR A 1 145 ? -3.009  -1.297  -7.329  1.00 12.92 ? 133 TYR A CD2 1 
ATOM   1083 C CE1 . TYR A 1 145 ? -1.330  -1.973  -9.435  1.00 13.99 ? 133 TYR A CE1 1 
ATOM   1084 C CE2 . TYR A 1 145 ? -2.915  -2.598  -7.753  1.00 15.93 ? 133 TYR A CE2 1 
ATOM   1085 C CZ  . TYR A 1 145 ? -2.098  -2.938  -8.811  1.00 16.95 ? 133 TYR A CZ  1 
ATOM   1086 O OH  . TYR A 1 145 ? -2.029  -4.244  -9.211  1.00 14.59 ? 133 TYR A OH  1 
ATOM   1087 N N   . ASP A 1 146 ? -4.539  0.814   -9.900  1.00 14.95 ? 134 ASP A N   1 
ATOM   1088 C CA  . ASP A 1 146 ? -5.590  -0.106  -10.303 1.00 15.09 ? 134 ASP A CA  1 
ATOM   1089 C C   . ASP A 1 146 ? -4.965  -1.163  -11.177 1.00 16.54 ? 134 ASP A C   1 
ATOM   1090 O O   . ASP A 1 146 ? -4.481  -0.846  -12.279 1.00 16.19 ? 134 ASP A O   1 
ATOM   1091 C CB  . ASP A 1 146 ? -6.688  0.669   -11.086 1.00 17.11 ? 134 ASP A CB  1 
ATOM   1092 C CG  . ASP A 1 146 ? -7.843  -0.189  -11.533 1.00 22.53 ? 134 ASP A CG  1 
ATOM   1093 O OD1 . ASP A 1 146 ? -8.009  -1.393  -11.185 1.00 19.80 ? 134 ASP A OD1 1 
ATOM   1094 O OD2 . ASP A 1 146 ? -8.662  0.308   -12.307 1.00 26.15 ? 134 ASP A OD2 1 
ATOM   1095 N N   . SER A 1 147 ? -5.010  -2.422  -10.725 1.00 14.15 ? 135 SER A N   1 
ATOM   1096 C CA  . SER A 1 147 ? -4.515  -3.531  -11.532 1.00 15.33 ? 135 SER A CA  1 
ATOM   1097 C C   . SER A 1 147 ? -5.110  -3.534  -12.947 1.00 15.48 ? 135 SER A C   1 
ATOM   1098 O O   . SER A 1 147 ? -4.415  -3.882  -13.900 1.00 16.30 ? 135 SER A O   1 
ATOM   1099 C CB  . SER A 1 147 ? -4.818  -4.853  -10.824 1.00 17.29 ? 135 SER A CB  1 
ATOM   1100 O OG  . SER A 1 147 ? -4.317  -5.929  -11.585 1.00 17.21 ? 135 SER A OG  1 
ATOM   1101 N N   . GLU A 1 148 ? -6.375  -3.117  -13.102 1.00 15.63 ? 136 GLU A N   1 
ATOM   1102 C CA  . GLU A 1 148 ? -7.047  -3.086  -14.422 1.00 17.14 ? 136 GLU A CA  1 
ATOM   1103 C C   . GLU A 1 148 ? -6.938  -1.736  -15.171 1.00 19.52 ? 136 GLU A C   1 
ATOM   1104 O O   . GLU A 1 148 ? -7.696  -1.462  -16.126 1.00 18.30 ? 136 GLU A O   1 
ATOM   1105 C CB  . GLU A 1 148 ? -8.538  -3.477  -14.227 1.00 19.96 ? 136 GLU A CB  1 
ATOM   1106 C CG  . GLU A 1 148 ? -8.734  -4.866  -13.666 1.00 23.31 ? 136 GLU A CG  1 
ATOM   1107 C CD  . GLU A 1 148 ? -8.320  -5.990  -14.629 1.00 30.16 ? 136 GLU A CD  1 
ATOM   1108 O OE1 . GLU A 1 148 ? -8.431  -5.798  -15.825 1.00 29.66 ? 136 GLU A OE1 1 
ATOM   1109 O OE2 . GLU A 1 148 ? -7.895  -7.072  -14.190 1.00 32.16 ? 136 GLU A OE2 1 
ATOM   1110 N N   . GLY A 1 149 ? -6.051  -0.863  -14.706 1.00 15.87 ? 137 GLY A N   1 
ATOM   1111 C CA  . GLY A 1 149 ? -5.865  0.459   -15.290 1.00 18.98 ? 137 GLY A CA  1 
ATOM   1112 C C   . GLY A 1 149 ? -5.287  0.473   -16.697 1.00 16.83 ? 137 GLY A C   1 
ATOM   1113 O O   . GLY A 1 149 ? -4.840  -0.565  -17.183 1.00 18.94 ? 137 GLY A O   1 
ATOM   1114 N N   . PRO A 1 150 ? -5.323  1.642   -17.347 1.00 18.48 ? 138 PRO A N   1 
ATOM   1115 C CA  . PRO A 1 150 ? -4.881  1.766   -18.757 1.00 21.18 ? 138 PRO A CA  1 
ATOM   1116 C C   . PRO A 1 150 ? -3.399  1.585   -19.033 1.00 18.54 ? 138 PRO A C   1 
ATOM   1117 O O   . PRO A 1 150 ? -3.027  1.434   -20.185 1.00 18.33 ? 138 PRO A O   1 
ATOM   1118 C CB  . PRO A 1 150 ? -5.342  3.191   -19.183 1.00 21.79 ? 138 PRO A CB  1 
ATOM   1119 C CG  . PRO A 1 150 ? -5.665  3.928   -17.885 1.00 24.85 ? 138 PRO A CG  1 
ATOM   1120 C CD  . PRO A 1 150 ? -5.903  2.896   -16.823 1.00 19.70 ? 138 PRO A CD  1 
ATOM   1121 N N   . HIS A 1 151 ? -2.552  1.575   -18.012 1.00 15.16 ? 139 HIS A N   1 
ATOM   1122 C CA  . HIS A 1 151 ? -1.155  1.123   -18.151 1.00 17.07 ? 139 HIS A CA  1 
ATOM   1123 C C   . HIS A 1 151 ? -1.004  -0.310  -18.708 1.00 17.04 ? 139 HIS A C   1 
ATOM   1124 O O   . HIS A 1 151 ? 0.077   -0.694  -19.210 1.00 17.99 ? 139 HIS A O   1 
ATOM   1125 C CB  . HIS A 1 151 ? -0.435  1.217   -16.806 1.00 15.54 ? 139 HIS A CB  1 
ATOM   1126 C CG  . HIS A 1 151 ? -1.167  0.544   -15.685 1.00 18.07 ? 139 HIS A CG  1 
ATOM   1127 N ND1 . HIS A 1 151 ? -1.267  -0.829  -15.572 1.00 15.41 ? 139 HIS A ND1 1 
ATOM   1128 C CD2 . HIS A 1 151 ? -1.906  1.065   -14.673 1.00 18.34 ? 139 HIS A CD2 1 
ATOM   1129 C CE1 . HIS A 1 151 ? -1.997  -1.119  -14.506 1.00 19.98 ? 139 HIS A CE1 1 
ATOM   1130 N NE2 . HIS A 1 151 ? -2.411  0.014   -13.958 1.00 15.12 ? 139 HIS A NE2 1 
ATOM   1131 N N   . GLY A 1 152 ? -2.068  -1.107  -18.604 1.00 19.02 ? 140 GLY A N   1 
ATOM   1132 C CA  . GLY A 1 152 ? -2.091  -2.480  -19.125 1.00 18.49 ? 140 GLY A CA  1 
ATOM   1133 C C   . GLY A 1 152 ? -1.266  -3.572  -18.418 1.00 18.57 ? 140 GLY A C   1 
ATOM   1134 O O   . GLY A 1 152 ? -1.069  -4.683  -18.949 1.00 19.27 ? 140 GLY A O   1 
ATOM   1135 N N   . LEU A 1 153 ? -0.796  -3.276  -17.222 1.00 16.87 ? 141 LEU A N   1 
ATOM   1136 C CA  . LEU A 1 153 ? 0.026   -4.169  -16.413 1.00 16.27 ? 141 LEU A CA  1 
ATOM   1137 C C   . LEU A 1 153 ? -0.762  -4.745  -15.226 1.00 17.09 ? 141 LEU A C   1 
ATOM   1138 O O   . LEU A 1 153 ? -0.796  -4.192  -14.136 1.00 16.81 ? 141 LEU A O   1 
ATOM   1139 C CB  . LEU A 1 153 ? 1.237   -3.409  -15.912 1.00 15.50 ? 141 LEU A CB  1 
ATOM   1140 C CG  . LEU A 1 153 ? 2.119   -2.842  -17.033 1.00 14.86 ? 141 LEU A CG  1 
ATOM   1141 C CD1 . LEU A 1 153 ? 3.140   -1.859  -16.428 1.00 19.04 ? 141 LEU A CD1 1 
ATOM   1142 C CD2 . LEU A 1 153 ? 2.761   -3.996  -17.804 1.00 19.56 ? 141 LEU A CD2 1 
ATOM   1143 N N   . ARG A 1 154 ? -1.419  -5.861  -15.486 1.00 17.22 ? 142 ARG A N   1 
ATOM   1144 C CA  . ARG A 1 154 ? -2.271  -6.508  -14.535 1.00 18.32 ? 142 ARG A CA  1 
ATOM   1145 C C   . ARG A 1 154 ? -1.403  -7.338  -13.592 1.00 17.44 ? 142 ARG A C   1 
ATOM   1146 O O   . ARG A 1 154 ? -0.425  -8.010  -14.001 1.00 15.66 ? 142 ARG A O   1 
ATOM   1147 C CB  . ARG A 1 154 ? -3.261  -7.365  -15.328 1.00 23.10 ? 142 ARG A CB  1 
ATOM   1148 C CG  . ARG A 1 154 ? -4.364  -8.037  -14.539 1.00 33.91 ? 142 ARG A CG  1 
ATOM   1149 C CD  . ARG A 1 154 ? -5.089  -9.169  -15.343 1.00 30.59 ? 142 ARG A CD  1 
ATOM   1150 N NE  . ARG A 1 154 ? -6.323  -9.558  -14.701 1.00 33.76 ? 142 ARG A NE  1 
ATOM   1151 C CZ  . ARG A 1 154 ? -6.464  -10.531 -13.800 1.00 35.84 ? 142 ARG A CZ  1 
ATOM   1152 N NH1 . ARG A 1 154 ? -5.457  -11.291 -13.416 1.00 34.78 ? 142 ARG A NH1 1 
ATOM   1153 N NH2 . ARG A 1 154 ? -7.662  -10.745 -13.300 1.00 34.50 ? 142 ARG A NH2 1 
ATOM   1154 N N   . TYR A 1 155 ? -1.745  -7.290  -12.320 1.00 15.19 ? 143 TYR A N   1 
ATOM   1155 C CA  . TYR A 1 155 ? -1.031  -8.031  -11.313 1.00 17.12 ? 143 TYR A CA  1 
ATOM   1156 C C   . TYR A 1 155 ? -1.035  -9.522  -11.604 1.00 17.60 ? 143 TYR A C   1 
ATOM   1157 O O   . TYR A 1 155 ? -2.052  -10.077 -12.018 1.00 18.30 ? 143 TYR A O   1 
ATOM   1158 C CB  . TYR A 1 155 ? -1.649  -7.771  -9.946  1.00 19.52 ? 143 TYR A CB  1 
ATOM   1159 C CG  . TYR A 1 155 ? -1.082  -8.640  -8.868  1.00 16.09 ? 143 TYR A CG  1 
ATOM   1160 C CD1 . TYR A 1 155 ? 0.166   -8.364  -8.299  1.00 19.44 ? 143 TYR A CD1 1 
ATOM   1161 C CD2 . TYR A 1 155 ? -1.786  -9.756  -8.396  1.00 15.31 ? 143 TYR A CD2 1 
ATOM   1162 C CE1 . TYR A 1 155 ? 0.663   -9.137  -7.266  1.00 17.31 ? 143 TYR A CE1 1 
ATOM   1163 C CE2 . TYR A 1 155 ? -1.275  -10.552 -7.364  1.00 16.30 ? 143 TYR A CE2 1 
ATOM   1164 C CZ  . TYR A 1 155 ? -0.054  -10.261 -6.826  1.00 21.04 ? 143 TYR A CZ  1 
ATOM   1165 O OH  . TYR A 1 155 ? 0.429   -11.032 -5.824  1.00 21.28 ? 143 TYR A OH  1 
ATOM   1166 N N   . ASN A 1 156 ? 0.109   -10.156 -11.420 1.00 16.88 ? 144 ASN A N   1 
ATOM   1167 C CA  . ASN A 1 156 ? 0.134   -11.605 -11.468 1.00 20.85 ? 144 ASN A CA  1 
ATOM   1168 C C   . ASN A 1 156 ? 0.808   -12.147 -10.219 1.00 20.63 ? 144 ASN A C   1 
ATOM   1169 O O   . ASN A 1 156 ? 1.704   -11.509 -9.637  1.00 22.07 ? 144 ASN A O   1 
ATOM   1170 C CB  . ASN A 1 156 ? 0.643   -12.138 -12.810 1.00 25.63 ? 144 ASN A CB  1 
ATOM   1171 C CG  . ASN A 1 156 ? 2.036   -11.796 -13.077 1.00 26.59 ? 144 ASN A CG  1 
ATOM   1172 O OD1 . ASN A 1 156 ? 2.944   -12.388 -12.484 1.00 36.97 ? 144 ASN A OD1 1 
ATOM   1173 N ND2 . ASN A 1 156 ? 2.252   -10.838 -13.976 1.00 24.91 ? 144 ASN A ND2 1 
ATOM   1174 N N   . PRO A 1 157 ? 0.320   -13.288 -9.739  1.00 18.70 ? 145 PRO A N   1 
ATOM   1175 C CA  . PRO A 1 157 ? 0.700   -13.759 -8.425  1.00 17.15 ? 145 PRO A CA  1 
ATOM   1176 C C   . PRO A 1 157 ? 2.126   -14.278 -8.379  1.00 19.94 ? 145 PRO A C   1 
ATOM   1177 O O   . PRO A 1 157 ? 2.699   -14.694 -9.386  1.00 19.01 ? 145 PRO A O   1 
ATOM   1178 C CB  . PRO A 1 157 ? -0.316  -14.869 -8.133  1.00 18.63 ? 145 PRO A CB  1 
ATOM   1179 C CG  . PRO A 1 157 ? -0.727  -15.355 -9.419  1.00 16.42 ? 145 PRO A CG  1 
ATOM   1180 C CD  . PRO A 1 157 ? -0.648  -14.188 -10.380 1.00 18.04 ? 145 PRO A CD  1 
ATOM   1181 N N   . ARG A 1 158 ? 2.679   -14.251 -7.174  1.00 22.21 ? 146 ARG A N   1 
ATOM   1182 C CA  . ARG A 1 158 ? 4.124   -14.376 -6.989  1.00 28.34 ? 146 ARG A CA  1 
ATOM   1183 C C   . ARG A 1 158 ? 4.775   -15.632 -7.520  1.00 33.13 ? 146 ARG A C   1 
ATOM   1184 O O   . ARG A 1 158 ? 5.936   -15.571 -7.980  1.00 34.75 ? 146 ARG A O   1 
ATOM   1185 C CB  . ARG A 1 158 ? 4.459   -14.220 -5.515  1.00 28.20 ? 146 ARG A CB  1 
ATOM   1186 C CG  . ARG A 1 158 ? 4.439   -12.778 -5.104  1.00 34.61 ? 146 ARG A CG  1 
ATOM   1187 C CD  . ARG A 1 158 ? 4.711   -12.587 -3.631  1.00 37.55 ? 146 ARG A CD  1 
ATOM   1188 N NE  . ARG A 1 158 ? 4.192   -11.317 -3.133  1.00 38.68 ? 146 ARG A NE  1 
ATOM   1189 C CZ  . ARG A 1 158 ? 4.371   -10.891 -1.878  1.00 43.73 ? 146 ARG A CZ  1 
ATOM   1190 N NH1 . ARG A 1 158 ? 5.098   -11.635 -1.024  1.00 32.49 ? 146 ARG A NH1 1 
ATOM   1191 N NH2 . ARG A 1 158 ? 3.834   -9.723  -1.492  1.00 31.99 ? 146 ARG A NH2 1 
ATOM   1192 N N   . GLU A 1 159 ? 4.069   -16.765 -7.471  1.00 32.94 ? 147 GLU A N   1 
ATOM   1193 C CA  . GLU A 1 159 ? 4.652   -18.021 -7.909  1.00 34.08 ? 147 GLU A CA  1 
ATOM   1194 C C   . GLU A 1 159 ? 4.575   -18.274 -9.406  1.00 36.81 ? 147 GLU A C   1 
ATOM   1195 O O   . GLU A 1 159 ? 5.067   -19.308 -9.897  1.00 36.27 ? 147 GLU A O   1 
ATOM   1196 C CB  . GLU A 1 159 ? 4.031   -19.194 -7.144  1.00 39.01 ? 147 GLU A CB  1 
ATOM   1197 C CG  . GLU A 1 159 ? 4.402   -19.221 -5.663  1.00 39.54 ? 147 GLU A CG  1 
ATOM   1198 C CD  . GLU A 1 159 ? 5.894   -19.441 -5.436  1.00 45.15 ? 147 GLU A CD  1 
ATOM   1199 N N   . ASN A 1 160 ? 3.984   -17.337 -10.151 1.00 35.67 ? 148 ASN A N   1 
ATOM   1200 C CA  . ASN A 1 160 ? 4.031   -17.403 -11.612 1.00 36.51 ? 148 ASN A CA  1 
ATOM   1201 C C   . ASN A 1 160 ? 5.446   -17.182 -12.192 1.00 38.24 ? 148 ASN A C   1 
ATOM   1202 O O   . ASN A 1 160 ? 6.202   -16.340 -11.711 1.00 33.37 ? 148 ASN A O   1 
ATOM   1203 C CB  . ASN A 1 160 ? 3.006   -16.421 -12.210 1.00 36.21 ? 148 ASN A CB  1 
ATOM   1204 C CG  . ASN A 1 160 ? 1.580   -16.942 -12.114 1.00 35.40 ? 148 ASN A CG  1 
ATOM   1205 O OD1 . ASN A 1 160 ? 1.279   -17.905 -11.328 1.00 24.69 ? 148 ASN A OD1 1 
ATOM   1206 N ND2 . ASN A 1 160 ? 0.680   -16.344 -12.939 1.00 21.52 ? 148 ASN A ND2 1 
ATOM   1207 N N   . ARG A 1 161 ? 5.793   -17.969 -13.206 1.00 43.24 ? 149 ARG A N   1 
ATOM   1208 C CA  . ARG A 1 161 ? 7.093   -17.881 -13.884 1.00 48.21 ? 149 ARG A CA  1 
ATOM   1209 C C   . ARG A 1 161 ? 6.908   -17.630 -15.382 1.00 51.92 ? 149 ARG A C   1 
ATOM   1210 O O   . ARG A 1 161 ? 5.816   -17.242 -15.812 1.00 55.52 ? 149 ARG A O   1 
ATOM   1211 C CB  . ARG A 1 161 ? 7.872   -19.177 -13.674 1.00 49.25 ? 149 ARG A CB  1 
ATOM   1212 O OXT . ARG A 1 161 ? 7.821   -17.802 -16.211 1.00 53.10 ? 149 ARG A OXT 1 
HETATM 1213 C C   . FMT B 2 .   ? 1.983   -8.705  -3.949  1.00 33.44 ? 150 FMT A C   1 
HETATM 1214 O O1  . FMT B 2 .   ? 2.752   -8.053  -3.212  1.00 33.00 ? 150 FMT A O1  1 
HETATM 1215 O O2  . FMT B 2 .   ? 2.230   -9.825  -4.468  1.00 31.79 ? 150 FMT A O2  1 
HETATM 1216 C C   . FMT C 2 .   ? -0.391  -2.043  -0.466  1.00 23.38 ? 151 FMT A C   1 
HETATM 1217 O O1  . FMT C 2 .   ? -0.508  -0.933  0.097   1.00 14.11 ? 151 FMT A O1  1 
HETATM 1218 O O2  . FMT C 2 .   ? -1.227  -2.664  -1.171  1.00 18.95 ? 151 FMT A O2  1 
HETATM 1219 C C   . FMT D 2 .   ? -12.979 -4.354  3.756   1.00 34.75 ? 152 FMT A C   1 
HETATM 1220 O O1  . FMT D 2 .   ? -13.745 -3.914  4.608   1.00 38.60 ? 152 FMT A O1  1 
HETATM 1221 O O2  . FMT D 2 .   ? -13.219 -4.249  2.571   1.00 31.09 ? 152 FMT A O2  1 
HETATM 1222 O O   . HOH E 3 .   ? 4.498   2.653   -12.987 1.00 13.50 ? 153 HOH A O   1 
HETATM 1223 O O   . HOH E 3 .   ? 0.786   -0.033  2.412   1.00 13.67 ? 154 HOH A O   1 
HETATM 1224 O O   . HOH E 3 .   ? -0.673  -4.503  -11.436 1.00 14.73 ? 155 HOH A O   1 
HETATM 1225 O O   . HOH E 3 .   ? -3.718  3.698   -4.931  1.00 15.19 ? 156 HOH A O   1 
HETATM 1226 O O   . HOH E 3 .   ? 11.147  2.059   2.793   1.00 15.15 ? 157 HOH A O   1 
HETATM 1227 O O   . HOH E 3 .   ? -3.069  -12.374 -12.961 1.00 16.00 ? 158 HOH A O   1 
HETATM 1228 O O   . HOH E 3 .   ? 5.047   0.683   -14.996 1.00 16.14 ? 159 HOH A O   1 
HETATM 1229 O O   . HOH E 3 .   ? 2.471   2.376   -15.578 1.00 16.77 ? 160 HOH A O   1 
HETATM 1230 O O   . HOH E 3 .   ? 3.728   8.774   -7.647  1.00 16.66 ? 161 HOH A O   1 
HETATM 1231 O O   . HOH E 3 .   ? 6.746   -7.627  -9.750  1.00 17.30 ? 162 HOH A O   1 
HETATM 1232 O O   . HOH E 3 .   ? -4.301  -3.197  -16.591 1.00 17.79 ? 163 HOH A O   1 
HETATM 1233 O O   . HOH E 3 .   ? 2.520   -5.602  -2.466  1.00 18.02 ? 164 HOH A O   1 
HETATM 1234 O O   . HOH E 3 .   ? -2.884  2.422   -11.725 1.00 19.00 ? 165 HOH A O   1 
HETATM 1235 O O   . HOH E 3 .   ? 18.492  -3.732  -11.328 1.00 19.35 ? 166 HOH A O   1 
HETATM 1236 O O   . HOH E 3 .   ? -0.065  -4.434  -2.848  1.00 19.41 ? 167 HOH A O   1 
HETATM 1237 O O   . HOH E 3 .   ? 9.640   -3.470  7.924   1.00 20.35 ? 168 HOH A O   1 
HETATM 1238 O O   . HOH E 3 .   ? 3.048   11.398  3.897   1.00 20.90 ? 169 HOH A O   1 
HETATM 1239 O O   . HOH E 3 .   ? -6.473  -12.756 -3.613  1.00 21.16 ? 170 HOH A O   1 
HETATM 1240 O O   . HOH E 3 .   ? 6.246   -8.312  12.030  1.00 21.43 ? 171 HOH A O   1 
HETATM 1241 O O   . HOH E 3 .   ? -3.154  6.827   13.806  1.00 21.73 ? 172 HOH A O   1 
HETATM 1242 O O   . HOH E 3 .   ? -4.104  -13.032 -1.991  1.00 21.66 ? 173 HOH A O   1 
HETATM 1243 O O   . HOH E 3 .   ? 2.030   -3.565  20.356  1.00 21.97 ? 174 HOH A O   1 
HETATM 1244 O O   . HOH E 3 .   ? 1.088   -17.074 -5.324  1.00 22.27 ? 175 HOH A O   1 
HETATM 1245 O O   . HOH E 3 .   ? -0.118  -12.692 12.422  1.00 22.45 ? 176 HOH A O   1 
HETATM 1246 O O   . HOH E 3 .   ? -6.922  5.060   -4.595  1.00 23.07 ? 177 HOH A O   1 
HETATM 1247 O O   . HOH E 3 .   ? -2.102  -13.428 -5.016  1.00 23.33 ? 178 HOH A O   1 
HETATM 1248 O O   . HOH E 3 .   ? 5.307   -10.726 10.871  1.00 24.24 ? 179 HOH A O   1 
HETATM 1249 O O   . HOH E 3 .   ? 9.758   -3.672  -14.433 1.00 24.33 ? 180 HOH A O   1 
HETATM 1250 O O   . HOH E 3 .   ? 10.616  -9.101  -10.866 1.00 25.13 ? 181 HOH A O   1 
HETATM 1251 O O   . HOH E 3 .   ? 9.016   -8.568  -8.315  1.00 25.23 ? 182 HOH A O   1 
HETATM 1252 O O   . HOH E 3 .   ? 6.628   -8.044  14.735  1.00 25.96 ? 183 HOH A O   1 
HETATM 1253 O O   . HOH E 3 .   ? -2.906  9.937   13.829  1.00 26.24 ? 184 HOH A O   1 
HETATM 1254 O O   . HOH E 3 .   ? -4.077  -9.080  17.547  1.00 26.31 ? 185 HOH A O   1 
HETATM 1255 O O   . HOH E 3 .   ? 11.618  -2.033  -15.357 1.00 27.22 ? 186 HOH A O   1 
HETATM 1256 O O   . HOH E 3 .   ? 0.643   -14.069 -4.672  1.00 27.14 ? 187 HOH A O   1 
HETATM 1257 O O   . HOH E 3 .   ? 4.638   11.721  6.393   1.00 28.18 ? 188 HOH A O   1 
HETATM 1258 O O   . HOH E 3 .   ? 1.072   -12.627 15.190  1.00 28.16 ? 189 HOH A O   1 
HETATM 1259 O O   . HOH E 3 .   ? 11.568  4.511   -18.823 1.00 28.37 ? 190 HOH A O   1 
HETATM 1260 O O   . HOH E 3 .   ? -9.956  -9.697  8.645   1.00 29.03 ? 191 HOH A O   1 
HETATM 1261 O O   . HOH E 3 .   ? -8.957  -10.179 -3.499  1.00 28.90 ? 192 HOH A O   1 
HETATM 1262 O O   . HOH E 3 .   ? -14.214 -3.292  7.112   1.00 28.87 ? 193 HOH A O   1 
HETATM 1263 O O   . HOH E 3 .   ? -4.459  3.096   -13.675 1.00 29.42 ? 194 HOH A O   1 
HETATM 1264 O O   . HOH E 3 .   ? -8.440  -5.210  -9.799  1.00 29.50 ? 195 HOH A O   1 
HETATM 1265 O O   . HOH E 3 .   ? -9.989  3.918   13.508  1.00 29.17 ? 196 HOH A O   1 
HETATM 1266 O O   . HOH E 3 .   ? -5.749  -17.978 4.828   1.00 29.56 ? 197 HOH A O   1 
HETATM 1267 O O   . HOH E 3 .   ? -10.395 0.651   -3.633  1.00 29.85 ? 198 HOH A O   1 
HETATM 1268 O O   . HOH E 3 .   ? -2.823  -3.103  24.342  1.00 31.44 ? 199 HOH A O   1 
HETATM 1269 O O   . HOH E 3 .   ? -9.227  2.483   -5.276  1.00 30.28 ? 200 HOH A O   1 
HETATM 1270 O O   . HOH E 3 .   ? -4.650  -9.819  -10.799 1.00 30.85 ? 201 HOH A O   1 
HETATM 1271 O O   . HOH E 3 .   ? -6.673  -7.642  -11.623 1.00 31.50 ? 202 HOH A O   1 
HETATM 1272 O O   . HOH E 3 .   ? -12.781 -6.037  -2.666  1.00 31.44 ? 203 HOH A O   1 
HETATM 1273 O O   . HOH E 3 .   ? -5.313  -4.522  -18.532 1.00 31.63 ? 204 HOH A O   1 
HETATM 1274 O O   . HOH E 3 .   ? 9.132   13.617  -9.274  1.00 31.80 ? 205 HOH A O   1 
HETATM 1275 O O   . HOH E 3 .   ? 12.274  -10.136 4.186   1.00 32.17 ? 206 HOH A O   1 
HETATM 1276 O O   . HOH E 3 .   ? -10.342 -0.702  -6.576  1.00 31.99 ? 207 HOH A O   1 
HETATM 1277 O O   . HOH E 3 .   ? 6.911   -13.747 3.881   1.00 32.38 ? 208 HOH A O   1 
HETATM 1278 O O   . HOH E 3 .   ? -6.711  -11.256 16.092  1.00 32.33 ? 209 HOH A O   1 
HETATM 1279 O O   . HOH E 3 .   ? -9.946  -3.124  -10.947 1.00 32.75 ? 210 HOH A O   1 
HETATM 1280 O O   . HOH E 3 .   ? -0.111  -9.997  -15.775 1.00 33.81 ? 211 HOH A O   1 
HETATM 1281 O O   . HOH E 3 .   ? -1.993  15.178  0.359   1.00 34.11 ? 212 HOH A O   1 
HETATM 1282 O O   . HOH E 3 .   ? 1.682   -19.968 -9.765  1.00 34.03 ? 213 HOH A O   1 
HETATM 1283 O O   . HOH E 3 .   ? -8.592  5.601   -2.337  1.00 34.05 ? 214 HOH A O   1 
HETATM 1284 O O   . HOH E 3 .   ? -11.082 -13.448 1.647   1.00 35.14 ? 215 HOH A O   1 
HETATM 1285 O O   . HOH E 3 .   ? 9.112   -8.251  15.004  1.00 35.09 ? 216 HOH A O   1 
HETATM 1286 O O   . HOH E 3 .   ? -1.366  4.168   -20.726 1.00 35.23 ? 217 HOH A O   1 
HETATM 1287 O O   . HOH E 3 .   ? 13.661  -3.815  -14.977 1.00 35.68 ? 218 HOH A O   1 
HETATM 1288 O O   . HOH E 3 .   ? 1.988   -13.710 10.771  1.00 35.56 ? 219 HOH A O   1 
HETATM 1289 O O   . HOH E 3 .   ? 14.625  4.978   -0.465  1.00 35.98 ? 220 HOH A O   1 
HETATM 1290 O O   . HOH E 3 .   ? 5.183   -7.773  -16.784 1.00 36.35 ? 221 HOH A O   1 
HETATM 1291 O O   . HOH E 3 .   ? -2.652  5.523   -12.576 1.00 36.77 ? 222 HOH A O   1 
HETATM 1292 O O   . HOH E 3 .   ? -5.540  2.826   16.390  1.00 37.29 ? 223 HOH A O   1 
HETATM 1293 O O   . HOH E 3 .   ? -10.657 -7.603  -4.620  1.00 37.30 ? 224 HOH A O   1 
HETATM 1294 O O   . HOH E 3 .   ? 5.387   12.059  -12.661 1.00 37.37 ? 225 HOH A O   1 
HETATM 1295 O O   . HOH E 3 .   ? -8.436  2.586   -13.595 1.00 37.73 ? 226 HOH A O   1 
HETATM 1296 O O   . HOH E 3 .   ? -1.918  -14.819 11.764  1.00 37.94 ? 227 HOH A O   1 
HETATM 1297 O O   . HOH E 3 .   ? 12.669  10.274  -8.778  1.00 38.38 ? 228 HOH A O   1 
HETATM 1298 O O   . HOH E 3 .   ? 11.584  12.686  -9.668  1.00 37.86 ? 229 HOH A O   1 
HETATM 1299 O O   . HOH E 3 .   ? 10.814  0.105   8.713   1.00 38.25 ? 230 HOH A O   1 
HETATM 1300 O O   . HOH E 3 .   ? 15.384  4.857   2.672   1.00 38.72 ? 231 HOH A O   1 
HETATM 1301 O O   . HOH E 3 .   ? 12.648  0.745   -16.072 1.00 38.69 ? 232 HOH A O   1 
HETATM 1302 O O   . HOH E 3 .   ? 12.204  -5.412  -13.070 1.00 39.08 ? 233 HOH A O   1 
HETATM 1303 O O   . HOH E 3 .   ? 16.139  5.185   -2.348  1.00 39.54 ? 234 HOH A O   1 
HETATM 1304 O O   . HOH E 3 .   ? -11.657 -8.203  9.785   1.00 39.46 ? 235 HOH A O   1 
HETATM 1305 O O   . HOH E 3 .   ? -1.538  13.360  11.834  1.00 39.75 ? 236 HOH A O   1 
HETATM 1306 O O   . HOH E 3 .   ? -11.322 -7.852  -6.854  1.00 40.23 ? 237 HOH A O   1 
HETATM 1307 O O   . HOH E 3 .   ? -5.561  1.528   19.310  1.00 39.69 ? 238 HOH A O   1 
HETATM 1308 O O   . HOH E 3 .   ? -8.326  -8.071  17.745  1.00 40.29 ? 239 HOH A O   1 
HETATM 1309 O O   . HOH E 3 .   ? -5.013  -17.973 12.727  1.00 40.15 ? 240 HOH A O   1 
HETATM 1310 O O   . HOH E 3 .   ? 13.477  11.780  -1.848  1.00 41.54 ? 241 HOH A O   1 
HETATM 1311 O O   . HOH E 3 .   ? 0.509   15.458  -5.653  1.00 41.44 ? 242 HOH A O   1 
HETATM 1312 O O   . HOH E 3 .   ? -17.616 1.419   3.089   1.00 41.47 ? 243 HOH A O   1 
HETATM 1313 O O   . HOH E 3 .   ? 5.034   -10.248 -16.429 1.00 42.05 ? 244 HOH A O   1 
HETATM 1314 O O   . HOH E 3 .   ? 4.968   -13.600 -13.933 1.00 42.61 ? 245 HOH A O   1 
HETATM 1315 O O   . HOH E 3 .   ? 15.038  8.405   0.456   1.00 42.81 ? 246 HOH A O   1 
HETATM 1316 O O   . HOH E 3 .   ? 6.873   -14.075 -1.198  1.00 42.39 ? 247 HOH A O   1 
HETATM 1317 O O   . HOH E 3 .   ? -15.512 2.888   10.261  1.00 42.53 ? 248 HOH A O   1 
HETATM 1318 O O   . HOH E 3 .   ? 17.619  5.799   -5.537  1.00 42.59 ? 249 HOH A O   1 
HETATM 1319 O O   . HOH E 3 .   ? 11.895  -2.277  8.618   1.00 42.97 ? 250 HOH A O   1 
HETATM 1320 O O   . HOH E 3 .   ? 1.921   -14.818 8.562   1.00 43.63 ? 251 HOH A O   1 
HETATM 1321 O O   . HOH E 3 .   ? 1.735   -13.614 5.746   1.00 42.86 ? 252 HOH A O   1 
HETATM 1322 O O   . HOH E 3 .   ? -15.706 12.143  5.608   1.00 44.02 ? 253 HOH A O   1 
HETATM 1323 O O   . HOH E 3 .   ? 5.144   11.110  9.650   1.00 43.91 ? 254 HOH A O   1 
HETATM 1324 O O   . HOH E 3 .   ? 18.495  4.742   -2.968  1.00 44.66 ? 255 HOH A O   1 
HETATM 1325 O O   . HOH E 3 .   ? -3.861  12.525  13.903  1.00 45.05 ? 256 HOH A O   1 
HETATM 1326 O O   . HOH E 3 .   ? -12.244 -8.435  -2.258  1.00 44.95 ? 257 HOH A O   1 
HETATM 1327 O O   . HOH E 3 .   ? 8.101   -5.091  10.309  1.00 45.62 ? 258 HOH A O   1 
HETATM 1328 O O   . HOH E 3 .   ? -12.109 -3.645  -8.957  1.00 46.02 ? 259 HOH A O   1 
HETATM 1329 O O   . HOH E 3 .   ? -17.581 -0.240  5.301   1.00 48.00 ? 260 HOH A O   1 
# 
